data_6AVT
#
_entry.id   6AVT
#
_cell.length_a   90.197
_cell.length_b   133.504
_cell.length_c   140.129
_cell.angle_alpha   90.000
_cell.angle_beta   97.490
_cell.angle_gamma   90.000
#
_symmetry.space_group_name_H-M   'P 1 21 1'
#
loop_
_entity.id
_entity.type
_entity.pdbx_description
1 polymer 'HIV-1 REVERSE TRANSCRIPTASE P66 SUBUNIT'
2 polymer 'HIV-1 REVERSE TRANSCRIPTASE P51 SUBUNIT'
3 polymer 'DNA (27-MER)'
4 polymer "DNA (5'-D(*A*CP*AP*GP*TP*CP*CP*CP*TP*GP*TP*TP*CP*GP*GP*GP*CP*GP*CP*CP*(DDG))-3')"
5 non-polymer 'MAGNESIUM ION'
6 non-polymer "2',3'-DEHYDRO-2',3'-DEOXY-THYMIDINE 5'-TRIPHOSPHATE"
7 non-polymer GLYCEROL
8 water water
#
loop_
_entity_poly.entity_id
_entity_poly.type
_entity_poly.pdbx_seq_one_letter_code
_entity_poly.pdbx_strand_id
1 'polypeptide(L)'
;MVPISPIETVPVKLKPGMDGPKVKQWPLTEEKIKALVEICTEMEKEGKISKIGPENPYNTPVFACKKKDSTKWRKLVDFR
ELNKRTQDFWEVQLGIPHPAGLKKKKSVTVLDVGDAYFSVPLDEDFRKYTAFTIPSINNETPGIRYQYNVLPQGWKGSPA
IFQSSMTKILEPFKKQNPDIVIYQYMDDLYVGSDLEIGQHRTKIEELRQHLLRWGLTTPDKKHQKEPPFLWMGYELHPDK
WTVQPIVLPEKDSWTVNDIQKLVGKLNWASQIYPGIKVRQLSKLLRGTKALTEVIPLTEEAELELAENREILKEPVHGVY
YDPSKDLIAEIQKQGQGQWTYQIYQEPFKNLKTGKYARMRGAHTNDVKQLTEAVQKITTESIVIWGKTPKFKLPIQKETW
ETWWTEYWQATWIPEWEFVNTPPLVKLWYQLEKEPIVGAETFYVDGAANRETKLGKAGYVTNKGRQKVVPLTNTTNQKTE
LQAIYLALQDSGLEVNIVTDSQYALGIIQAQPDKSESELVNQIIEQLIKKEKVYLAWVPAHKGIGGNEQVDKLVSA
;
A,C
2 'polypeptide(L)'
;MAHHHHHHALEVLFQGPISPIETVPVKLKPGMDGPKVKQWPLTEEKIKALVEICTEMEKEGKISKIGPENPYNTPVFAIK
KKDSTKWRKLVDFRELNKRTQDFWEVQLGIPHPAGLKKKKSVTVLDVGDAYFSVPLDEDFRKYTAFTIPSINNETPGIRY
QYNVLPQGWKGSPAIFQSSMTKILEPFKKQNPDIVIYQYMDDLYVGSDLEIGQHRTKIEELRQHLLRWGLTTPDKKHQKE
PPFLWMGYELHPDKWTVQPIVLPEKDSWTVNDIQKLVGKLNWASQIYPGIKVRQLSKLLRGTKALTEVIPLTEEAELELA
ENREILKEPVHGVYYDPSKDLIAEIQKQGQGQWTYQIYQEPFKNLKTGKYARMRGAHTNDVKQLTEAVQKITTESIVIWG
KTPKFKLPIQKETWETWWTEYWQATWIPEWEFVNTPPLVKLWYQ
;
B,D
3 'polydeoxyribonucleotide'
;(DA)(DT)(DG)(DA)(DA)(DC)(DG)(DG)(DC)(DG)(DC)(DC)(DC)(DG)(DA)(DA)(DC)(DA)(DG)(DG)
(DG)(DA)(DC)(DT)(DG)(DT)(DG)
;
T,E
4 'polydeoxyribonucleotide'
;(DA)(DC)(DA)(DG)(DT)(DC)(DC)(DC)(DT)(DG)(DT)(DT)(DC)(DG)(DG)(DG)(DC)(DG)(DC)(DC)
(DDG)
;
P,F
#
loop_
_chem_comp.id
_chem_comp.type
_chem_comp.name
_chem_comp.formula
D4T non-polymer '2',3'-DEHYDRO-2',3'-DEOXY-THYMIDINE 5'-TRIPHOSPHATE' 'C10 H15 N2 O13 P3'
DA DNA linking 2'-DEOXYADENOSINE-5'-MONOPHOSPHATE 'C10 H14 N5 O6 P'
DC DNA linking 2'-DEOXYCYTIDINE-5'-MONOPHOSPHATE 'C9 H14 N3 O7 P'
DDG DNA linking 2',3'-DIDEOXY-GUANOSINE-5'-MONOPHOSPHATE 'C10 H14 N5 O6 P'
DG DNA linking 2'-DEOXYGUANOSINE-5'-MONOPHOSPHATE 'C10 H14 N5 O7 P'
DT DNA linking THYMIDINE-5'-MONOPHOSPHATE 'C10 H15 N2 O8 P'
GOL non-polymer GLYCEROL 'C3 H8 O3'
MG non-polymer 'MAGNESIUM ION' 'Mg 2'
#
# COMPACT_ATOMS: atom_id res chain seq x y z
N MET A 1 31.24 23.39 45.83
CA MET A 1 31.16 22.01 46.30
C MET A 1 29.94 21.83 47.21
N VAL A 2 28.82 21.45 46.62
CA VAL A 2 27.59 21.22 47.38
C VAL A 2 27.32 19.72 47.45
N PRO A 3 26.85 19.21 48.59
CA PRO A 3 26.55 17.77 48.67
C PRO A 3 25.34 17.43 47.82
N ILE A 4 25.41 16.27 47.17
CA ILE A 4 24.30 15.79 46.35
C ILE A 4 23.29 15.09 47.26
N SER A 5 22.02 15.46 47.12
CA SER A 5 20.99 14.93 47.98
C SER A 5 20.66 13.48 47.61
N PRO A 6 20.10 12.70 48.54
CA PRO A 6 19.76 11.31 48.23
C PRO A 6 18.68 11.16 47.18
N ILE A 7 17.91 12.20 46.90
CA ILE A 7 16.81 12.12 45.94
C ILE A 7 17.38 12.17 44.53
N GLU A 8 16.97 11.21 43.70
CA GLU A 8 17.43 11.18 42.31
C GLU A 8 16.94 12.41 41.57
N THR A 9 17.84 12.98 40.76
CA THR A 9 17.49 14.16 39.98
C THR A 9 16.68 13.76 38.75
N VAL A 10 15.94 14.72 38.23
CA VAL A 10 15.12 14.54 37.02
C VAL A 10 15.80 15.29 35.89
N PRO A 11 16.24 14.60 34.83
CA PRO A 11 16.90 15.31 33.71
C PRO A 11 15.95 16.23 32.97
N VAL A 12 16.15 17.54 33.12
CA VAL A 12 15.29 18.55 32.54
C VAL A 12 16.06 19.31 31.46
N LYS A 13 15.52 19.35 30.26
CA LYS A 13 16.10 20.06 29.14
C LYS A 13 15.24 21.28 28.81
N LEU A 14 15.62 21.99 27.75
CA LEU A 14 14.88 23.13 27.26
C LEU A 14 14.50 22.90 25.80
N LYS A 15 13.58 23.74 25.32
CA LYS A 15 13.18 23.65 23.92
C LYS A 15 14.36 24.04 23.03
N PRO A 16 14.66 23.26 21.99
CA PRO A 16 15.85 23.55 21.18
C PRO A 16 15.72 24.88 20.46
N GLY A 17 16.87 25.54 20.26
CA GLY A 17 16.93 26.83 19.63
C GLY A 17 16.66 28.01 20.54
N MET A 18 16.50 27.78 21.84
CA MET A 18 16.22 28.85 22.79
C MET A 18 17.24 28.80 23.92
N ASP A 19 17.44 29.95 24.56
CA ASP A 19 18.40 30.11 25.63
C ASP A 19 17.67 30.19 26.97
N GLY A 20 18.31 30.82 27.96
CA GLY A 20 17.73 30.95 29.28
C GLY A 20 17.03 32.28 29.47
N PRO A 21 16.55 32.53 30.69
CA PRO A 21 15.81 33.77 30.96
C PRO A 21 16.73 34.95 31.16
N LYS A 22 16.33 36.12 30.61
CA LYS A 22 17.06 37.36 30.73
C LYS A 22 16.05 38.49 30.95
N VAL A 23 15.47 38.53 32.14
CA VAL A 23 14.45 39.51 32.49
C VAL A 23 14.94 40.34 33.67
N LYS A 24 14.74 41.66 33.59
CA LYS A 24 15.18 42.56 34.65
C LYS A 24 14.29 42.40 35.88
N GLN A 25 14.85 42.78 37.04
CA GLN A 25 14.16 42.64 38.30
C GLN A 25 12.99 43.63 38.39
N TRP A 26 12.12 43.40 39.37
CA TRP A 26 10.98 44.26 39.63
C TRP A 26 11.21 45.06 40.91
N PRO A 27 11.05 46.38 40.86
CA PRO A 27 11.19 47.19 42.09
C PRO A 27 10.09 46.84 43.08
N LEU A 28 10.50 46.38 44.26
CA LEU A 28 9.58 45.97 45.31
C LEU A 28 9.78 46.82 46.56
N THR A 29 8.85 46.69 47.49
CA THR A 29 8.89 47.47 48.72
C THR A 29 10.03 46.99 49.61
N GLU A 30 10.46 47.87 50.52
CA GLU A 30 11.54 47.53 51.44
C GLU A 30 11.16 46.41 52.40
N GLU A 31 9.86 46.18 52.59
CA GLU A 31 9.44 45.05 53.42
C GLU A 31 9.81 43.73 52.78
N LYS A 32 9.67 43.63 51.46
CA LYS A 32 10.05 42.41 50.75
C LYS A 32 11.55 42.20 50.74
N ILE A 33 12.32 43.30 50.78
CA ILE A 33 13.78 43.18 50.74
C ILE A 33 14.30 42.54 52.02
N LYS A 34 13.78 42.96 53.17
CA LYS A 34 14.20 42.39 54.44
C LYS A 34 13.64 41.00 54.70
N ALA A 35 12.81 40.47 53.80
CA ALA A 35 12.23 39.15 53.96
C ALA A 35 12.86 38.11 53.05
N LEU A 36 13.65 38.52 52.06
CA LEU A 36 14.29 37.59 51.13
C LEU A 36 15.79 37.45 51.35
N VAL A 37 16.46 38.48 51.89
CA VAL A 37 17.89 38.36 52.17
C VAL A 37 18.14 37.31 53.24
N GLU A 38 17.23 37.19 54.22
CA GLU A 38 17.39 36.19 55.27
C GLU A 38 17.11 34.78 54.76
N ILE A 39 16.35 34.64 53.67
CA ILE A 39 16.06 33.32 53.14
C ILE A 39 17.22 32.82 52.29
N CYS A 40 17.73 33.67 51.39
CA CYS A 40 18.84 33.26 50.53
C CYS A 40 20.10 32.95 51.33
N THR A 41 20.26 33.58 52.49
CA THR A 41 21.40 33.28 53.34
C THR A 41 21.24 31.94 54.05
N GLU A 42 20.01 31.63 54.50
CA GLU A 42 19.77 30.36 55.15
C GLU A 42 19.85 29.20 54.15
N MET A 43 19.32 29.40 52.94
CA MET A 43 19.39 28.36 51.92
C MET A 43 20.81 28.17 51.39
N GLU A 44 21.66 29.19 51.50
CA GLU A 44 23.05 29.05 51.06
C GLU A 44 23.84 28.18 52.02
N LYS A 45 23.63 28.36 53.33
CA LYS A 45 24.32 27.53 54.31
C LYS A 45 23.81 26.10 54.29
N GLU A 46 22.53 25.90 53.99
CA GLU A 46 21.94 24.56 53.91
C GLU A 46 22.19 23.88 52.58
N GLY A 47 22.90 24.52 51.65
CA GLY A 47 23.18 23.94 50.36
C GLY A 47 22.05 24.01 49.36
N LYS A 48 20.91 24.59 49.73
CA LYS A 48 19.78 24.68 48.81
C LYS A 48 19.99 25.75 47.74
N ILE A 49 20.95 26.64 47.93
CA ILE A 49 21.19 27.75 47.00
C ILE A 49 22.70 28.00 46.93
N SER A 50 23.24 28.05 45.72
CA SER A 50 24.63 28.36 45.49
C SER A 50 24.77 29.76 44.91
N LYS A 51 25.91 30.39 45.19
CA LYS A 51 26.20 31.73 44.68
C LYS A 51 26.94 31.63 43.36
N ILE A 52 26.62 32.55 42.44
CA ILE A 52 27.23 32.57 41.12
C ILE A 52 27.93 33.90 40.89
N GLY A 53 28.47 34.09 39.68
CA GLY A 53 29.16 35.31 39.35
C GLY A 53 28.79 35.82 37.97
N PRO A 54 29.73 36.50 37.31
CA PRO A 54 29.44 37.03 35.97
C PRO A 54 29.41 35.97 34.88
N GLU A 55 29.74 34.72 35.18
CA GLU A 55 29.71 33.66 34.18
C GLU A 55 28.29 33.14 33.92
N ASN A 56 27.27 33.74 34.54
CA ASN A 56 25.88 33.34 34.36
C ASN A 56 25.12 34.52 33.78
N PRO A 57 25.03 34.64 32.44
CA PRO A 57 24.36 35.77 31.80
C PRO A 57 22.84 35.66 31.76
N TYR A 58 22.26 35.34 32.91
CA TYR A 58 20.81 35.19 33.03
C TYR A 58 20.30 35.94 34.26
N ASN A 59 19.00 36.19 34.27
CA ASN A 59 18.37 36.89 35.38
C ASN A 59 16.87 36.65 35.33
N THR A 60 16.24 36.61 36.51
CA THR A 60 14.82 36.39 36.62
C THR A 60 14.29 37.13 37.86
N PRO A 61 13.24 37.93 37.71
CA PRO A 61 12.70 38.65 38.88
C PRO A 61 12.01 37.72 39.85
N VAL A 62 12.04 38.10 41.12
CA VAL A 62 11.41 37.33 42.20
C VAL A 62 10.55 38.27 43.03
N PHE A 63 9.72 37.67 43.88
CA PHE A 63 8.90 38.40 44.84
C PHE A 63 8.47 37.42 45.93
N ALA A 64 7.47 37.79 46.72
CA ALA A 64 7.03 36.94 47.81
C ALA A 64 5.61 37.29 48.21
N CYS A 65 4.90 36.30 48.74
CA CYS A 65 3.56 36.48 49.30
C CYS A 65 3.50 35.77 50.64
N LYS A 66 2.64 36.27 51.52
CA LYS A 66 2.57 35.74 52.87
C LYS A 66 1.96 34.35 52.88
N LYS A 67 2.56 33.46 53.67
CA LYS A 67 2.02 32.13 53.85
C LYS A 67 0.64 32.20 54.48
N LYS A 68 -0.24 31.29 54.08
CA LYS A 68 -1.60 31.26 54.61
C LYS A 68 -1.57 30.91 56.09
N ASP A 69 -2.18 31.78 56.91
CA ASP A 69 -2.36 31.53 58.33
C ASP A 69 -1.02 31.33 59.04
N SER A 70 -0.09 32.25 58.79
CA SER A 70 1.25 32.11 59.34
C SER A 70 1.97 33.46 59.30
N THR A 71 3.12 33.51 59.97
CA THR A 71 4.02 34.65 59.93
C THR A 71 5.17 34.45 58.96
N LYS A 72 5.33 33.26 58.41
CA LYS A 72 6.40 32.98 57.46
C LYS A 72 6.06 33.55 56.08
N TRP A 73 7.06 33.55 55.21
CA TRP A 73 6.92 34.11 53.88
C TRP A 73 7.25 33.05 52.83
N ARG A 74 6.59 33.16 51.68
CA ARG A 74 6.74 32.21 50.58
C ARG A 74 7.51 32.89 49.46
N LYS A 75 8.71 32.37 49.17
CA LYS A 75 9.57 32.95 48.14
C LYS A 75 9.14 32.44 46.77
N LEU A 76 8.73 33.36 45.89
CA LEU A 76 8.27 33.02 44.56
C LEU A 76 9.22 33.55 43.50
N VAL A 77 9.33 32.83 42.39
CA VAL A 77 10.16 33.22 41.26
C VAL A 77 9.28 33.25 40.03
N ASP A 78 9.11 34.46 39.46
CA ASP A 78 8.28 34.64 38.26
C ASP A 78 9.02 34.06 37.06
N PHE A 79 8.90 32.75 36.90
CA PHE A 79 9.52 32.03 35.79
C PHE A 79 8.64 31.96 34.55
N ARG A 80 7.81 32.99 34.31
CA ARG A 80 6.89 32.94 33.18
C ARG A 80 7.63 32.92 31.85
N GLU A 81 8.81 33.55 31.78
CA GLU A 81 9.60 33.47 30.56
C GLU A 81 10.39 32.17 30.47
N LEU A 82 10.80 31.62 31.61
CA LEU A 82 11.51 30.35 31.60
C LEU A 82 10.57 29.20 31.23
N ASN A 83 9.31 29.28 31.66
CA ASN A 83 8.35 28.23 31.34
C ASN A 83 8.09 28.14 29.84
N LYS A 84 8.12 29.28 29.14
CA LYS A 84 7.91 29.25 27.69
C LYS A 84 9.07 28.56 26.97
N ARG A 85 10.27 28.60 27.54
CA ARG A 85 11.45 28.02 26.92
C ARG A 85 11.85 26.69 27.53
N THR A 86 11.16 26.24 28.58
CA THR A 86 11.44 24.95 29.21
C THR A 86 10.59 23.87 28.55
N GLN A 87 11.12 22.65 28.55
CA GLN A 87 10.40 21.51 27.97
C GLN A 87 9.08 21.31 28.70
N ASP A 88 8.11 20.73 27.97
CA ASP A 88 6.82 20.42 28.56
C ASP A 88 6.91 19.15 29.39
N PHE A 89 6.19 19.14 30.51
CA PHE A 89 6.10 17.97 31.36
C PHE A 89 4.69 17.41 31.32
N TRP A 90 4.57 16.10 31.50
CA TRP A 90 3.27 15.46 31.62
C TRP A 90 2.88 15.42 33.10
N GLU A 91 1.75 16.04 33.42
CA GLU A 91 1.32 16.13 34.81
C GLU A 91 0.86 14.76 35.31
N VAL A 92 1.32 14.39 36.50
CA VAL A 92 0.93 13.13 37.13
C VAL A 92 -0.22 13.29 38.11
N GLN A 93 -0.60 14.53 38.43
CA GLN A 93 -1.77 14.79 39.26
C GLN A 93 -3.01 14.74 38.37
N LEU A 94 -3.75 13.64 38.46
CA LEU A 94 -4.88 13.39 37.57
C LEU A 94 -6.21 13.85 38.13
N GLY A 95 -6.24 14.34 39.36
CA GLY A 95 -7.49 14.76 39.97
C GLY A 95 -7.28 15.15 41.41
N ILE A 96 -8.40 15.37 42.09
CA ILE A 96 -8.41 15.84 43.47
C ILE A 96 -9.04 14.75 44.32
N PRO A 97 -8.41 14.32 45.42
CA PRO A 97 -9.06 13.34 46.30
C PRO A 97 -10.27 13.94 47.00
N HIS A 98 -11.30 13.12 47.16
CA HIS A 98 -12.52 13.55 47.82
C HIS A 98 -12.76 12.74 49.09
N PRO A 99 -13.20 13.38 50.17
CA PRO A 99 -13.40 12.63 51.43
C PRO A 99 -14.45 11.54 51.33
N ALA A 100 -15.44 11.68 50.44
CA ALA A 100 -16.45 10.64 50.29
C ALA A 100 -15.87 9.35 49.75
N GLY A 101 -14.66 9.39 49.19
CA GLY A 101 -13.97 8.19 48.75
C GLY A 101 -13.11 7.53 49.78
N LEU A 102 -12.92 8.17 50.93
CA LEU A 102 -12.14 7.58 52.02
C LEU A 102 -12.95 6.52 52.73
N LYS A 103 -12.28 5.42 53.10
CA LYS A 103 -12.92 4.36 53.85
C LYS A 103 -12.71 4.60 55.35
N LYS A 104 -13.42 3.82 56.16
CA LYS A 104 -13.32 3.94 57.61
C LYS A 104 -11.97 3.41 58.09
N LYS A 105 -11.24 4.24 58.83
CA LYS A 105 -9.97 3.86 59.42
C LYS A 105 -9.98 4.14 60.91
N LYS A 106 -9.47 3.20 61.69
CA LYS A 106 -9.47 3.36 63.14
C LYS A 106 -8.53 4.48 63.58
N SER A 107 -7.35 4.57 62.96
CA SER A 107 -6.36 5.58 63.30
C SER A 107 -5.98 6.37 62.05
N VAL A 108 -5.88 7.69 62.21
CA VAL A 108 -5.64 8.61 61.10
C VAL A 108 -4.61 9.64 61.52
N THR A 109 -3.66 9.93 60.62
CA THR A 109 -2.64 10.95 60.85
C THR A 109 -2.43 11.72 59.56
N VAL A 110 -2.40 13.05 59.66
CA VAL A 110 -2.20 13.93 58.52
C VAL A 110 -0.85 14.61 58.69
N LEU A 111 0.08 14.29 57.81
CA LEU A 111 1.41 14.87 57.84
C LEU A 111 1.50 16.07 56.91
N ASP A 112 2.68 16.71 56.89
CA ASP A 112 2.91 17.87 56.04
C ASP A 112 4.41 18.06 55.93
N VAL A 113 4.96 17.85 54.72
CA VAL A 113 6.39 17.97 54.52
C VAL A 113 6.80 19.43 54.55
N GLY A 114 7.81 19.75 55.36
CA GLY A 114 8.32 21.10 55.44
C GLY A 114 9.34 21.36 54.36
N ASP A 115 9.21 22.53 53.70
CA ASP A 115 10.04 22.90 52.57
C ASP A 115 10.04 21.81 51.50
N ALA A 116 8.86 21.67 50.89
CA ALA A 116 8.65 20.61 49.90
C ALA A 116 9.57 20.79 48.70
N TYR A 117 9.38 21.89 47.96
CA TYR A 117 10.17 22.10 46.75
C TYR A 117 11.64 22.35 47.08
N PHE A 118 11.93 22.87 48.27
CA PHE A 118 13.30 23.17 48.67
C PHE A 118 14.04 21.96 49.20
N SER A 119 13.45 20.77 49.11
CA SER A 119 14.10 19.53 49.54
C SER A 119 14.35 18.57 48.40
N VAL A 120 13.91 18.89 47.18
CA VAL A 120 14.09 18.04 46.02
C VAL A 120 15.09 18.72 45.09
N PRO A 121 16.15 18.04 44.66
CA PRO A 121 17.19 18.70 43.87
C PRO A 121 16.73 19.00 42.45
N LEU A 122 17.45 19.92 41.81
CA LEU A 122 17.25 20.26 40.41
C LEU A 122 18.28 19.54 39.56
N ASP A 123 17.99 19.46 38.26
CA ASP A 123 18.93 18.84 37.33
C ASP A 123 20.25 19.60 37.34
N GLU A 124 21.36 18.84 37.30
CA GLU A 124 22.68 19.45 37.41
C GLU A 124 22.93 20.42 36.26
N ASP A 125 22.67 19.99 35.03
CA ASP A 125 22.88 20.83 33.86
C ASP A 125 21.84 21.94 33.71
N PHE A 126 20.83 21.96 34.57
CA PHE A 126 19.76 22.95 34.48
C PHE A 126 19.86 24.04 35.55
N ARG A 127 20.69 23.86 36.58
CA ARG A 127 20.79 24.88 37.62
C ARG A 127 21.33 26.20 37.09
N LYS A 128 22.09 26.16 35.99
CA LYS A 128 22.63 27.38 35.42
C LYS A 128 21.56 28.27 34.81
N TYR A 129 20.39 27.72 34.48
CA TYR A 129 19.31 28.48 33.87
C TYR A 129 18.41 29.17 34.89
N THR A 130 18.71 29.06 36.18
CA THR A 130 17.91 29.66 37.24
C THR A 130 18.76 30.71 37.94
N ALA A 131 18.84 31.89 37.35
CA ALA A 131 19.62 32.99 37.89
C ALA A 131 18.70 34.11 38.35
N PHE A 132 19.05 34.72 39.48
CA PHE A 132 18.25 35.78 40.07
C PHE A 132 19.11 36.56 41.06
N THR A 133 18.97 37.89 41.03
CA THR A 133 19.74 38.77 41.90
C THR A 133 18.89 39.22 43.08
N ILE A 134 19.57 39.47 44.20
CA ILE A 134 18.90 39.93 45.42
C ILE A 134 19.58 41.21 45.91
N PRO A 135 19.00 42.39 45.67
CA PRO A 135 19.62 43.62 46.16
C PRO A 135 19.43 43.77 47.66
N SER A 136 20.55 43.96 48.37
CA SER A 136 20.46 44.17 49.82
C SER A 136 19.79 45.50 50.14
N ILE A 137 20.12 46.54 49.38
CA ILE A 137 19.48 47.85 49.51
C ILE A 137 18.75 48.14 48.20
N ASN A 138 17.67 48.92 48.31
CA ASN A 138 16.86 49.21 47.13
C ASN A 138 17.60 50.02 46.08
N ASN A 139 18.65 50.75 46.46
CA ASN A 139 19.39 51.56 45.50
C ASN A 139 20.80 51.86 45.99
N GLU A 140 21.46 50.90 46.61
CA GLU A 140 22.84 51.09 47.07
C GLU A 140 23.70 49.88 46.73
N THR A 141 23.51 48.79 47.45
CA THR A 141 24.30 47.58 47.23
C THR A 141 23.80 46.86 45.99
N PRO A 142 24.67 46.49 45.04
CA PRO A 142 24.21 45.74 43.86
C PRO A 142 23.65 44.37 44.18
N GLY A 143 24.05 43.76 45.29
CA GLY A 143 23.52 42.48 45.69
C GLY A 143 24.12 41.30 44.95
N ILE A 144 24.64 40.34 45.70
CA ILE A 144 25.22 39.15 45.09
C ILE A 144 24.11 38.26 44.53
N ARG A 145 24.32 37.75 43.33
CA ARG A 145 23.33 36.90 42.66
C ARG A 145 23.56 35.44 42.99
N TYR A 146 22.47 34.70 43.13
CA TYR A 146 22.50 33.28 43.50
C TYR A 146 21.84 32.45 42.40
N GLN A 147 21.77 31.14 42.65
CA GLN A 147 21.11 30.21 41.76
C GLN A 147 20.35 29.18 42.60
N TYR A 148 19.63 28.30 41.92
CA TYR A 148 18.82 27.28 42.58
C TYR A 148 19.47 25.91 42.42
N ASN A 149 19.60 25.20 43.54
CA ASN A 149 20.00 23.80 43.54
C ASN A 149 18.82 22.86 43.79
N VAL A 150 17.65 23.41 44.08
CA VAL A 150 16.45 22.62 44.36
C VAL A 150 15.35 23.04 43.40
N LEU A 151 14.10 22.76 43.76
CA LEU A 151 12.96 23.13 42.93
C LEU A 151 12.48 24.52 43.28
N PRO A 152 12.55 25.49 42.38
CA PRO A 152 12.02 26.82 42.67
C PRO A 152 10.50 26.84 42.61
N GLN A 153 9.91 27.69 43.45
CA GLN A 153 8.47 27.86 43.47
C GLN A 153 8.08 28.91 42.44
N GLY A 154 7.31 28.50 41.43
CA GLY A 154 6.94 29.37 40.34
C GLY A 154 7.29 28.77 39.00
N TRP A 155 8.14 27.74 39.02
CA TRP A 155 8.51 27.02 37.81
C TRP A 155 7.39 26.04 37.43
N LYS A 156 7.16 25.89 36.13
CA LYS A 156 6.08 25.03 35.66
C LYS A 156 6.41 23.55 35.77
N GLY A 157 7.67 23.19 36.06
CA GLY A 157 8.05 21.82 36.24
C GLY A 157 8.25 21.38 37.67
N SER A 158 8.06 22.28 38.64
CA SER A 158 8.28 21.92 40.04
C SER A 158 7.22 20.98 40.58
N PRO A 159 5.91 21.20 40.36
CA PRO A 159 4.92 20.25 40.91
C PRO A 159 5.07 18.83 40.38
N ALA A 160 5.29 18.67 39.07
CA ALA A 160 5.38 17.34 38.49
C ALA A 160 6.59 16.58 39.04
N ILE A 161 7.71 17.29 39.26
CA ILE A 161 8.92 16.64 39.73
C ILE A 161 8.76 16.22 41.19
N PHE A 162 8.17 17.08 42.02
CA PHE A 162 8.00 16.75 43.43
C PHE A 162 7.04 15.59 43.60
N GLN A 163 5.91 15.60 42.88
CA GLN A 163 4.93 14.54 43.00
C GLN A 163 5.51 13.20 42.55
N SER A 164 6.36 13.22 41.52
CA SER A 164 6.98 11.98 41.06
C SER A 164 8.09 11.55 42.02
N SER A 165 8.84 12.51 42.57
CA SER A 165 9.89 12.18 43.51
C SER A 165 9.32 11.64 44.82
N MET A 166 8.23 12.26 45.31
CA MET A 166 7.61 11.80 46.55
C MET A 166 7.08 10.38 46.41
N THR A 167 6.61 10.00 45.21
CA THR A 167 6.07 8.66 45.02
C THR A 167 7.17 7.61 45.10
N LYS A 168 8.32 7.87 44.47
CA LYS A 168 9.42 6.89 44.49
C LYS A 168 9.97 6.69 45.90
N ILE A 169 9.87 7.71 46.75
CA ILE A 169 10.35 7.56 48.12
C ILE A 169 9.36 6.77 48.96
N LEU A 170 8.05 6.93 48.70
CA LEU A 170 7.03 6.21 49.45
C LEU A 170 6.83 4.79 48.95
N GLU A 171 7.31 4.47 47.74
CA GLU A 171 7.11 3.11 47.20
C GLU A 171 7.74 2.03 48.07
N PRO A 172 8.99 2.16 48.55
CA PRO A 172 9.53 1.11 49.42
C PRO A 172 8.81 0.99 50.76
N PHE A 173 8.34 2.11 51.33
CA PHE A 173 7.65 2.03 52.61
C PHE A 173 6.28 1.38 52.45
N LYS A 174 5.57 1.68 51.36
CA LYS A 174 4.27 1.07 51.14
C LYS A 174 4.39 -0.43 50.88
N LYS A 175 5.49 -0.87 50.26
CA LYS A 175 5.68 -2.30 50.03
C LYS A 175 5.91 -3.04 51.35
N GLN A 176 6.50 -2.36 52.34
CA GLN A 176 6.70 -2.96 53.67
C GLN A 176 5.49 -2.81 54.57
N ASN A 177 4.53 -1.94 54.23
CA ASN A 177 3.33 -1.74 55.02
C ASN A 177 2.13 -1.71 54.08
N PRO A 178 1.67 -2.88 53.63
CA PRO A 178 0.58 -2.89 52.65
C PRO A 178 -0.76 -2.45 53.22
N ASP A 179 -1.06 -2.81 54.47
CA ASP A 179 -2.36 -2.50 55.06
C ASP A 179 -2.51 -1.02 55.40
N ILE A 180 -1.47 -0.22 55.24
CA ILE A 180 -1.53 1.21 55.55
C ILE A 180 -1.89 1.97 54.30
N VAL A 181 -2.87 2.87 54.42
CA VAL A 181 -3.31 3.71 53.31
C VAL A 181 -2.62 5.06 53.42
N ILE A 182 -1.99 5.50 52.33
CA ILE A 182 -1.30 6.78 52.29
C ILE A 182 -1.82 7.56 51.09
N TYR A 183 -2.64 8.58 51.35
CA TYR A 183 -3.12 9.49 50.32
C TYR A 183 -2.08 10.58 50.10
N GLN A 184 -1.40 10.53 48.96
CA GLN A 184 -0.29 11.43 48.65
C GLN A 184 -0.80 12.52 47.71
N TYR A 185 -1.01 13.72 48.25
CA TYR A 185 -1.40 14.88 47.45
C TYR A 185 -0.40 16.00 47.71
N MET A 186 0.44 16.28 46.72
CA MET A 186 1.52 17.27 46.83
C MET A 186 2.40 16.86 47.99
N ASP A 187 2.59 17.70 49.02
CA ASP A 187 3.40 17.32 50.18
C ASP A 187 2.56 16.82 51.35
N ASP A 188 1.27 17.12 51.38
CA ASP A 188 0.43 16.67 52.48
C ASP A 188 0.16 15.17 52.36
N LEU A 189 0.35 14.46 53.46
CA LEU A 189 0.21 13.00 53.50
C LEU A 189 -0.91 12.62 54.47
N TYR A 190 -1.85 11.82 53.98
CA TYR A 190 -2.92 11.25 54.79
C TYR A 190 -2.59 9.79 55.04
N VAL A 191 -2.31 9.44 56.29
CA VAL A 191 -1.93 8.08 56.65
C VAL A 191 -3.03 7.50 57.55
N GLY A 192 -3.61 6.39 57.11
CA GLY A 192 -4.66 5.74 57.86
C GLY A 192 -4.39 4.25 57.99
N SER A 193 -4.92 3.69 59.08
CA SER A 193 -4.76 2.26 59.35
C SER A 193 -5.79 1.84 60.37
N ASP A 194 -6.07 0.53 60.38
CA ASP A 194 -6.96 -0.05 61.38
C ASP A 194 -6.20 -0.54 62.61
N LEU A 195 -4.93 -0.17 62.75
CA LEU A 195 -4.16 -0.52 63.93
C LEU A 195 -4.61 0.31 65.13
N GLU A 196 -4.24 -0.16 66.32
CA GLU A 196 -4.53 0.58 67.53
C GLU A 196 -3.75 1.89 67.56
N ILE A 197 -4.18 2.79 68.44
CA ILE A 197 -3.57 4.12 68.52
C ILE A 197 -2.07 4.00 68.81
N GLY A 198 -1.70 3.10 69.72
CA GLY A 198 -0.29 2.95 70.06
C GLY A 198 0.53 2.44 68.90
N GLN A 199 0.09 1.33 68.28
CA GLN A 199 0.82 0.78 67.15
C GLN A 199 0.79 1.68 65.93
N HIS A 200 -0.22 2.55 65.82
CA HIS A 200 -0.29 3.47 64.68
C HIS A 200 0.81 4.51 64.75
N ARG A 201 1.01 5.12 65.93
CA ARG A 201 2.08 6.10 66.08
C ARG A 201 3.44 5.49 65.81
N THR A 202 3.61 4.19 66.08
CA THR A 202 4.88 3.54 65.83
C THR A 202 5.19 3.51 64.33
N LYS A 203 4.21 3.13 63.51
CA LYS A 203 4.42 3.13 62.07
C LYS A 203 4.52 4.53 61.51
N ILE A 204 3.85 5.51 62.14
CA ILE A 204 3.99 6.90 61.72
C ILE A 204 5.43 7.36 61.89
N GLU A 205 6.03 7.04 63.03
CA GLU A 205 7.42 7.43 63.27
C GLU A 205 8.37 6.68 62.33
N GLU A 206 8.07 5.41 62.03
CA GLU A 206 8.84 4.70 61.02
C GLU A 206 8.77 5.42 59.68
N LEU A 207 7.60 5.95 59.32
CA LEU A 207 7.47 6.69 58.07
C LEU A 207 8.21 8.02 58.15
N ARG A 208 8.15 8.69 59.31
CA ARG A 208 8.86 9.96 59.46
C ARG A 208 10.36 9.76 59.34
N GLN A 209 10.90 8.68 59.92
CA GLN A 209 12.32 8.40 59.79
C GLN A 209 12.67 7.91 58.40
N HIS A 210 11.74 7.24 57.72
CA HIS A 210 11.97 6.81 56.35
C HIS A 210 12.13 8.01 55.43
N LEU A 211 11.22 8.99 55.55
CA LEU A 211 11.32 10.19 54.73
C LEU A 211 12.53 11.03 55.10
N LEU A 212 12.99 10.95 56.34
CA LEU A 212 14.15 11.73 56.77
C LEU A 212 15.42 11.26 56.08
N ARG A 213 15.47 10.00 55.65
CA ARG A 213 16.65 9.50 54.96
C ARG A 213 16.90 10.21 53.64
N TRP A 214 15.85 10.75 53.02
CA TRP A 214 15.96 11.50 51.78
C TRP A 214 15.88 13.01 52.00
N GLY A 215 15.98 13.46 53.25
CA GLY A 215 15.95 14.88 53.53
C GLY A 215 14.57 15.49 53.63
N LEU A 216 13.53 14.67 53.82
CA LEU A 216 12.16 15.14 53.93
C LEU A 216 11.79 15.21 55.40
N THR A 217 11.54 16.42 55.89
CA THR A 217 11.22 16.65 57.30
C THR A 217 9.71 16.79 57.47
N THR A 218 9.20 16.19 58.55
CA THR A 218 7.79 16.28 58.93
C THR A 218 7.73 16.92 60.30
N PRO A 219 7.74 18.25 60.36
CA PRO A 219 7.77 18.93 61.66
C PRO A 219 6.48 18.76 62.43
N ASP A 220 6.57 18.85 63.76
CA ASP A 220 5.41 18.72 64.63
C ASP A 220 4.51 19.95 64.58
N LYS A 221 4.86 20.97 63.80
CA LYS A 221 4.01 22.16 63.70
C LYS A 221 2.67 21.80 63.05
N LYS A 222 2.72 21.22 61.84
CA LYS A 222 1.53 20.81 61.12
C LYS A 222 1.31 19.30 61.19
N HIS A 223 1.63 18.70 62.33
CA HIS A 223 1.39 17.28 62.57
C HIS A 223 0.07 17.15 63.32
N GLN A 224 -0.90 16.47 62.71
CA GLN A 224 -2.23 16.33 63.27
C GLN A 224 -2.39 14.93 63.85
N LYS A 225 -2.66 14.86 65.16
CA LYS A 225 -2.81 13.58 65.85
C LYS A 225 -4.22 13.34 66.37
N GLU A 226 -5.03 14.37 66.54
CA GLU A 226 -6.37 14.22 67.08
C GLU A 226 -7.41 14.79 66.11
N PRO A 227 -8.57 14.14 66.00
CA PRO A 227 -9.65 14.68 65.16
C PRO A 227 -10.28 15.91 65.80
N PRO A 228 -10.92 16.78 65.01
CA PRO A 228 -11.09 16.68 63.55
C PRO A 228 -9.84 17.07 62.77
N PHE A 229 -9.55 16.32 61.71
CA PHE A 229 -8.40 16.57 60.86
C PHE A 229 -8.77 17.51 59.73
N LEU A 230 -7.94 18.51 59.49
CA LEU A 230 -8.12 19.43 58.37
C LEU A 230 -7.32 18.89 57.18
N TRP A 231 -8.02 18.35 56.19
CA TRP A 231 -7.39 17.67 55.07
C TRP A 231 -8.13 18.03 53.80
N MET A 232 -7.41 18.64 52.84
CA MET A 232 -7.97 19.01 51.53
C MET A 232 -9.14 19.97 51.65
N GLY A 233 -9.16 20.79 52.70
CA GLY A 233 -10.23 21.75 52.92
C GLY A 233 -11.47 21.21 53.58
N TYR A 234 -11.38 20.03 54.20
CA TYR A 234 -12.52 19.40 54.87
C TYR A 234 -12.17 19.17 56.34
N GLU A 235 -13.20 18.83 57.11
CA GLU A 235 -13.05 18.46 58.52
C GLU A 235 -13.34 16.98 58.63
N LEU A 236 -12.31 16.18 58.91
CA LEU A 236 -12.42 14.74 58.95
C LEU A 236 -12.63 14.29 60.40
N HIS A 237 -13.79 13.73 60.67
CA HIS A 237 -14.13 13.13 61.95
C HIS A 237 -14.08 11.61 61.85
N PRO A 238 -14.04 10.89 62.97
CA PRO A 238 -13.93 9.43 62.90
C PRO A 238 -15.01 8.75 62.08
N ASP A 239 -16.25 9.25 62.13
CA ASP A 239 -17.36 8.61 61.44
C ASP A 239 -18.08 9.53 60.46
N LYS A 240 -17.61 10.76 60.26
CA LYS A 240 -18.25 11.67 59.32
C LYS A 240 -17.22 12.68 58.84
N TRP A 241 -17.59 13.42 57.81
CA TRP A 241 -16.75 14.49 57.27
C TRP A 241 -17.66 15.64 56.86
N THR A 242 -17.10 16.85 56.88
CA THR A 242 -17.83 18.03 56.44
C THR A 242 -16.85 19.00 55.80
N VAL A 243 -17.40 19.91 55.03
CA VAL A 243 -16.62 20.98 54.42
C VAL A 243 -16.31 22.03 55.49
N GLN A 244 -15.13 22.63 55.40
CA GLN A 244 -14.80 23.73 56.29
C GLN A 244 -15.79 24.87 56.09
N PRO A 245 -16.06 25.65 57.15
CA PRO A 245 -17.12 26.66 57.07
C PRO A 245 -16.95 27.60 55.88
N ILE A 246 -18.00 27.70 55.07
CA ILE A 246 -18.00 28.53 53.88
C ILE A 246 -18.74 29.83 54.20
N VAL A 247 -18.08 30.96 53.96
CA VAL A 247 -18.63 32.27 54.27
C VAL A 247 -19.05 32.93 52.96
N LEU A 248 -20.34 33.23 52.85
CA LEU A 248 -20.84 33.93 51.66
C LEU A 248 -20.87 35.43 51.93
N PRO A 249 -20.33 36.25 51.03
CA PRO A 249 -20.37 37.70 51.24
C PRO A 249 -21.79 38.22 51.13
N GLU A 250 -22.09 39.25 51.94
CA GLU A 250 -23.43 39.85 51.99
C GLU A 250 -23.24 41.36 51.81
N LYS A 251 -23.07 41.79 50.57
CA LYS A 251 -22.92 43.20 50.26
C LYS A 251 -24.26 43.82 49.91
N ASP A 252 -24.38 45.13 50.15
CA ASP A 252 -25.61 45.84 49.80
C ASP A 252 -25.71 46.09 48.29
N SER A 253 -24.59 46.36 47.65
CA SER A 253 -24.52 46.53 46.20
C SER A 253 -23.65 45.44 45.61
N TRP A 254 -24.19 44.74 44.62
CA TRP A 254 -23.50 43.61 44.00
C TRP A 254 -22.95 44.02 42.64
N THR A 255 -21.68 43.66 42.40
CA THR A 255 -21.01 43.93 41.13
C THR A 255 -20.88 42.61 40.36
N VAL A 256 -19.96 42.58 39.40
CA VAL A 256 -19.74 41.38 38.59
C VAL A 256 -18.74 40.44 39.25
N ASN A 257 -17.63 40.97 39.75
CA ASN A 257 -16.63 40.14 40.40
C ASN A 257 -17.14 39.55 41.71
N ASP A 258 -18.13 40.19 42.34
CA ASP A 258 -18.68 39.65 43.58
C ASP A 258 -19.56 38.44 43.31
N ILE A 259 -20.31 38.45 42.20
CA ILE A 259 -21.16 37.31 41.87
C ILE A 259 -20.32 36.13 41.42
N GLN A 260 -19.20 36.38 40.73
CA GLN A 260 -18.32 35.30 40.32
C GLN A 260 -17.76 34.55 41.53
N LYS A 261 -17.45 35.28 42.60
CA LYS A 261 -17.02 34.63 43.83
C LYS A 261 -18.19 33.96 44.55
N LEU A 262 -19.39 34.51 44.39
CA LEU A 262 -20.56 33.93 45.04
C LEU A 262 -20.95 32.60 44.42
N VAL A 263 -21.03 32.56 43.08
CA VAL A 263 -21.38 31.32 42.40
C VAL A 263 -20.29 30.27 42.62
N GLY A 264 -19.03 30.68 42.69
CA GLY A 264 -17.96 29.73 42.92
C GLY A 264 -18.06 29.03 44.26
N LYS A 265 -18.41 29.78 45.31
CA LYS A 265 -18.57 29.18 46.63
C LYS A 265 -19.77 28.25 46.66
N LEU A 266 -20.85 28.61 45.97
CA LEU A 266 -22.02 27.74 45.91
C LEU A 266 -21.73 26.46 45.11
N ASN A 267 -20.91 26.56 44.06
CA ASN A 267 -20.47 25.36 43.36
C ASN A 267 -19.64 24.46 44.27
N TRP A 268 -18.79 25.08 45.09
CA TRP A 268 -18.00 24.30 46.05
C TRP A 268 -18.87 23.77 47.18
N ALA A 269 -19.96 24.47 47.52
CA ALA A 269 -20.81 24.04 48.62
C ALA A 269 -21.80 22.95 48.20
N SER A 270 -22.14 22.89 46.91
CA SER A 270 -23.15 21.95 46.43
C SER A 270 -22.69 20.50 46.47
N GLN A 271 -21.45 20.22 46.87
CA GLN A 271 -20.97 18.86 46.96
C GLN A 271 -21.49 18.12 48.18
N ILE A 272 -22.14 18.81 49.11
CA ILE A 272 -22.63 18.17 50.33
C ILE A 272 -23.93 18.84 50.79
N TYR A 273 -24.16 20.07 50.34
CA TYR A 273 -25.40 20.78 50.66
C TYR A 273 -26.42 20.50 49.55
N PRO A 274 -27.51 19.80 49.84
CA PRO A 274 -28.47 19.46 48.78
C PRO A 274 -29.34 20.64 48.39
N GLY A 275 -29.54 20.80 47.08
CA GLY A 275 -30.50 21.77 46.57
C GLY A 275 -29.96 23.14 46.25
N ILE A 276 -28.66 23.27 46.01
CA ILE A 276 -28.07 24.56 45.69
C ILE A 276 -28.26 24.85 44.20
N LYS A 277 -28.77 26.04 43.89
CA LYS A 277 -28.98 26.48 42.52
C LYS A 277 -28.16 27.72 42.25
N VAL A 278 -27.64 27.83 41.02
CA VAL A 278 -26.86 28.99 40.61
C VAL A 278 -27.27 29.42 39.22
N ARG A 279 -28.49 29.09 38.82
CA ARG A 279 -28.97 29.46 37.48
C ARG A 279 -29.21 30.95 37.38
N GLN A 280 -30.06 31.51 38.26
CA GLN A 280 -30.41 32.91 38.18
C GLN A 280 -29.26 33.83 38.61
N LEU A 281 -28.32 33.32 39.40
CA LEU A 281 -27.16 34.13 39.76
C LEU A 281 -26.16 34.22 38.62
N SER A 282 -25.84 33.08 38.00
CA SER A 282 -24.96 33.08 36.84
C SER A 282 -25.60 33.75 35.62
N LYS A 283 -26.94 33.83 35.59
CA LYS A 283 -27.62 34.50 34.49
C LYS A 283 -27.30 35.99 34.45
N LEU A 284 -26.87 36.57 35.57
CA LEU A 284 -26.49 37.98 35.61
C LEU A 284 -25.12 38.24 35.01
N LEU A 285 -24.28 37.21 34.89
CA LEU A 285 -22.94 37.35 34.35
C LEU A 285 -22.90 37.26 32.83
N ARG A 286 -24.03 37.43 32.16
CA ARG A 286 -24.11 37.32 30.72
C ARG A 286 -24.06 38.72 30.08
N GLY A 287 -23.31 38.83 29.00
CA GLY A 287 -23.20 40.10 28.27
C GLY A 287 -22.31 41.16 28.87
N THR A 288 -22.50 41.47 30.16
CA THR A 288 -21.69 42.49 30.82
C THR A 288 -20.24 42.01 30.92
N LYS A 289 -19.32 42.83 30.42
CA LYS A 289 -17.90 42.48 30.45
C LYS A 289 -17.10 43.53 31.21
N ALA A 290 -17.56 43.88 32.41
CA ALA A 290 -16.86 44.83 33.27
C ALA A 290 -16.95 44.31 34.70
N LEU A 291 -15.82 43.80 35.21
CA LEU A 291 -15.83 43.20 36.55
C LEU A 291 -16.19 44.20 37.62
N THR A 292 -15.90 45.48 37.41
CA THR A 292 -16.23 46.53 38.37
C THR A 292 -17.50 47.28 37.98
N GLU A 293 -18.54 46.55 37.60
CA GLU A 293 -19.82 47.13 37.21
C GLU A 293 -20.91 46.59 38.12
N VAL A 294 -21.65 47.50 38.76
CA VAL A 294 -22.69 47.09 39.69
C VAL A 294 -23.86 46.50 38.90
N ILE A 295 -24.35 45.34 39.34
CA ILE A 295 -25.47 44.65 38.71
C ILE A 295 -26.57 44.50 39.75
N PRO A 296 -27.77 44.98 39.49
CA PRO A 296 -28.86 44.79 40.46
C PRO A 296 -29.38 43.36 40.41
N LEU A 297 -29.66 42.82 41.60
CA LEU A 297 -30.16 41.45 41.68
C LEU A 297 -31.62 41.39 41.25
N THR A 298 -31.92 40.48 40.33
CA THR A 298 -33.30 40.30 39.89
C THR A 298 -34.10 39.59 40.99
N GLU A 299 -35.42 39.59 40.83
CA GLU A 299 -36.29 38.93 41.80
C GLU A 299 -36.05 37.43 41.82
N GLU A 300 -35.74 36.84 40.66
CA GLU A 300 -35.45 35.42 40.60
C GLU A 300 -34.08 35.10 41.18
N ALA A 301 -33.10 35.99 40.97
CA ALA A 301 -31.78 35.82 41.55
C ALA A 301 -31.75 36.12 43.04
N GLU A 302 -32.69 36.93 43.53
CA GLU A 302 -32.76 37.20 44.96
C GLU A 302 -33.43 36.07 45.72
N LEU A 303 -34.52 35.52 45.17
CA LEU A 303 -35.15 34.36 45.80
C LEU A 303 -34.25 33.14 45.74
N GLU A 304 -33.47 33.00 44.66
CA GLU A 304 -32.51 31.91 44.58
C GLU A 304 -31.39 32.08 45.60
N LEU A 305 -30.96 33.32 45.83
CA LEU A 305 -29.90 33.57 46.81
C LEU A 305 -30.41 33.38 48.23
N ALA A 306 -31.67 33.75 48.49
CA ALA A 306 -32.22 33.56 49.83
C ALA A 306 -32.41 32.09 50.16
N GLU A 307 -32.76 31.27 49.16
CA GLU A 307 -32.95 29.85 49.40
C GLU A 307 -31.63 29.13 49.59
N ASN A 308 -30.55 29.66 49.01
CA ASN A 308 -29.24 29.05 49.20
C ASN A 308 -28.67 29.35 50.58
N ARG A 309 -28.89 30.56 51.09
CA ARG A 309 -28.40 30.88 52.42
C ARG A 309 -29.13 30.10 53.50
N GLU A 310 -30.40 29.75 53.26
CA GLU A 310 -31.14 28.97 54.25
C GLU A 310 -30.66 27.52 54.30
N ILE A 311 -30.22 26.98 53.15
CA ILE A 311 -29.67 25.62 53.14
C ILE A 311 -28.37 25.56 53.93
N LEU A 312 -27.54 26.61 53.83
CA LEU A 312 -26.27 26.67 54.53
C LEU A 312 -26.42 26.96 56.01
N LYS A 313 -27.62 27.24 56.50
CA LYS A 313 -27.82 27.49 57.93
C LYS A 313 -27.64 26.22 58.73
N GLU A 314 -28.45 25.20 58.46
CA GLU A 314 -28.34 23.95 59.19
C GLU A 314 -27.07 23.22 58.77
N PRO A 315 -26.26 22.76 59.73
CA PRO A 315 -25.03 22.06 59.36
C PRO A 315 -25.32 20.68 58.77
N VAL A 316 -24.60 20.36 57.70
CA VAL A 316 -24.72 19.06 57.05
C VAL A 316 -23.35 18.40 57.06
N HIS A 317 -23.34 17.09 56.81
CA HIS A 317 -22.10 16.33 56.78
C HIS A 317 -22.28 15.10 55.90
N GLY A 318 -21.17 14.61 55.35
CA GLY A 318 -21.16 13.39 54.60
C GLY A 318 -20.57 12.24 55.40
N VAL A 319 -20.78 11.02 54.89
CA VAL A 319 -20.23 9.83 55.53
C VAL A 319 -19.07 9.31 54.68
N TYR A 320 -18.51 8.17 55.09
CA TYR A 320 -17.39 7.56 54.39
C TYR A 320 -17.86 6.35 53.59
N TYR A 321 -16.97 5.85 52.74
CA TYR A 321 -17.30 4.79 51.79
C TYR A 321 -17.10 3.43 52.41
N ASP A 322 -18.13 2.59 52.31
CA ASP A 322 -18.07 1.19 52.75
C ASP A 322 -18.16 0.30 51.52
N PRO A 323 -17.07 -0.36 51.11
CA PRO A 323 -17.13 -1.17 49.88
C PRO A 323 -18.08 -2.35 49.98
N SER A 324 -18.48 -2.76 51.18
CA SER A 324 -19.40 -3.87 51.34
C SER A 324 -20.85 -3.50 51.02
N LYS A 325 -21.14 -2.22 50.84
CA LYS A 325 -22.48 -1.77 50.50
C LYS A 325 -22.50 -1.15 49.11
N ASP A 326 -23.67 -1.16 48.50
CA ASP A 326 -23.83 -0.63 47.15
C ASP A 326 -23.85 0.90 47.18
N LEU A 327 -23.56 1.48 46.01
CA LEU A 327 -23.67 2.92 45.80
C LEU A 327 -25.01 3.24 45.17
N ILE A 328 -25.75 4.16 45.79
CA ILE A 328 -27.05 4.59 45.29
C ILE A 328 -26.96 6.06 44.91
N ALA A 329 -27.50 6.39 43.75
CA ALA A 329 -27.55 7.78 43.27
C ALA A 329 -28.99 8.10 42.91
N GLU A 330 -29.57 9.09 43.58
CA GLU A 330 -30.94 9.51 43.36
C GLU A 330 -30.94 10.94 42.83
N ILE A 331 -31.71 11.18 41.77
CA ILE A 331 -31.76 12.48 41.11
C ILE A 331 -33.15 13.07 41.28
N GLN A 332 -33.21 14.38 41.52
CA GLN A 332 -34.46 15.13 41.53
C GLN A 332 -34.40 16.24 40.50
N LYS A 333 -35.55 16.53 39.90
CA LYS A 333 -35.66 17.64 38.97
C LYS A 333 -36.00 18.90 39.75
N GLN A 334 -35.17 19.94 39.58
CA GLN A 334 -35.38 21.22 40.23
C GLN A 334 -36.10 22.23 39.35
N GLY A 335 -36.40 21.87 38.09
CA GLY A 335 -37.10 22.76 37.20
C GLY A 335 -36.17 23.70 36.46
N GLN A 336 -36.59 24.12 35.25
CA GLN A 336 -35.80 25.04 34.42
C GLN A 336 -34.43 24.45 34.10
N GLY A 337 -34.40 23.18 33.71
CA GLY A 337 -33.15 22.54 33.38
C GLY A 337 -32.20 22.31 34.53
N GLN A 338 -32.70 22.36 35.76
CA GLN A 338 -31.87 22.20 36.95
C GLN A 338 -32.10 20.83 37.55
N TRP A 339 -31.02 20.13 37.87
CA TRP A 339 -31.08 18.79 38.45
C TRP A 339 -30.16 18.74 39.66
N THR A 340 -30.64 18.08 40.72
CA THR A 340 -29.84 17.85 41.91
C THR A 340 -29.83 16.36 42.21
N TYR A 341 -28.74 15.88 42.80
CA TYR A 341 -28.60 14.46 43.07
C TYR A 341 -27.89 14.26 44.40
N GLN A 342 -28.05 13.05 44.94
CA GLN A 342 -27.38 12.62 46.16
C GLN A 342 -26.85 11.21 45.94
N ILE A 343 -25.63 10.96 46.41
CA ILE A 343 -25.02 9.65 46.36
C ILE A 343 -24.86 9.15 47.79
N TYR A 344 -25.39 7.96 48.07
CA TYR A 344 -25.37 7.41 49.41
C TYR A 344 -25.30 5.90 49.33
N GLN A 345 -25.11 5.28 50.50
CA GLN A 345 -25.16 3.83 50.66
C GLN A 345 -26.25 3.39 51.61
N GLU A 346 -26.40 4.07 52.74
CA GLU A 346 -27.51 3.92 53.67
C GLU A 346 -28.47 5.11 53.52
N PRO A 347 -29.77 4.88 53.70
CA PRO A 347 -30.73 5.96 53.47
C PRO A 347 -30.48 7.16 54.37
N PHE A 348 -30.47 8.34 53.76
CA PHE A 348 -30.27 9.63 54.43
C PHE A 348 -28.88 9.77 55.04
N LYS A 349 -27.92 8.96 54.62
CA LYS A 349 -26.52 9.09 54.99
C LYS A 349 -25.74 9.37 53.71
N ASN A 350 -25.80 10.62 53.26
CA ASN A 350 -25.23 10.97 51.97
C ASN A 350 -23.70 10.95 52.01
N LEU A 351 -23.10 10.33 51.00
CA LEU A 351 -21.66 10.47 50.80
C LEU A 351 -21.32 11.84 50.26
N LYS A 352 -22.06 12.28 49.23
CA LYS A 352 -21.90 13.62 48.67
C LYS A 352 -23.14 13.93 47.84
N THR A 353 -23.30 15.22 47.54
CA THR A 353 -24.38 15.68 46.69
C THR A 353 -23.79 16.39 45.47
N GLY A 354 -24.67 16.97 44.66
CA GLY A 354 -24.23 17.68 43.48
C GLY A 354 -25.41 18.14 42.66
N LYS A 355 -25.09 18.84 41.57
CA LYS A 355 -26.10 19.38 40.70
C LYS A 355 -25.65 19.29 39.24
N TYR A 356 -26.61 19.23 38.33
CA TYR A 356 -26.37 19.31 36.90
C TYR A 356 -27.38 20.29 36.32
N ALA A 357 -26.90 21.42 35.81
CA ALA A 357 -27.77 22.44 35.24
C ALA A 357 -27.30 22.90 33.87
N ARG A 358 -26.46 22.12 33.21
CA ARG A 358 -25.94 22.52 31.91
C ARG A 358 -27.02 22.43 30.85
N MET A 359 -27.14 23.47 30.04
CA MET A 359 -28.11 23.54 28.96
C MET A 359 -27.35 23.43 27.64
N ARG A 360 -27.30 22.24 27.08
CA ARG A 360 -26.66 22.00 25.79
C ARG A 360 -27.73 21.80 24.72
N GLY A 361 -27.52 22.44 23.58
CA GLY A 361 -28.48 22.37 22.49
C GLY A 361 -29.51 23.47 22.52
N ALA A 362 -29.93 23.94 21.36
CA ALA A 362 -30.99 24.94 21.32
C ALA A 362 -32.34 24.36 21.71
N HIS A 363 -32.53 23.07 21.45
CA HIS A 363 -33.79 22.37 21.75
C HIS A 363 -33.46 21.06 22.43
N THR A 364 -34.17 20.77 23.52
CA THR A 364 -33.95 19.53 24.26
C THR A 364 -35.20 19.22 25.07
N ASN A 365 -35.14 18.13 25.84
CA ASN A 365 -36.23 17.75 26.72
C ASN A 365 -35.65 17.22 28.03
N ASP A 366 -36.55 16.97 29.00
CA ASP A 366 -36.12 16.50 30.30
C ASP A 366 -35.46 15.12 30.22
N VAL A 367 -35.88 14.28 29.27
CA VAL A 367 -35.33 12.94 29.17
C VAL A 367 -33.87 12.99 28.73
N LYS A 368 -33.54 13.89 27.80
CA LYS A 368 -32.14 14.06 27.40
C LYS A 368 -31.31 14.58 28.56
N GLN A 369 -31.81 15.60 29.27
CA GLN A 369 -31.03 16.20 30.34
C GLN A 369 -30.86 15.25 31.51
N LEU A 370 -31.85 14.40 31.77
CA LEU A 370 -31.69 13.36 32.79
C LEU A 370 -30.60 12.37 32.39
N THR A 371 -30.56 11.99 31.11
CA THR A 371 -29.51 11.11 30.62
C THR A 371 -28.14 11.75 30.80
N GLU A 372 -28.03 13.05 30.54
CA GLU A 372 -26.75 13.73 30.71
C GLU A 372 -26.34 13.77 32.17
N ALA A 373 -27.30 13.97 33.08
CA ALA A 373 -26.99 13.96 34.51
C ALA A 373 -26.50 12.57 34.96
N VAL A 374 -27.13 11.52 34.46
CA VAL A 374 -26.70 10.16 34.79
C VAL A 374 -25.27 9.94 34.34
N GLN A 375 -24.90 10.45 33.16
CA GLN A 375 -23.54 10.29 32.67
C GLN A 375 -22.55 11.07 33.51
N LYS A 376 -22.93 12.28 33.95
CA LYS A 376 -22.04 13.05 34.81
C LYS A 376 -21.82 12.37 36.14
N ILE A 377 -22.89 11.81 36.73
CA ILE A 377 -22.76 11.14 38.02
C ILE A 377 -21.95 9.86 37.88
N THR A 378 -22.13 9.14 36.77
CA THR A 378 -21.39 7.90 36.55
C THR A 378 -19.89 8.15 36.49
N THR A 379 -19.47 9.08 35.63
CA THR A 379 -18.04 9.38 35.51
C THR A 379 -17.47 9.92 36.82
N GLU A 380 -18.23 10.77 37.50
CA GLU A 380 -17.80 11.28 38.80
C GLU A 380 -17.64 10.14 39.80
N SER A 381 -18.54 9.16 39.76
CA SER A 381 -18.46 8.05 40.70
C SER A 381 -17.29 7.12 40.40
N ILE A 382 -16.94 6.97 39.12
CA ILE A 382 -15.81 6.13 38.76
C ILE A 382 -14.51 6.76 39.23
N VAL A 383 -14.43 8.09 39.21
CA VAL A 383 -13.25 8.77 39.73
C VAL A 383 -13.09 8.53 41.23
N ILE A 384 -14.20 8.61 41.98
CA ILE A 384 -14.11 8.61 43.44
C ILE A 384 -14.08 7.18 43.98
N TRP A 385 -14.97 6.32 43.50
CA TRP A 385 -15.11 4.98 44.02
C TRP A 385 -14.73 3.88 43.03
N GLY A 386 -14.59 4.21 41.75
CA GLY A 386 -14.23 3.21 40.76
C GLY A 386 -15.34 2.27 40.37
N LYS A 387 -16.59 2.68 40.51
CA LYS A 387 -17.72 1.85 40.11
C LYS A 387 -18.92 2.75 39.85
N THR A 388 -19.93 2.18 39.21
CA THR A 388 -21.15 2.91 38.87
C THR A 388 -22.21 2.68 39.93
N PRO A 389 -22.84 3.73 40.44
CA PRO A 389 -23.92 3.54 41.41
C PRO A 389 -25.21 3.11 40.73
N LYS A 390 -26.02 2.36 41.48
CA LYS A 390 -27.39 2.09 41.06
C LYS A 390 -28.20 3.38 41.17
N PHE A 391 -28.94 3.70 40.13
CA PHE A 391 -29.66 4.96 40.05
C PHE A 391 -31.12 4.80 40.47
N LYS A 392 -31.64 5.81 41.16
CA LYS A 392 -33.07 5.96 41.44
C LYS A 392 -33.52 7.21 40.71
N LEU A 393 -34.32 7.03 39.65
CA LEU A 393 -34.67 8.12 38.75
C LEU A 393 -36.16 8.42 38.81
N PRO A 394 -36.54 9.71 38.73
CA PRO A 394 -37.95 10.11 38.72
C PRO A 394 -38.59 10.03 37.34
N ILE A 395 -38.38 8.90 36.67
CA ILE A 395 -38.97 8.65 35.36
C ILE A 395 -39.50 7.22 35.33
N GLN A 396 -40.70 7.05 34.79
CA GLN A 396 -41.31 5.72 34.70
C GLN A 396 -40.52 4.84 33.75
N LYS A 397 -40.44 3.55 34.08
CA LYS A 397 -39.82 2.58 33.19
C LYS A 397 -40.45 2.61 31.80
N GLU A 398 -41.78 2.74 31.74
CA GLU A 398 -42.46 2.79 30.45
C GLU A 398 -42.09 4.05 29.68
N THR A 399 -41.95 5.18 30.38
CA THR A 399 -41.56 6.42 29.72
C THR A 399 -40.18 6.29 29.09
N TRP A 400 -39.20 5.81 29.87
CA TRP A 400 -37.86 5.64 29.36
C TRP A 400 -37.82 4.62 28.22
N GLU A 401 -38.57 3.53 28.36
CA GLU A 401 -38.64 2.52 27.31
C GLU A 401 -39.15 3.11 26.01
N THR A 402 -40.16 3.97 26.08
CA THR A 402 -40.69 4.59 24.86
C THR A 402 -39.65 5.50 24.21
N TRP A 403 -38.90 6.25 25.03
CA TRP A 403 -37.93 7.20 24.48
C TRP A 403 -36.79 6.49 23.77
N TRP A 404 -36.08 5.58 24.46
CA TRP A 404 -34.84 5.07 23.89
C TRP A 404 -35.09 4.11 22.75
N THR A 405 -36.19 3.33 22.80
CA THR A 405 -36.47 2.42 21.69
C THR A 405 -36.87 3.16 20.42
N GLU A 406 -37.40 4.38 20.54
CA GLU A 406 -37.85 5.13 19.38
C GLU A 406 -36.87 6.18 18.90
N TYR A 407 -35.91 6.59 19.74
CA TYR A 407 -34.93 7.59 19.34
C TYR A 407 -34.02 7.03 18.25
N TRP A 408 -33.56 7.91 17.36
CA TRP A 408 -32.70 7.48 16.27
C TRP A 408 -31.24 7.37 16.68
N GLN A 409 -30.86 7.93 17.82
CA GLN A 409 -29.51 7.81 18.33
C GLN A 409 -29.44 6.75 19.41
N ALA A 410 -28.26 6.13 19.54
CA ALA A 410 -28.03 5.18 20.63
C ALA A 410 -28.01 5.91 21.96
N THR A 411 -28.81 5.44 22.91
CA THR A 411 -28.85 6.04 24.23
C THR A 411 -29.14 4.95 25.25
N TRP A 412 -28.63 5.13 26.46
CA TRP A 412 -28.73 4.07 27.45
C TRP A 412 -28.49 4.64 28.84
N ILE A 413 -29.08 3.98 29.83
CA ILE A 413 -28.90 4.32 31.24
C ILE A 413 -28.55 3.04 31.99
N PRO A 414 -27.54 3.06 32.87
CA PRO A 414 -27.19 1.84 33.60
C PRO A 414 -28.29 1.40 34.55
N GLU A 415 -28.07 0.28 35.26
CA GLU A 415 -29.09 -0.32 36.10
C GLU A 415 -29.70 0.69 37.05
N TRP A 416 -31.03 0.85 36.95
CA TRP A 416 -31.72 1.90 37.68
C TRP A 416 -33.12 1.41 38.05
N GLU A 417 -33.76 2.16 38.94
CA GLU A 417 -35.12 1.86 39.36
C GLU A 417 -35.91 3.15 39.44
N PHE A 418 -37.22 3.04 39.30
CA PHE A 418 -38.09 4.20 39.37
C PHE A 418 -38.36 4.59 40.81
N VAL A 419 -38.30 5.90 41.07
CA VAL A 419 -38.67 6.47 42.36
C VAL A 419 -39.76 7.50 42.13
N ASN A 420 -40.87 7.38 42.88
CA ASN A 420 -42.05 8.20 42.65
C ASN A 420 -41.95 9.47 43.49
N THR A 421 -41.10 10.39 43.04
CA THR A 421 -40.95 11.70 43.67
C THR A 421 -41.22 12.78 42.64
N PRO A 422 -42.39 13.42 42.66
CA PRO A 422 -42.67 14.47 41.69
C PRO A 422 -41.72 15.63 41.86
N PRO A 423 -41.47 16.40 40.79
CA PRO A 423 -42.07 16.27 39.46
C PRO A 423 -41.44 15.15 38.62
N LEU A 424 -42.27 14.26 38.09
CA LEU A 424 -41.78 13.15 37.28
C LEU A 424 -41.39 13.64 35.90
N VAL A 425 -40.41 12.96 35.32
CA VAL A 425 -39.95 13.27 33.96
C VAL A 425 -40.76 12.44 32.98
N LYS A 426 -41.32 13.11 31.97
CA LYS A 426 -42.14 12.42 30.99
C LYS A 426 -42.00 13.11 29.64
N LEU A 427 -42.50 12.44 28.60
CA LEU A 427 -42.61 13.02 27.28
C LEU A 427 -43.97 13.68 27.14
N TRP A 428 -43.98 14.93 26.70
CA TRP A 428 -45.20 15.75 26.72
C TRP A 428 -46.06 15.58 25.48
N TYR A 429 -45.57 14.89 24.45
CA TYR A 429 -46.38 14.58 23.28
C TYR A 429 -45.67 13.48 22.50
N GLN A 430 -46.46 12.74 21.72
CA GLN A 430 -45.95 11.62 20.94
C GLN A 430 -46.43 11.78 19.51
N LEU A 431 -45.48 11.86 18.57
CA LEU A 431 -45.84 11.89 17.16
C LEU A 431 -46.32 10.51 16.72
N GLU A 432 -47.36 10.49 15.90
CA GLU A 432 -47.91 9.24 15.41
C GLU A 432 -46.94 8.58 14.43
N LYS A 433 -47.08 7.26 14.29
CA LYS A 433 -46.25 6.49 13.37
C LYS A 433 -46.90 6.29 12.00
N GLU A 434 -48.23 6.40 11.92
CA GLU A 434 -48.97 6.29 10.67
C GLU A 434 -49.92 7.46 10.54
N PRO A 435 -50.31 7.83 9.32
CA PRO A 435 -51.25 8.94 9.15
C PRO A 435 -52.59 8.64 9.81
N ILE A 436 -53.27 9.70 10.21
CA ILE A 436 -54.50 9.60 10.98
C ILE A 436 -55.68 9.64 10.03
N VAL A 437 -56.51 8.59 10.06
CA VAL A 437 -57.70 8.53 9.22
C VAL A 437 -58.74 9.50 9.75
N GLY A 438 -59.32 10.30 8.86
CA GLY A 438 -60.33 11.25 9.23
C GLY A 438 -59.82 12.59 9.75
N ALA A 439 -58.50 12.75 9.88
CA ALA A 439 -57.92 14.01 10.31
C ALA A 439 -57.50 14.83 9.11
N GLU A 440 -57.67 16.15 9.21
CA GLU A 440 -57.36 17.03 8.10
C GLU A 440 -55.86 17.01 7.81
N THR A 441 -55.52 16.97 6.53
CA THR A 441 -54.12 16.95 6.09
C THR A 441 -53.71 18.36 5.69
N PHE A 442 -52.66 18.88 6.34
CA PHE A 442 -52.16 20.22 6.09
C PHE A 442 -50.83 20.12 5.34
N TYR A 443 -50.78 20.72 4.16
CA TYR A 443 -49.55 20.83 3.38
C TYR A 443 -48.97 22.23 3.63
N VAL A 444 -47.90 22.29 4.42
CA VAL A 444 -47.33 23.55 4.86
C VAL A 444 -46.05 23.83 4.08
N ASP A 445 -45.71 25.12 3.99
CA ASP A 445 -44.49 25.56 3.34
C ASP A 445 -44.23 27.01 3.72
N GLY A 446 -42.97 27.41 3.57
CA GLY A 446 -42.57 28.77 3.85
C GLY A 446 -41.33 29.18 3.07
N ALA A 447 -41.36 30.39 2.52
CA ALA A 447 -40.23 30.93 1.77
C ALA A 447 -39.90 32.31 2.29
N ALA A 448 -38.63 32.70 2.15
CA ALA A 448 -38.18 34.01 2.57
C ALA A 448 -37.09 34.49 1.63
N ASN A 449 -36.98 35.81 1.51
CA ASN A 449 -35.98 36.42 0.63
C ASN A 449 -34.70 36.68 1.41
N ARG A 450 -33.57 36.25 0.84
CA ARG A 450 -32.29 36.43 1.51
C ARG A 450 -31.93 37.91 1.67
N GLU A 451 -32.33 38.74 0.71
CA GLU A 451 -31.94 40.15 0.74
C GLU A 451 -32.86 40.99 1.61
N THR A 452 -34.15 41.05 1.27
CA THR A 452 -35.09 41.89 1.99
C THR A 452 -35.52 41.30 3.32
N LYS A 453 -35.15 40.05 3.62
CA LYS A 453 -35.54 39.34 4.83
C LYS A 453 -37.05 39.20 4.98
N LEU A 454 -37.79 39.43 3.90
CA LEU A 454 -39.23 39.25 3.89
C LEU A 454 -39.58 37.83 3.48
N GLY A 455 -40.74 37.36 3.94
CA GLY A 455 -41.14 36.00 3.63
C GLY A 455 -42.62 35.77 3.85
N LYS A 456 -43.05 34.57 3.47
CA LYS A 456 -44.43 34.14 3.64
C LYS A 456 -44.46 32.75 4.25
N ALA A 457 -45.58 32.41 4.86
CA ALA A 457 -45.80 31.08 5.43
C ALA A 457 -47.28 30.77 5.36
N GLY A 458 -47.60 29.53 5.00
CA GLY A 458 -49.00 29.16 4.89
C GLY A 458 -49.18 27.68 4.66
N TYR A 459 -50.42 27.31 4.34
CA TYR A 459 -50.78 25.91 4.16
C TYR A 459 -51.97 25.80 3.21
N VAL A 460 -52.16 24.59 2.68
CA VAL A 460 -53.37 24.17 2.00
C VAL A 460 -53.74 22.79 2.52
N THR A 461 -55.04 22.52 2.56
CA THR A 461 -55.54 21.27 3.10
C THR A 461 -56.42 20.56 2.08
N ASN A 462 -56.72 19.29 2.37
CA ASN A 462 -57.57 18.49 1.49
C ASN A 462 -59.02 18.93 1.53
N LYS A 463 -59.44 19.63 2.59
CA LYS A 463 -60.79 20.17 2.68
C LYS A 463 -60.92 21.55 2.08
N GLY A 464 -59.84 22.09 1.48
CA GLY A 464 -59.87 23.39 0.88
C GLY A 464 -59.46 24.53 1.78
N ARG A 465 -59.15 24.24 3.05
CA ARG A 465 -58.68 25.29 3.95
C ARG A 465 -57.33 25.81 3.50
N GLN A 466 -57.14 27.12 3.62
CA GLN A 466 -55.95 27.76 3.06
C GLN A 466 -55.64 29.01 3.88
N LYS A 467 -54.35 29.31 3.97
CA LYS A 467 -53.89 30.53 4.64
C LYS A 467 -52.51 30.87 4.12
N VAL A 468 -52.25 32.17 3.95
CA VAL A 468 -50.91 32.69 3.65
C VAL A 468 -50.70 33.92 4.51
N VAL A 469 -49.60 33.95 5.25
CA VAL A 469 -49.31 35.02 6.19
C VAL A 469 -47.99 35.68 5.76
N PRO A 470 -47.96 36.98 5.51
CA PRO A 470 -46.69 37.64 5.20
C PRO A 470 -45.88 37.87 6.47
N LEU A 471 -44.57 37.69 6.36
CA LEU A 471 -43.65 37.81 7.48
C LEU A 471 -42.53 38.78 7.13
N THR A 472 -42.14 39.61 8.10
CA THR A 472 -41.07 40.57 7.94
C THR A 472 -39.91 40.22 8.86
N ASN A 473 -38.69 40.39 8.35
CA ASN A 473 -37.46 40.12 9.08
C ASN A 473 -37.44 38.67 9.60
N THR A 474 -37.29 37.75 8.65
CA THR A 474 -37.35 36.32 8.92
C THR A 474 -36.33 35.60 8.06
N THR A 475 -36.27 34.28 8.20
CA THR A 475 -35.42 33.42 7.40
C THR A 475 -36.26 32.30 6.82
N ASN A 476 -35.67 31.56 5.88
CA ASN A 476 -36.34 30.39 5.32
C ASN A 476 -36.67 29.38 6.40
N GLN A 477 -35.74 29.16 7.34
CA GLN A 477 -35.98 28.20 8.41
C GLN A 477 -37.13 28.65 9.31
N LYS A 478 -37.18 29.95 9.63
CA LYS A 478 -38.23 30.44 10.51
C LYS A 478 -39.60 30.35 9.86
N THR A 479 -39.68 30.57 8.54
CA THR A 479 -40.97 30.45 7.86
C THR A 479 -41.45 29.01 7.81
N GLU A 480 -40.53 28.06 7.72
CA GLU A 480 -40.94 26.65 7.76
C GLU A 480 -41.50 26.28 9.12
N LEU A 481 -40.87 26.76 10.19
CA LEU A 481 -41.44 26.55 11.52
C LEU A 481 -42.76 27.30 11.69
N GLN A 482 -42.85 28.49 11.11
CA GLN A 482 -44.08 29.26 11.20
C GLN A 482 -45.22 28.57 10.46
N ALA A 483 -44.92 27.94 9.33
CA ALA A 483 -45.94 27.22 8.58
C ALA A 483 -46.52 26.07 9.40
N ILE A 484 -45.66 25.33 10.10
CA ILE A 484 -46.14 24.24 10.95
C ILE A 484 -46.95 24.80 12.11
N TYR A 485 -46.52 25.92 12.69
CA TYR A 485 -47.26 26.54 13.78
C TYR A 485 -48.65 26.98 13.31
N LEU A 486 -48.74 27.50 12.09
CA LEU A 486 -50.05 27.86 11.53
C LEU A 486 -50.96 26.65 11.40
N ALA A 487 -50.39 25.53 10.91
CA ALA A 487 -51.19 24.31 10.76
C ALA A 487 -51.69 23.80 12.11
N LEU A 488 -50.85 23.87 13.14
CA LEU A 488 -51.28 23.43 14.46
C LEU A 488 -52.33 24.37 15.06
N GLN A 489 -52.22 25.67 14.78
CA GLN A 489 -53.18 26.62 15.32
C GLN A 489 -54.56 26.42 14.71
N ASP A 490 -54.63 26.19 13.40
CA ASP A 490 -55.88 26.19 12.68
C ASP A 490 -56.46 24.79 12.45
N SER A 491 -55.97 23.80 13.17
CA SER A 491 -56.45 22.42 13.01
C SER A 491 -57.14 21.96 14.28
N GLY A 492 -57.85 20.84 14.16
CA GLY A 492 -58.49 20.21 15.30
C GLY A 492 -57.50 19.42 16.13
N LEU A 493 -58.05 18.59 17.01
CA LEU A 493 -57.22 17.83 17.94
C LEU A 493 -56.34 16.81 17.23
N GLU A 494 -56.77 16.35 16.06
CA GLU A 494 -56.01 15.37 15.26
C GLU A 494 -55.72 15.98 13.90
N VAL A 495 -54.47 15.90 13.47
CA VAL A 495 -54.03 16.59 12.25
C VAL A 495 -52.85 15.85 11.65
N ASN A 496 -52.85 15.76 10.32
CA ASN A 496 -51.69 15.31 9.55
C ASN A 496 -51.04 16.52 8.91
N ILE A 497 -49.72 16.62 9.02
CA ILE A 497 -48.96 17.77 8.53
C ILE A 497 -47.86 17.26 7.61
N VAL A 498 -47.82 17.79 6.38
CA VAL A 498 -46.82 17.43 5.39
C VAL A 498 -45.94 18.65 5.14
N THR A 499 -44.62 18.46 5.29
CA THR A 499 -43.66 19.53 5.10
C THR A 499 -42.48 19.00 4.30
N ASP A 500 -41.73 19.92 3.69
CA ASP A 500 -40.50 19.59 3.00
C ASP A 500 -39.27 20.06 3.76
N SER A 501 -39.45 20.60 4.97
CA SER A 501 -38.37 21.18 5.75
C SER A 501 -37.70 20.09 6.57
N GLN A 502 -36.49 19.70 6.16
CA GLN A 502 -35.69 18.79 6.99
C GLN A 502 -35.31 19.46 8.31
N TYR A 503 -35.13 20.77 8.30
CA TYR A 503 -34.77 21.49 9.51
C TYR A 503 -35.89 21.42 10.56
N ALA A 504 -37.11 21.75 10.14
CA ALA A 504 -38.23 21.78 11.10
C ALA A 504 -38.57 20.38 11.58
N LEU A 505 -38.56 19.39 10.68
CA LEU A 505 -38.92 18.04 11.07
C LEU A 505 -37.93 17.46 12.07
N GLY A 506 -36.63 17.72 11.86
CA GLY A 506 -35.63 17.21 12.77
C GLY A 506 -35.78 17.75 14.18
N ILE A 507 -36.19 19.01 14.31
CA ILE A 507 -36.40 19.59 15.63
C ILE A 507 -37.58 18.92 16.32
N ILE A 508 -38.70 18.80 15.62
CA ILE A 508 -39.93 18.33 16.26
C ILE A 508 -39.86 16.83 16.55
N GLN A 509 -39.21 16.05 15.68
CA GLN A 509 -39.17 14.61 15.87
C GLN A 509 -38.43 14.21 17.14
N ALA A 510 -37.52 15.05 17.62
CA ALA A 510 -36.79 14.78 18.85
C ALA A 510 -37.59 15.09 20.10
N GLN A 511 -38.89 15.35 19.97
CA GLN A 511 -39.81 15.64 21.07
C GLN A 511 -39.23 16.61 22.10
N PRO A 512 -38.82 17.81 21.69
CA PRO A 512 -38.35 18.79 22.68
C PRO A 512 -39.49 19.33 23.50
N ASP A 513 -39.18 19.67 24.75
CA ASP A 513 -40.12 20.35 25.63
C ASP A 513 -39.64 21.73 26.06
N LYS A 514 -38.46 22.14 25.62
CA LYS A 514 -37.92 23.46 25.93
C LYS A 514 -37.03 23.88 24.77
N SER A 515 -36.94 25.19 24.56
CA SER A 515 -36.18 25.69 23.42
C SER A 515 -35.74 27.11 23.69
N GLU A 516 -34.57 27.46 23.15
CA GLU A 516 -34.13 28.84 23.15
C GLU A 516 -34.90 29.69 22.14
N SER A 517 -35.73 29.06 21.30
CA SER A 517 -36.54 29.75 20.30
C SER A 517 -37.97 29.88 20.82
N GLU A 518 -38.48 31.11 20.84
CA GLU A 518 -39.85 31.34 21.25
C GLU A 518 -40.83 30.65 20.30
N LEU A 519 -40.51 30.64 19.01
CA LEU A 519 -41.38 30.01 18.02
C LEU A 519 -41.49 28.50 18.27
N VAL A 520 -40.37 27.85 18.58
CA VAL A 520 -40.41 26.42 18.85
C VAL A 520 -41.21 26.14 20.12
N ASN A 521 -41.08 26.99 21.13
CA ASN A 521 -41.84 26.81 22.36
C ASN A 521 -43.34 26.92 22.11
N GLN A 522 -43.76 27.84 21.24
CA GLN A 522 -45.16 27.94 20.88
C GLN A 522 -45.61 26.70 20.11
N ILE A 523 -44.75 26.18 19.23
CA ILE A 523 -45.05 24.94 18.53
C ILE A 523 -45.21 23.79 19.52
N ILE A 524 -44.36 23.75 20.56
CA ILE A 524 -44.47 22.71 21.56
C ILE A 524 -45.79 22.83 22.32
N GLU A 525 -46.18 24.05 22.68
CA GLU A 525 -47.44 24.26 23.39
C GLU A 525 -48.62 23.74 22.58
N GLN A 526 -48.59 23.92 21.26
CA GLN A 526 -49.67 23.41 20.42
C GLN A 526 -49.62 21.89 20.33
N LEU A 527 -48.42 21.32 20.21
CA LEU A 527 -48.29 19.87 20.14
C LEU A 527 -48.82 19.18 21.38
N ILE A 528 -48.70 19.82 22.54
CA ILE A 528 -49.19 19.24 23.78
C ILE A 528 -50.73 19.25 23.81
N LYS A 529 -51.33 20.31 23.28
CA LYS A 529 -52.79 20.40 23.26
C LYS A 529 -53.41 19.36 22.32
N LYS A 530 -52.68 18.93 21.30
CA LYS A 530 -53.23 18.00 20.33
C LYS A 530 -53.41 16.62 20.93
N GLU A 531 -54.27 15.82 20.29
CA GLU A 531 -54.44 14.42 20.64
C GLU A 531 -53.65 13.49 19.74
N LYS A 532 -53.57 13.80 18.44
CA LYS A 532 -52.78 13.02 17.50
C LYS A 532 -52.18 13.94 16.46
N VAL A 533 -50.86 13.84 16.27
CA VAL A 533 -50.16 14.61 15.25
C VAL A 533 -49.28 13.66 14.46
N TYR A 534 -49.41 13.68 13.14
CA TYR A 534 -48.56 12.89 12.24
C TYR A 534 -47.81 13.85 11.34
N LEU A 535 -46.48 13.86 11.47
CA LEU A 535 -45.61 14.66 10.61
C LEU A 535 -45.06 13.78 9.50
N ALA A 536 -45.18 14.27 8.27
CA ALA A 536 -44.65 13.58 7.11
C ALA A 536 -43.73 14.53 6.34
N TRP A 537 -42.69 13.97 5.74
CA TRP A 537 -41.73 14.73 4.97
C TRP A 537 -41.80 14.32 3.50
N VAL A 538 -41.65 15.31 2.62
CA VAL A 538 -41.52 15.07 1.18
C VAL A 538 -40.40 15.93 0.63
N PRO A 539 -39.75 15.47 -0.42
CA PRO A 539 -38.73 16.30 -1.06
C PRO A 539 -39.37 17.49 -1.76
N ALA A 540 -38.71 18.64 -1.65
CA ALA A 540 -39.23 19.86 -2.23
C ALA A 540 -38.96 19.91 -3.73
N HIS A 541 -39.75 20.73 -4.43
CA HIS A 541 -39.59 20.98 -5.86
C HIS A 541 -39.67 19.69 -6.66
N LYS A 542 -40.68 18.87 -6.36
CA LYS A 542 -40.88 17.63 -7.08
C LYS A 542 -42.31 17.43 -7.55
N GLY A 543 -43.18 18.43 -7.40
CA GLY A 543 -44.58 18.27 -7.79
C GLY A 543 -45.32 17.22 -7.00
N ILE A 544 -44.96 17.02 -5.74
CA ILE A 544 -45.55 15.98 -4.92
C ILE A 544 -46.72 16.55 -4.15
N GLY A 545 -47.89 15.91 -4.29
CA GLY A 545 -49.10 16.22 -3.54
C GLY A 545 -49.41 17.70 -3.50
N GLY A 546 -49.98 18.12 -2.38
CA GLY A 546 -50.25 19.53 -2.17
C GLY A 546 -49.03 20.37 -1.88
N ASN A 547 -47.87 19.73 -1.65
CA ASN A 547 -46.64 20.47 -1.43
C ASN A 547 -46.30 21.36 -2.62
N GLU A 548 -46.62 20.91 -3.84
CA GLU A 548 -46.44 21.77 -5.01
C GLU A 548 -47.41 22.95 -4.98
N GLN A 549 -48.61 22.75 -4.44
CA GLN A 549 -49.61 23.82 -4.43
C GLN A 549 -49.26 24.90 -3.41
N VAL A 550 -48.88 24.49 -2.20
CA VAL A 550 -48.50 25.46 -1.17
C VAL A 550 -47.17 26.14 -1.50
N ASP A 551 -46.33 25.50 -2.31
CA ASP A 551 -45.07 26.13 -2.70
C ASP A 551 -45.31 27.34 -3.58
N LYS A 552 -46.33 27.30 -4.43
CA LYS A 552 -46.65 28.46 -5.27
C LYS A 552 -47.15 29.63 -4.44
N LEU A 553 -47.90 29.35 -3.37
CA LEU A 553 -48.50 30.41 -2.57
C LEU A 553 -47.45 31.23 -1.84
N VAL A 554 -46.47 30.56 -1.22
CA VAL A 554 -45.50 31.24 -0.37
C VAL A 554 -44.27 31.72 -1.13
N SER A 555 -44.09 31.30 -2.38
CA SER A 555 -42.94 31.73 -3.16
C SER A 555 -43.37 32.29 -4.51
N PRO B 20 20.30 -9.27 21.48
CA PRO B 20 21.11 -9.70 20.33
C PRO B 20 20.50 -9.26 19.00
N ILE B 21 19.39 -8.53 19.06
CA ILE B 21 18.69 -8.04 17.88
C ILE B 21 18.87 -6.52 17.81
N GLU B 22 19.30 -6.03 16.65
CA GLU B 22 19.43 -4.60 16.46
C GLU B 22 18.06 -3.95 16.34
N THR B 23 17.86 -2.87 17.08
CA THR B 23 16.57 -2.18 17.06
C THR B 23 16.35 -1.49 15.73
N VAL B 24 15.19 -1.72 15.13
CA VAL B 24 14.84 -1.04 13.87
C VAL B 24 14.58 0.43 14.16
N PRO B 25 15.26 1.35 13.48
CA PRO B 25 15.02 2.79 13.74
C PRO B 25 13.61 3.19 13.34
N VAL B 26 12.91 3.85 14.26
CA VAL B 26 11.55 4.33 14.03
C VAL B 26 11.53 5.83 14.24
N LYS B 27 10.93 6.55 13.30
CA LYS B 27 10.82 8.00 13.38
C LYS B 27 9.38 8.40 13.10
N LEU B 28 8.94 9.48 13.76
CA LEU B 28 7.62 10.02 13.52
C LEU B 28 7.55 10.63 12.12
N LYS B 29 6.33 10.89 11.66
CA LYS B 29 6.15 11.60 10.40
C LYS B 29 6.68 13.02 10.55
N PRO B 30 7.40 13.54 9.55
CA PRO B 30 8.03 14.86 9.68
C PRO B 30 6.99 15.95 9.92
N GLY B 31 7.22 16.73 10.98
CA GLY B 31 6.33 17.81 11.33
C GLY B 31 5.28 17.47 12.38
N MET B 32 5.39 16.31 13.01
CA MET B 32 4.43 15.88 14.03
C MET B 32 5.16 15.48 15.30
N ASP B 33 4.61 15.90 16.44
CA ASP B 33 5.11 15.50 17.73
C ASP B 33 4.38 14.25 18.21
N GLY B 34 4.89 13.67 19.30
CA GLY B 34 4.33 12.47 19.86
C GLY B 34 2.93 12.68 20.43
N PRO B 35 2.27 11.58 20.80
CA PRO B 35 0.91 11.70 21.35
C PRO B 35 0.93 12.24 22.77
N LYS B 36 -0.01 13.15 23.05
CA LYS B 36 -0.18 13.73 24.38
C LYS B 36 -1.67 13.67 24.74
N VAL B 37 -2.16 12.45 24.98
CA VAL B 37 -3.58 12.20 25.25
C VAL B 37 -3.74 11.86 26.72
N LYS B 38 -4.71 12.49 27.36
CA LYS B 38 -4.92 12.29 28.80
C LYS B 38 -5.55 10.94 29.09
N GLN B 39 -5.13 10.32 30.19
CA GLN B 39 -5.74 9.09 30.65
C GLN B 39 -7.13 9.37 31.21
N TRP B 40 -8.08 8.53 30.83
CA TRP B 40 -9.44 8.69 31.34
C TRP B 40 -9.65 7.84 32.58
N PRO B 41 -10.68 8.16 33.38
CA PRO B 41 -10.91 7.38 34.61
C PRO B 41 -11.19 5.91 34.32
N LEU B 42 -10.67 5.05 35.18
CA LEU B 42 -10.84 3.61 35.05
C LEU B 42 -11.57 3.05 36.26
N THR B 43 -12.31 1.97 36.04
CA THR B 43 -13.01 1.31 37.13
C THR B 43 -12.01 0.60 38.06
N GLU B 44 -12.51 0.15 39.20
CA GLU B 44 -11.65 -0.50 40.19
C GLU B 44 -11.05 -1.78 39.63
N GLU B 45 -11.89 -2.62 39.01
CA GLU B 45 -11.39 -3.90 38.50
C GLU B 45 -10.39 -3.72 37.38
N LYS B 46 -10.51 -2.64 36.60
CA LYS B 46 -9.56 -2.41 35.52
C LYS B 46 -8.22 -1.91 36.07
N ILE B 47 -8.25 -1.04 37.07
CA ILE B 47 -7.01 -0.55 37.67
C ILE B 47 -6.27 -1.69 38.35
N LYS B 48 -6.99 -2.52 39.12
CA LYS B 48 -6.34 -3.66 39.77
C LYS B 48 -5.77 -4.63 38.75
N ALA B 49 -6.46 -4.79 37.61
CA ALA B 49 -5.94 -5.67 36.57
C ALA B 49 -4.66 -5.11 35.95
N LEU B 50 -4.64 -3.80 35.70
CA LEU B 50 -3.47 -3.19 35.06
C LEU B 50 -2.27 -3.13 36.01
N VAL B 51 -2.52 -2.92 37.31
CA VAL B 51 -1.43 -2.90 38.26
C VAL B 51 -0.75 -4.26 38.33
N GLU B 52 -1.55 -5.33 38.31
CA GLU B 52 -0.98 -6.68 38.35
C GLU B 52 -0.27 -7.01 37.04
N ILE B 53 -0.84 -6.60 35.90
CA ILE B 53 -0.23 -6.91 34.61
C ILE B 53 1.07 -6.14 34.43
N CYS B 54 1.06 -4.84 34.75
CA CYS B 54 2.25 -4.03 34.57
C CYS B 54 3.37 -4.43 35.52
N THR B 55 3.02 -4.93 36.71
CA THR B 55 4.05 -5.41 37.62
C THR B 55 4.78 -6.60 37.03
N GLU B 56 4.04 -7.54 36.42
CA GLU B 56 4.67 -8.69 35.80
C GLU B 56 5.49 -8.27 34.57
N MET B 57 4.99 -7.30 33.80
CA MET B 57 5.73 -6.84 32.64
C MET B 57 7.00 -6.10 33.05
N GLU B 58 6.94 -5.33 34.14
CA GLU B 58 8.14 -4.63 34.60
C GLU B 58 9.17 -5.62 35.14
N LYS B 59 8.70 -6.66 35.84
CA LYS B 59 9.62 -7.69 36.33
C LYS B 59 10.30 -8.41 35.16
N GLU B 60 9.62 -8.53 34.03
CA GLU B 60 10.17 -9.16 32.84
C GLU B 60 10.89 -8.18 31.92
N GLY B 61 10.99 -6.92 32.31
CA GLY B 61 11.67 -5.92 31.52
C GLY B 61 10.92 -5.41 30.31
N LYS B 62 9.66 -5.81 30.12
CA LYS B 62 8.90 -5.35 28.96
C LYS B 62 8.59 -3.86 29.05
N ILE B 63 8.38 -3.35 30.26
CA ILE B 63 8.13 -1.93 30.48
C ILE B 63 9.00 -1.45 31.63
N SER B 64 9.16 -0.13 31.71
CA SER B 64 9.95 0.49 32.77
C SER B 64 9.25 1.75 33.24
N LYS B 65 9.36 2.04 34.53
CA LYS B 65 8.79 3.26 35.07
C LYS B 65 9.57 4.47 34.60
N ILE B 66 8.85 5.56 34.34
CA ILE B 66 9.43 6.80 33.85
C ILE B 66 8.92 7.95 34.71
N GLY B 67 9.44 9.14 34.44
CA GLY B 67 9.08 10.32 35.20
C GLY B 67 8.29 11.32 34.38
N PRO B 68 8.08 12.52 34.94
CA PRO B 68 7.32 13.54 34.22
C PRO B 68 8.09 14.26 33.13
N GLU B 69 9.40 14.03 33.00
CA GLU B 69 10.16 14.65 31.92
C GLU B 69 9.78 14.11 30.56
N ASN B 70 9.04 13.00 30.50
CA ASN B 70 8.49 12.50 29.25
C ASN B 70 7.15 13.19 29.01
N PRO B 71 7.06 14.13 28.07
CA PRO B 71 5.81 14.87 27.87
C PRO B 71 4.74 14.11 27.12
N TYR B 72 5.03 12.90 26.67
CA TYR B 72 4.10 12.12 25.87
C TYR B 72 3.30 11.16 26.74
N ASN B 73 2.10 10.82 26.28
CA ASN B 73 1.23 9.91 27.02
C ASN B 73 0.15 9.38 26.09
N THR B 74 -0.30 8.16 26.39
CA THR B 74 -1.31 7.46 25.62
C THR B 74 -2.23 6.73 26.58
N PRO B 75 -3.55 6.80 26.38
CA PRO B 75 -4.46 6.15 27.33
C PRO B 75 -4.29 4.65 27.36
N VAL B 76 -4.66 4.05 28.49
CA VAL B 76 -4.58 2.61 28.68
C VAL B 76 -5.82 2.17 29.46
N PHE B 77 -6.33 0.99 29.13
CA PHE B 77 -7.39 0.35 29.91
C PHE B 77 -7.27 -1.16 29.71
N ALA B 78 -8.31 -1.89 30.11
CA ALA B 78 -8.28 -3.34 30.04
C ALA B 78 -9.60 -3.86 29.49
N ILE B 79 -9.54 -5.00 28.80
CA ILE B 79 -10.70 -5.62 28.19
C ILE B 79 -10.67 -7.11 28.47
N LYS B 80 -11.78 -7.76 28.15
CA LYS B 80 -11.88 -9.22 28.12
C LYS B 80 -12.47 -9.63 26.78
N LYS B 81 -11.78 -10.53 26.07
CA LYS B 81 -12.28 -10.99 24.79
C LYS B 81 -13.51 -11.85 24.98
N LYS B 82 -14.18 -12.16 23.87
CA LYS B 82 -15.42 -12.95 23.93
C LYS B 82 -15.17 -14.29 24.59
N ASP B 83 -16.04 -14.63 25.55
CA ASP B 83 -15.98 -15.90 26.27
C ASP B 83 -14.61 -16.11 26.92
N SER B 84 -14.09 -15.05 27.52
CA SER B 84 -12.81 -15.09 28.20
C SER B 84 -12.92 -14.34 29.53
N THR B 85 -12.34 -14.93 30.58
CA THR B 85 -12.36 -14.34 31.90
C THR B 85 -11.03 -13.67 32.27
N LYS B 86 -10.10 -13.60 31.33
CA LYS B 86 -8.77 -13.07 31.60
C LYS B 86 -8.67 -11.63 31.13
N TRP B 87 -8.16 -10.75 31.99
CA TRP B 87 -7.96 -9.36 31.63
C TRP B 87 -6.83 -9.22 30.63
N ARG B 88 -7.02 -8.36 29.64
CA ARG B 88 -5.99 -8.05 28.66
C ARG B 88 -5.73 -6.55 28.68
N LYS B 89 -4.45 -6.18 28.73
CA LYS B 89 -4.07 -4.77 28.69
C LYS B 89 -4.22 -4.24 27.28
N LEU B 90 -4.86 -3.08 27.13
CA LEU B 90 -5.12 -2.49 25.83
C LEU B 90 -4.74 -1.02 25.88
N VAL B 91 -3.80 -0.64 25.01
CA VAL B 91 -3.33 0.74 24.91
C VAL B 91 -3.97 1.38 23.68
N ASP B 92 -4.51 2.58 23.85
CA ASP B 92 -5.17 3.30 22.77
C ASP B 92 -4.13 4.07 21.95
N PHE B 93 -3.37 3.31 21.17
CA PHE B 93 -2.32 3.86 20.33
C PHE B 93 -2.84 4.51 19.05
N ARG B 94 -4.11 4.91 19.00
CA ARG B 94 -4.66 5.49 17.77
C ARG B 94 -3.92 6.76 17.39
N GLU B 95 -3.57 7.59 18.37
CA GLU B 95 -2.86 8.82 18.07
C GLU B 95 -1.44 8.55 17.59
N LEU B 96 -0.73 7.64 18.26
CA LEU B 96 0.63 7.30 17.85
C LEU B 96 0.65 6.59 16.50
N ASN B 97 -0.39 5.82 16.17
CA ASN B 97 -0.39 5.06 14.94
C ASN B 97 -0.46 5.98 13.71
N LYS B 98 -1.34 6.97 13.73
CA LYS B 98 -1.42 7.89 12.61
C LYS B 98 -0.30 8.92 12.62
N ARG B 99 0.55 8.93 13.65
CA ARG B 99 1.76 9.73 13.66
C ARG B 99 2.99 8.96 13.21
N THR B 100 2.84 7.66 12.92
CA THR B 100 3.88 6.83 12.33
C THR B 100 3.35 6.13 11.09
N GLN B 101 2.50 6.83 10.32
CA GLN B 101 1.79 6.19 9.21
C GLN B 101 2.73 5.81 8.07
N ASP B 102 3.77 6.61 7.83
CA ASP B 102 4.71 6.29 6.75
C ASP B 102 5.64 5.14 7.09
N PHE B 103 5.48 4.51 8.25
CA PHE B 103 6.32 3.39 8.66
C PHE B 103 5.66 2.05 8.35
N TRP B 104 4.47 1.80 8.92
CA TRP B 104 3.77 0.54 8.72
C TRP B 104 2.93 0.51 7.45
N GLU B 105 3.12 1.44 6.53
CA GLU B 105 2.35 1.46 5.29
C GLU B 105 3.26 1.69 4.09
N VAL B 106 4.35 2.42 4.29
CA VAL B 106 5.26 2.76 3.19
C VAL B 106 6.52 1.90 3.27
N GLN B 107 7.23 1.98 4.40
CA GLN B 107 8.51 1.28 4.53
C GLN B 107 8.32 -0.22 4.64
N LEU B 108 7.77 -0.69 5.75
CA LEU B 108 7.57 -2.11 6.02
C LEU B 108 6.07 -2.40 6.04
N GLY B 109 5.48 -2.51 4.85
CA GLY B 109 4.07 -2.81 4.75
C GLY B 109 3.79 -4.30 4.58
N ILE B 110 2.59 -4.69 4.96
CA ILE B 110 2.13 -6.08 4.89
C ILE B 110 1.11 -6.16 3.76
N PRO B 111 1.35 -6.95 2.72
CA PRO B 111 0.38 -7.06 1.62
C PRO B 111 -0.88 -7.79 2.05
N HIS B 112 -2.02 -7.35 1.52
CA HIS B 112 -3.30 -7.93 1.90
C HIS B 112 -3.73 -8.97 0.88
N PRO B 113 -4.02 -10.20 1.29
CA PRO B 113 -4.43 -11.23 0.33
C PRO B 113 -5.89 -11.09 -0.04
N ALA B 114 -6.17 -11.05 -1.34
CA ALA B 114 -7.54 -10.91 -1.82
C ALA B 114 -8.35 -12.18 -1.62
N GLY B 115 -7.70 -13.32 -1.46
CA GLY B 115 -8.37 -14.60 -1.30
C GLY B 115 -8.83 -14.90 0.11
N LEU B 116 -8.45 -14.08 1.09
CA LEU B 116 -8.88 -14.33 2.46
C LEU B 116 -10.39 -14.27 2.60
N LYS B 117 -11.02 -13.29 1.95
CA LYS B 117 -12.48 -13.15 2.04
C LYS B 117 -13.22 -14.26 1.33
N LYS B 118 -12.57 -14.98 0.41
CA LYS B 118 -13.21 -16.05 -0.33
C LYS B 118 -13.14 -17.39 0.39
N LYS B 119 -12.34 -17.50 1.44
CA LYS B 119 -12.22 -18.76 2.17
C LYS B 119 -13.50 -19.08 2.93
N LYS B 120 -13.70 -20.37 3.18
CA LYS B 120 -14.92 -20.81 3.87
C LYS B 120 -14.86 -20.53 5.36
N SER B 121 -13.68 -20.65 5.97
CA SER B 121 -13.53 -20.43 7.40
C SER B 121 -12.22 -19.69 7.66
N VAL B 122 -12.30 -18.64 8.48
CA VAL B 122 -11.14 -17.84 8.86
C VAL B 122 -11.09 -17.75 10.38
N THR B 123 -9.97 -18.16 10.96
CA THR B 123 -9.78 -18.11 12.40
C THR B 123 -8.80 -16.99 12.74
N VAL B 124 -9.09 -16.26 13.82
CA VAL B 124 -8.28 -15.15 14.28
C VAL B 124 -7.52 -15.59 15.52
N LEU B 125 -6.19 -15.44 15.49
CA LEU B 125 -5.32 -15.87 16.58
C LEU B 125 -4.57 -14.66 17.13
N ASP B 126 -4.59 -14.51 18.45
CA ASP B 126 -3.86 -13.44 19.12
C ASP B 126 -2.40 -13.83 19.21
N VAL B 127 -1.55 -13.12 18.47
CA VAL B 127 -0.10 -13.36 18.47
C VAL B 127 0.68 -12.16 18.97
N GLY B 128 0.00 -11.18 19.57
CA GLY B 128 0.68 -9.99 20.07
C GLY B 128 1.71 -10.28 21.14
N ASP B 129 1.60 -11.41 21.84
CA ASP B 129 2.56 -11.75 22.87
C ASP B 129 3.95 -11.98 22.30
N ALA B 130 4.03 -12.40 21.03
CA ALA B 130 5.31 -12.61 20.39
C ALA B 130 6.07 -11.31 20.17
N TYR B 131 5.38 -10.17 20.15
CA TYR B 131 6.06 -8.90 19.93
C TYR B 131 6.92 -8.49 21.11
N PHE B 132 6.68 -9.06 22.29
CA PHE B 132 7.44 -8.71 23.49
C PHE B 132 8.87 -9.26 23.47
N SER B 133 9.21 -10.10 22.49
CA SER B 133 10.55 -10.66 22.41
C SER B 133 11.52 -9.81 21.60
N VAL B 134 11.03 -8.76 20.94
CA VAL B 134 11.86 -7.90 20.10
C VAL B 134 11.96 -6.55 20.78
N PRO B 135 13.18 -6.05 21.03
CA PRO B 135 13.31 -4.74 21.68
C PRO B 135 12.87 -3.62 20.76
N LEU B 136 12.54 -2.49 21.38
CA LEU B 136 12.12 -1.29 20.67
C LEU B 136 13.27 -0.29 20.62
N ASP B 137 13.28 0.52 19.57
CA ASP B 137 14.29 1.56 19.42
C ASP B 137 14.30 2.48 20.63
N GLU B 138 15.49 2.71 21.18
CA GLU B 138 15.61 3.53 22.38
C GLU B 138 15.09 4.95 22.13
N ASP B 139 15.34 5.49 20.94
CA ASP B 139 14.89 6.84 20.62
C ASP B 139 13.38 6.93 20.44
N PHE B 140 12.69 5.80 20.35
CA PHE B 140 11.25 5.78 20.12
C PHE B 140 10.45 5.37 21.35
N ARG B 141 11.10 4.86 22.39
CA ARG B 141 10.37 4.35 23.55
C ARG B 141 9.62 5.45 24.28
N LYS B 142 10.08 6.71 24.18
CA LYS B 142 9.42 7.79 24.89
C LYS B 142 8.02 8.07 24.35
N TYR B 143 7.71 7.63 23.13
CA TYR B 143 6.37 7.83 22.57
C TYR B 143 5.38 6.77 23.01
N THR B 144 5.82 5.70 23.67
CA THR B 144 4.94 4.64 24.14
C THR B 144 4.54 4.83 25.60
N ALA B 145 4.62 6.05 26.11
CA ALA B 145 4.35 6.30 27.52
C ALA B 145 2.85 6.22 27.82
N PHE B 146 2.51 5.64 28.96
CA PHE B 146 1.14 5.59 29.45
C PHE B 146 1.15 5.79 30.95
N THR B 147 -0.04 6.03 31.51
CA THR B 147 -0.18 6.39 32.92
C THR B 147 -1.32 5.60 33.53
N ILE B 148 -1.03 4.84 34.58
CA ILE B 148 -2.05 4.11 35.33
C ILE B 148 -2.64 5.04 36.37
N PRO B 149 -3.95 5.29 36.35
CA PRO B 149 -4.57 6.18 37.33
C PRO B 149 -4.79 5.44 38.65
N SER B 150 -5.27 6.20 39.65
CA SER B 150 -5.58 5.65 40.96
C SER B 150 -6.99 6.04 41.36
N ILE B 151 -7.65 5.17 42.11
CA ILE B 151 -9.00 5.45 42.58
C ILE B 151 -8.97 6.59 43.56
N ASN B 152 -9.87 7.57 43.37
CA ASN B 152 -10.00 8.74 44.22
C ASN B 152 -8.71 9.57 44.26
N ASN B 153 -7.82 9.34 43.29
CA ASN B 153 -6.54 10.04 43.22
C ASN B 153 -5.74 9.90 44.52
N GLU B 154 -5.75 8.69 45.08
CA GLU B 154 -4.97 8.42 46.28
C GLU B 154 -3.50 8.69 46.05
N THR B 155 -2.98 8.28 44.90
CA THR B 155 -1.59 8.49 44.50
C THR B 155 -1.58 9.17 43.15
N PRO B 156 -0.49 9.87 42.83
CA PRO B 156 -0.33 10.40 41.47
C PRO B 156 -0.29 9.27 40.45
N GLY B 157 -0.35 9.64 39.17
CA GLY B 157 -0.34 8.64 38.12
C GLY B 157 0.99 7.92 38.06
N ILE B 158 0.92 6.61 37.82
CA ILE B 158 2.10 5.76 37.70
C ILE B 158 2.40 5.60 36.23
N ARG B 159 3.55 6.14 35.80
CA ARG B 159 3.89 6.21 34.39
C ARG B 159 4.90 5.11 34.02
N TYR B 160 4.66 4.48 32.87
CA TYR B 160 5.56 3.49 32.30
C TYR B 160 5.85 3.86 30.85
N GLN B 161 6.82 3.13 30.27
CA GLN B 161 7.05 3.19 28.84
C GLN B 161 7.57 1.82 28.40
N TYR B 162 7.32 1.49 27.13
CA TYR B 162 7.65 0.17 26.63
C TYR B 162 9.12 0.06 26.25
N ASN B 163 9.72 -1.08 26.60
CA ASN B 163 11.08 -1.41 26.18
C ASN B 163 11.11 -2.36 25.00
N VAL B 164 9.99 -3.00 24.67
CA VAL B 164 9.89 -3.92 23.55
C VAL B 164 8.79 -3.44 22.62
N LEU B 165 8.49 -4.23 21.60
CA LEU B 165 7.40 -3.87 20.69
C LEU B 165 6.07 -3.93 21.43
N PRO B 166 5.31 -2.85 21.50
CA PRO B 166 4.06 -2.86 22.27
C PRO B 166 2.90 -3.41 21.45
N GLN B 167 2.00 -4.10 22.14
CA GLN B 167 0.75 -4.52 21.52
C GLN B 167 -0.12 -3.29 21.25
N GLY B 168 -0.79 -3.29 20.10
CA GLY B 168 -1.65 -2.19 19.72
C GLY B 168 -0.99 -1.11 18.88
N TRP B 169 0.32 -1.16 18.71
CA TRP B 169 1.03 -0.22 17.85
C TRP B 169 1.25 -0.86 16.49
N LYS B 170 0.85 -0.14 15.43
CA LYS B 170 0.93 -0.70 14.08
C LYS B 170 2.35 -0.96 13.64
N GLY B 171 3.35 -0.38 14.31
CA GLY B 171 4.73 -0.69 13.99
C GLY B 171 5.21 -2.02 14.52
N SER B 172 4.47 -2.63 15.46
CA SER B 172 4.90 -3.92 16.00
C SER B 172 4.81 -5.04 14.98
N PRO B 173 3.69 -5.28 14.29
CA PRO B 173 3.67 -6.34 13.27
C PRO B 173 4.55 -6.02 12.07
N ALA B 174 4.84 -4.74 11.81
CA ALA B 174 5.70 -4.39 10.68
C ALA B 174 7.15 -4.78 10.97
N ILE B 175 7.64 -4.52 12.18
CA ILE B 175 9.00 -4.90 12.53
C ILE B 175 9.11 -6.41 12.68
N PHE B 176 8.12 -7.03 13.33
CA PHE B 176 8.12 -8.47 13.53
C PHE B 176 7.80 -9.23 12.25
N GLN B 177 7.46 -8.53 11.16
CA GLN B 177 7.06 -9.22 9.93
C GLN B 177 8.16 -10.12 9.41
N SER B 178 9.42 -9.67 9.47
CA SER B 178 10.53 -10.52 9.06
C SER B 178 10.65 -11.75 9.95
N SER B 179 10.43 -11.57 11.26
CA SER B 179 10.46 -12.70 12.17
C SER B 179 9.27 -13.62 11.96
N MET B 180 8.09 -13.05 11.68
CA MET B 180 6.89 -13.85 11.49
C MET B 180 6.99 -14.71 10.23
N THR B 181 7.60 -14.17 9.18
CA THR B 181 7.69 -14.92 7.92
C THR B 181 8.50 -16.20 8.09
N LYS B 182 9.62 -16.12 8.82
CA LYS B 182 10.46 -17.30 9.02
C LYS B 182 9.77 -18.34 9.88
N ILE B 183 8.94 -17.91 10.83
CA ILE B 183 8.22 -18.87 11.68
C ILE B 183 7.12 -19.55 10.88
N LEU B 184 6.38 -18.80 10.09
CA LEU B 184 5.29 -19.34 9.28
C LEU B 184 5.78 -19.96 7.98
N GLU B 185 7.07 -19.90 7.69
CA GLU B 185 7.58 -20.46 6.43
C GLU B 185 7.35 -21.96 6.31
N PRO B 186 7.64 -22.79 7.32
CA PRO B 186 7.39 -24.23 7.15
C PRO B 186 5.91 -24.58 7.03
N PHE B 187 5.05 -23.89 7.78
CA PHE B 187 3.62 -24.23 7.77
C PHE B 187 2.99 -23.91 6.43
N LYS B 188 3.36 -22.79 5.81
CA LYS B 188 2.82 -22.43 4.51
C LYS B 188 3.28 -23.41 3.44
N LYS B 189 4.49 -23.97 3.56
CA LYS B 189 4.94 -24.99 2.62
C LYS B 189 4.16 -26.29 2.83
N GLN B 190 3.85 -26.62 4.08
CA GLN B 190 3.10 -27.83 4.37
C GLN B 190 1.67 -27.73 3.83
N ASN B 191 1.07 -26.54 3.90
CA ASN B 191 -0.29 -26.30 3.43
C ASN B 191 -0.29 -25.09 2.51
N PRO B 192 -0.08 -25.30 1.21
CA PRO B 192 -0.01 -24.16 0.27
C PRO B 192 -1.34 -23.49 0.00
N ASP B 193 -2.46 -24.11 0.37
CA ASP B 193 -3.77 -23.55 0.10
C ASP B 193 -4.30 -22.66 1.22
N ILE B 194 -3.63 -22.64 2.37
CA ILE B 194 -4.08 -21.84 3.50
C ILE B 194 -3.58 -20.41 3.37
N VAL B 195 -4.47 -19.44 3.50
CA VAL B 195 -4.13 -18.03 3.45
C VAL B 195 -3.97 -17.52 4.87
N ILE B 196 -2.84 -16.86 5.14
CA ILE B 196 -2.53 -16.32 6.46
C ILE B 196 -2.27 -14.83 6.31
N TYR B 197 -3.06 -14.02 7.02
CA TYR B 197 -2.92 -12.57 7.01
C TYR B 197 -2.69 -12.08 8.44
N GLN B 198 -1.79 -11.12 8.58
CA GLN B 198 -1.41 -10.56 9.86
C GLN B 198 -1.86 -9.11 9.93
N TYR B 199 -2.68 -8.77 10.93
CA TYR B 199 -3.12 -7.40 11.14
C TYR B 199 -3.10 -7.11 12.63
N MET B 200 -2.31 -6.11 13.03
CA MET B 200 -2.19 -5.65 14.43
C MET B 200 -1.72 -6.84 15.26
N ASP B 201 -2.32 -7.11 16.41
CA ASP B 201 -1.91 -8.22 17.26
C ASP B 201 -2.50 -9.55 16.82
N ASP B 202 -3.25 -9.58 15.72
CA ASP B 202 -4.00 -10.76 15.33
C ASP B 202 -3.39 -11.42 14.11
N LEU B 203 -3.78 -12.69 13.91
CA LEU B 203 -3.34 -13.49 12.77
C LEU B 203 -4.57 -14.14 12.17
N TYR B 204 -4.85 -13.83 10.91
CA TYR B 204 -6.04 -14.33 10.22
C TYR B 204 -5.65 -15.52 9.35
N VAL B 205 -6.23 -16.68 9.65
CA VAL B 205 -5.89 -17.93 8.99
C VAL B 205 -7.15 -18.47 8.33
N GLY B 206 -7.16 -18.51 7.01
CA GLY B 206 -8.33 -18.95 6.24
C GLY B 206 -8.01 -20.16 5.38
N SER B 207 -8.99 -21.05 5.25
CA SER B 207 -8.83 -22.24 4.42
C SER B 207 -10.20 -22.71 3.98
N ASP B 208 -10.21 -23.55 2.94
CA ASP B 208 -11.42 -24.15 2.44
C ASP B 208 -11.66 -25.56 2.99
N LEU B 209 -10.92 -25.96 4.01
CA LEU B 209 -11.09 -27.27 4.61
C LEU B 209 -12.40 -27.33 5.39
N GLU B 210 -12.80 -28.54 5.75
CA GLU B 210 -13.99 -28.72 6.56
C GLU B 210 -13.73 -28.26 7.99
N ILE B 211 -14.81 -28.15 8.77
CA ILE B 211 -14.72 -27.61 10.12
C ILE B 211 -13.74 -28.43 10.96
N GLY B 212 -13.84 -29.76 10.87
CA GLY B 212 -12.89 -30.60 11.60
C GLY B 212 -11.48 -30.47 11.06
N GLN B 213 -11.33 -30.45 9.74
CA GLN B 213 -10.01 -30.31 9.13
C GLN B 213 -9.42 -28.93 9.40
N HIS B 214 -10.25 -27.89 9.36
CA HIS B 214 -9.76 -26.53 9.58
C HIS B 214 -9.23 -26.37 11.00
N ARG B 215 -10.05 -26.71 12.01
CA ARG B 215 -9.63 -26.58 13.39
C ARG B 215 -8.41 -27.44 13.69
N THR B 216 -8.31 -28.60 13.03
CA THR B 216 -7.12 -29.43 13.20
C THR B 216 -5.88 -28.72 12.68
N LYS B 217 -5.98 -28.09 11.50
CA LYS B 217 -4.84 -27.35 10.95
C LYS B 217 -4.55 -26.08 11.75
N ILE B 218 -5.54 -25.53 12.45
CA ILE B 218 -5.29 -24.38 13.31
C ILE B 218 -4.44 -24.79 14.50
N GLU B 219 -4.73 -25.95 15.09
CA GLU B 219 -3.95 -26.43 16.23
C GLU B 219 -2.51 -26.74 15.83
N GLU B 220 -2.29 -27.23 14.60
CA GLU B 220 -0.94 -27.44 14.12
C GLU B 220 -0.18 -26.12 14.04
N LEU B 221 -0.87 -25.05 13.65
CA LEU B 221 -0.23 -23.74 13.60
C LEU B 221 0.07 -23.20 15.00
N ARG B 222 -0.78 -23.53 15.97
CA ARG B 222 -0.49 -23.12 17.35
C ARG B 222 0.78 -23.78 17.87
N GLN B 223 0.96 -25.07 17.57
CA GLN B 223 2.16 -25.77 18.00
C GLN B 223 3.40 -25.23 17.30
N HIS B 224 3.26 -24.74 16.07
CA HIS B 224 4.38 -24.10 15.40
C HIS B 224 4.82 -22.83 16.10
N LEU B 225 3.87 -22.11 16.71
CA LEU B 225 4.22 -20.91 17.46
C LEU B 225 4.73 -21.24 18.86
N LEU B 226 4.26 -22.34 19.44
CA LEU B 226 4.72 -22.73 20.77
C LEU B 226 6.18 -23.15 20.76
N ARG B 227 6.66 -23.73 19.67
CA ARG B 227 8.05 -24.15 19.57
C ARG B 227 8.94 -22.99 19.14
N TRP B 228 8.57 -21.77 19.53
CA TRP B 228 9.37 -20.59 19.26
C TRP B 228 9.35 -19.64 20.45
N PRO B 242 -0.47 -15.08 26.09
CA PRO B 242 -1.34 -15.90 26.94
C PRO B 242 -2.74 -16.06 26.37
N PHE B 243 -2.94 -15.63 25.13
CA PHE B 243 -4.23 -15.74 24.46
C PHE B 243 -4.16 -16.62 23.20
N LEU B 244 -3.12 -17.45 23.10
CA LEU B 244 -2.98 -18.31 21.93
C LEU B 244 -3.98 -19.46 21.94
N TRP B 245 -4.52 -19.82 23.11
CA TRP B 245 -5.48 -20.91 23.19
C TRP B 245 -6.84 -20.55 22.59
N MET B 246 -7.12 -19.26 22.42
CA MET B 246 -8.39 -18.82 21.88
C MET B 246 -8.36 -18.79 20.36
N GLY B 247 -9.52 -19.00 19.75
CA GLY B 247 -9.64 -18.98 18.31
C GLY B 247 -11.01 -18.49 17.85
N TYR B 248 -11.09 -17.20 17.52
CA TYR B 248 -12.35 -16.62 17.05
C TYR B 248 -12.55 -16.98 15.59
N GLU B 249 -13.61 -17.72 15.30
CA GLU B 249 -13.85 -18.24 13.95
C GLU B 249 -14.77 -17.31 13.16
N LEU B 250 -14.48 -17.18 11.86
CA LEU B 250 -15.26 -16.37 10.94
C LEU B 250 -15.67 -17.23 9.76
N HIS B 251 -16.63 -16.71 8.99
CA HIS B 251 -17.09 -17.36 7.76
C HIS B 251 -17.42 -16.28 6.75
N PRO B 252 -16.41 -15.74 6.06
CA PRO B 252 -16.67 -14.63 5.13
C PRO B 252 -17.54 -15.03 3.96
N ASP B 253 -17.56 -16.31 3.57
CA ASP B 253 -18.44 -16.75 2.50
C ASP B 253 -19.90 -16.67 2.89
N LYS B 254 -20.21 -16.64 4.19
CA LYS B 254 -21.57 -16.52 4.68
C LYS B 254 -21.98 -15.07 4.92
N TRP B 255 -21.10 -14.11 4.64
CA TRP B 255 -21.45 -12.71 4.84
C TRP B 255 -22.39 -12.24 3.74
N THR B 256 -23.45 -11.54 4.14
CA THR B 256 -24.49 -11.10 3.22
C THR B 256 -24.47 -9.58 3.08
N VAL B 257 -25.19 -9.09 2.08
CA VAL B 257 -25.34 -7.67 1.84
C VAL B 257 -26.82 -7.30 1.97
N GLN B 258 -27.07 -6.04 2.32
CA GLN B 258 -28.43 -5.55 2.50
C GLN B 258 -28.75 -4.55 1.40
N PRO B 259 -29.39 -4.97 0.31
CA PRO B 259 -29.71 -4.03 -0.77
C PRO B 259 -30.88 -3.14 -0.41
N ILE B 260 -31.04 -2.09 -1.20
CA ILE B 260 -32.19 -1.19 -1.07
C ILE B 260 -33.41 -1.89 -1.65
N VAL B 261 -34.44 -2.09 -0.83
CA VAL B 261 -35.64 -2.81 -1.23
C VAL B 261 -36.83 -1.88 -1.12
N LEU B 262 -37.78 -2.05 -2.03
CA LEU B 262 -39.01 -1.27 -2.03
C LEU B 262 -40.16 -2.10 -1.49
N PRO B 263 -41.11 -1.46 -0.80
CA PRO B 263 -42.26 -2.20 -0.27
C PRO B 263 -43.14 -2.73 -1.39
N GLU B 264 -43.91 -3.76 -1.05
CA GLU B 264 -44.86 -4.39 -1.97
C GLU B 264 -46.20 -4.49 -1.26
N LYS B 265 -47.12 -3.59 -1.59
CA LYS B 265 -48.43 -3.54 -0.97
C LYS B 265 -49.51 -3.87 -1.98
N ASP B 266 -50.65 -4.36 -1.48
CA ASP B 266 -51.79 -4.60 -2.35
C ASP B 266 -52.53 -3.31 -2.67
N SER B 267 -52.65 -2.42 -1.68
CA SER B 267 -53.22 -1.10 -1.87
C SER B 267 -52.22 -0.05 -1.41
N TRP B 268 -52.24 1.10 -2.09
CA TRP B 268 -51.32 2.20 -1.82
C TRP B 268 -52.10 3.45 -1.48
N THR B 269 -51.70 4.11 -0.39
CA THR B 269 -52.30 5.38 -0.01
C THR B 269 -51.40 6.53 -0.43
N VAL B 270 -51.94 7.75 -0.29
CA VAL B 270 -51.16 8.95 -0.60
C VAL B 270 -49.87 8.99 0.20
N ASN B 271 -49.96 8.67 1.49
CA ASN B 271 -48.78 8.68 2.35
C ASN B 271 -47.78 7.61 1.93
N ASP B 272 -48.27 6.45 1.50
CA ASP B 272 -47.38 5.39 1.03
C ASP B 272 -46.60 5.83 -0.20
N ILE B 273 -47.26 6.53 -1.13
CA ILE B 273 -46.58 6.94 -2.35
C ILE B 273 -45.64 8.11 -2.07
N GLN B 274 -46.03 9.01 -1.17
CA GLN B 274 -45.13 10.10 -0.78
C GLN B 274 -43.86 9.57 -0.14
N LYS B 275 -43.98 8.54 0.71
CA LYS B 275 -42.79 7.91 1.28
C LYS B 275 -41.99 7.19 0.20
N LEU B 276 -42.67 6.57 -0.76
CA LEU B 276 -41.98 5.83 -1.82
C LEU B 276 -41.22 6.79 -2.72
N VAL B 277 -41.84 7.90 -3.12
CA VAL B 277 -41.17 8.87 -3.98
C VAL B 277 -40.00 9.51 -3.26
N GLY B 278 -40.16 9.78 -1.96
CA GLY B 278 -39.06 10.32 -1.18
C GLY B 278 -37.89 9.35 -1.09
N LYS B 279 -38.19 8.06 -0.96
CA LYS B 279 -37.13 7.06 -0.91
C LYS B 279 -36.46 6.89 -2.27
N LEU B 280 -37.25 6.88 -3.34
CA LEU B 280 -36.69 6.74 -4.68
C LEU B 280 -35.89 7.97 -5.09
N ASN B 281 -36.29 9.16 -4.63
CA ASN B 281 -35.55 10.36 -4.96
C ASN B 281 -34.18 10.37 -4.30
N TRP B 282 -34.09 9.93 -3.05
CA TRP B 282 -32.80 9.84 -2.38
C TRP B 282 -31.94 8.75 -3.02
N ALA B 283 -32.57 7.65 -3.44
CA ALA B 283 -31.85 6.57 -4.10
C ALA B 283 -31.32 6.98 -5.47
N SER B 284 -31.88 8.04 -6.07
CA SER B 284 -31.39 8.51 -7.35
C SER B 284 -29.96 9.04 -7.27
N GLN B 285 -29.51 9.42 -6.06
CA GLN B 285 -28.12 9.81 -5.88
C GLN B 285 -27.17 8.62 -6.04
N ILE B 286 -27.68 7.40 -5.97
CA ILE B 286 -26.87 6.20 -6.14
C ILE B 286 -27.13 5.56 -7.50
N TYR B 287 -28.39 5.31 -7.84
CA TYR B 287 -28.75 4.77 -9.14
C TYR B 287 -29.36 5.89 -9.98
N PRO B 288 -28.65 6.40 -10.98
CA PRO B 288 -29.17 7.54 -11.74
C PRO B 288 -30.33 7.20 -12.67
N GLY B 289 -30.65 5.92 -12.85
CA GLY B 289 -31.74 5.52 -13.73
C GLY B 289 -33.11 5.49 -13.10
N ILE B 290 -33.22 5.78 -11.81
CA ILE B 290 -34.50 5.74 -11.12
C ILE B 290 -35.34 6.95 -11.51
N LYS B 291 -36.59 6.72 -11.86
CA LYS B 291 -37.51 7.78 -12.26
C LYS B 291 -38.70 7.82 -11.31
N VAL B 292 -39.27 9.01 -11.16
CA VAL B 292 -40.42 9.20 -10.28
C VAL B 292 -41.49 10.02 -11.00
N ARG B 293 -41.50 9.95 -12.33
CA ARG B 293 -42.48 10.71 -13.11
C ARG B 293 -43.88 10.16 -12.93
N GLN B 294 -44.07 8.89 -13.28
CA GLN B 294 -45.40 8.29 -13.22
C GLN B 294 -45.92 8.12 -11.80
N LEU B 295 -45.02 8.05 -10.81
CA LEU B 295 -45.48 7.91 -9.43
C LEU B 295 -45.89 9.26 -8.84
N SER B 296 -45.20 10.34 -9.20
CA SER B 296 -45.61 11.66 -8.76
C SER B 296 -46.93 12.08 -9.40
N LYS B 297 -47.25 11.55 -10.58
CA LYS B 297 -48.52 11.84 -11.23
C LYS B 297 -49.70 11.28 -10.45
N LEU B 298 -49.48 10.24 -9.63
CA LEU B 298 -50.56 9.73 -8.80
C LEU B 298 -50.93 10.68 -7.68
N LEU B 299 -50.04 11.59 -7.29
CA LEU B 299 -50.25 12.51 -6.19
C LEU B 299 -50.70 13.89 -6.67
N ARG B 300 -51.32 13.97 -7.84
CA ARG B 300 -51.79 15.26 -8.34
C ARG B 300 -52.94 15.76 -7.48
N GLY B 301 -52.79 16.97 -6.95
CA GLY B 301 -53.84 17.57 -6.14
C GLY B 301 -53.43 17.82 -4.71
N THR B 302 -54.42 17.98 -3.82
CA THR B 302 -54.20 18.17 -2.39
C THR B 302 -55.07 17.13 -1.68
N LYS B 303 -54.59 15.90 -1.64
CA LYS B 303 -55.36 14.77 -1.16
C LYS B 303 -55.03 14.45 0.29
N ALA B 304 -55.96 13.75 0.95
CA ALA B 304 -55.73 13.27 2.30
C ALA B 304 -54.70 12.16 2.29
N LEU B 305 -53.91 12.08 3.36
CA LEU B 305 -52.80 11.14 3.41
C LEU B 305 -53.28 9.69 3.37
N THR B 306 -54.42 9.40 4.00
CA THR B 306 -54.92 8.03 4.09
C THR B 306 -55.75 7.62 2.89
N GLU B 307 -55.97 8.52 1.93
CA GLU B 307 -56.76 8.18 0.75
C GLU B 307 -56.03 7.16 -0.10
N VAL B 308 -56.73 6.07 -0.44
CA VAL B 308 -56.15 4.99 -1.23
C VAL B 308 -56.06 5.44 -2.69
N ILE B 309 -54.90 5.22 -3.30
CA ILE B 309 -54.64 5.59 -4.68
C ILE B 309 -54.29 4.33 -5.46
N PRO B 310 -55.10 3.91 -6.43
CA PRO B 310 -54.72 2.75 -7.24
C PRO B 310 -53.60 3.10 -8.20
N LEU B 311 -52.67 2.17 -8.37
CA LEU B 311 -51.53 2.39 -9.26
C LEU B 311 -51.95 2.22 -10.71
N THR B 312 -51.63 3.20 -11.54
CA THR B 312 -51.98 3.15 -12.95
C THR B 312 -51.09 2.14 -13.67
N GLU B 313 -51.35 1.95 -14.96
CA GLU B 313 -50.56 1.02 -15.76
C GLU B 313 -49.13 1.52 -15.90
N GLU B 314 -48.94 2.83 -16.09
CA GLU B 314 -47.59 3.38 -16.21
C GLU B 314 -46.90 3.42 -14.85
N ALA B 315 -47.65 3.58 -13.76
CA ALA B 315 -47.05 3.58 -12.44
C ALA B 315 -46.53 2.19 -12.08
N GLU B 316 -47.29 1.15 -12.40
CA GLU B 316 -46.81 -0.21 -12.19
C GLU B 316 -45.58 -0.47 -13.05
N LEU B 317 -45.54 0.09 -14.27
CA LEU B 317 -44.39 -0.07 -15.14
C LEU B 317 -43.16 0.63 -14.57
N GLU B 318 -43.33 1.86 -14.07
CA GLU B 318 -42.19 2.60 -13.54
C GLU B 318 -41.69 1.98 -12.24
N LEU B 319 -42.60 1.47 -11.40
CA LEU B 319 -42.18 0.86 -10.15
C LEU B 319 -41.50 -0.48 -10.39
N ALA B 320 -41.92 -1.22 -11.41
CA ALA B 320 -41.26 -2.49 -11.72
C ALA B 320 -39.87 -2.25 -12.29
N GLU B 321 -39.69 -1.19 -13.08
CA GLU B 321 -38.38 -0.87 -13.61
C GLU B 321 -37.42 -0.44 -12.50
N ASN B 322 -37.91 0.34 -11.53
CA ASN B 322 -37.06 0.78 -10.44
C ASN B 322 -36.63 -0.36 -9.55
N ARG B 323 -37.46 -1.40 -9.41
CA ARG B 323 -37.07 -2.55 -8.61
C ARG B 323 -35.93 -3.33 -9.27
N GLU B 324 -35.85 -3.31 -10.60
CA GLU B 324 -34.77 -4.02 -11.28
C GLU B 324 -33.47 -3.24 -11.21
N ILE B 325 -33.54 -1.91 -11.27
CA ILE B 325 -32.33 -1.09 -11.17
C ILE B 325 -31.69 -1.26 -9.80
N LEU B 326 -32.49 -1.43 -8.75
CA LEU B 326 -31.95 -1.68 -7.43
C LEU B 326 -31.26 -3.03 -7.34
N LYS B 327 -31.56 -3.95 -8.25
CA LYS B 327 -30.83 -5.22 -8.29
C LYS B 327 -29.56 -5.11 -9.11
N GLU B 328 -29.51 -4.18 -10.07
CA GLU B 328 -28.30 -3.98 -10.86
C GLU B 328 -27.23 -3.32 -10.00
N PRO B 329 -25.96 -3.65 -10.24
CA PRO B 329 -24.88 -3.04 -9.44
C PRO B 329 -24.66 -1.58 -9.82
N VAL B 330 -24.03 -0.86 -8.91
CA VAL B 330 -23.74 0.55 -9.12
C VAL B 330 -22.52 0.69 -10.02
N HIS B 331 -22.59 1.63 -10.96
CA HIS B 331 -21.53 1.80 -11.94
C HIS B 331 -20.31 2.46 -11.32
N GLY B 332 -19.13 2.00 -11.73
CA GLY B 332 -17.89 2.63 -11.31
C GLY B 332 -17.63 2.58 -9.83
N VAL B 333 -17.90 1.46 -9.18
CA VAL B 333 -17.67 1.28 -7.75
C VAL B 333 -16.58 0.24 -7.58
N TYR B 334 -15.42 0.68 -7.08
CA TYR B 334 -14.33 -0.24 -6.81
C TYR B 334 -13.49 0.33 -5.67
N TYR B 335 -12.64 -0.52 -5.12
CA TYR B 335 -11.83 -0.15 -3.97
C TYR B 335 -10.56 0.56 -4.41
N ASP B 336 -10.29 1.72 -3.80
CA ASP B 336 -9.04 2.43 -4.02
C ASP B 336 -8.16 2.23 -2.80
N PRO B 337 -7.01 1.56 -2.92
CA PRO B 337 -6.19 1.29 -1.73
C PRO B 337 -5.59 2.55 -1.10
N SER B 338 -5.60 3.68 -1.80
CA SER B 338 -5.02 4.92 -1.27
C SER B 338 -6.02 5.76 -0.49
N LYS B 339 -7.30 5.39 -0.49
CA LYS B 339 -8.33 6.16 0.18
C LYS B 339 -8.74 5.48 1.48
N ASP B 340 -9.25 6.29 2.41
CA ASP B 340 -9.71 5.77 3.68
C ASP B 340 -11.11 5.18 3.55
N LEU B 341 -11.38 4.16 4.36
CA LEU B 341 -12.71 3.59 4.45
C LEU B 341 -13.56 4.36 5.45
N ILE B 342 -14.83 4.52 5.14
CA ILE B 342 -15.78 5.22 5.99
C ILE B 342 -16.97 4.30 6.23
N ALA B 343 -17.41 4.23 7.48
CA ALA B 343 -18.55 3.39 7.85
C ALA B 343 -19.60 4.25 8.54
N GLU B 344 -20.83 4.19 8.03
CA GLU B 344 -21.98 4.82 8.67
C GLU B 344 -22.91 3.74 9.20
N ILE B 345 -23.45 3.97 10.38
CA ILE B 345 -24.36 3.03 11.03
C ILE B 345 -25.67 3.76 11.33
N GLN B 346 -26.79 3.07 11.09
CA GLN B 346 -28.10 3.59 11.43
C GLN B 346 -28.77 2.67 12.44
N LYS B 347 -29.33 3.26 13.49
CA LYS B 347 -30.15 2.53 14.45
C LYS B 347 -31.56 2.41 13.88
N GLN B 348 -31.97 1.18 13.57
CA GLN B 348 -33.28 0.93 12.97
C GLN B 348 -34.35 0.56 13.98
N GLY B 349 -33.98 0.27 15.22
CA GLY B 349 -34.97 -0.12 16.21
C GLY B 349 -35.15 -1.63 16.27
N GLN B 350 -35.58 -2.10 17.44
CA GLN B 350 -35.88 -3.52 17.68
C GLN B 350 -34.67 -4.40 17.39
N GLY B 351 -33.48 -3.95 17.80
CA GLY B 351 -32.28 -4.71 17.60
C GLY B 351 -31.73 -4.72 16.19
N GLN B 352 -32.23 -3.86 15.31
CA GLN B 352 -31.80 -3.82 13.91
C GLN B 352 -30.83 -2.66 13.71
N TRP B 353 -29.73 -2.94 13.04
CA TRP B 353 -28.70 -1.93 12.75
C TRP B 353 -28.21 -2.13 11.33
N THR B 354 -28.30 -1.09 10.51
CA THR B 354 -27.80 -1.12 9.14
C THR B 354 -26.50 -0.33 9.05
N TYR B 355 -25.68 -0.68 8.05
CA TYR B 355 -24.39 -0.02 7.89
C TYR B 355 -23.98 -0.01 6.42
N GLN B 356 -23.17 0.99 6.07
CA GLN B 356 -22.63 1.13 4.73
C GLN B 356 -21.16 1.47 4.83
N ILE B 357 -20.36 0.84 3.98
CA ILE B 357 -18.92 1.10 3.90
C ILE B 357 -18.63 1.68 2.52
N TYR B 358 -17.95 2.82 2.49
CA TYR B 358 -17.65 3.49 1.24
C TYR B 358 -16.38 4.29 1.39
N GLN B 359 -15.81 4.67 0.25
CA GLN B 359 -14.71 5.63 0.19
C GLN B 359 -15.13 6.96 -0.40
N GLU B 360 -16.00 6.95 -1.41
CA GLU B 360 -16.64 8.11 -1.99
C GLU B 360 -18.13 8.06 -1.70
N PRO B 361 -18.77 9.21 -1.47
CA PRO B 361 -20.21 9.21 -1.15
C PRO B 361 -21.03 8.59 -2.26
N PHE B 362 -22.03 7.80 -1.86
CA PHE B 362 -22.94 7.07 -2.74
C PHE B 362 -22.20 6.04 -3.60
N LYS B 363 -20.96 5.72 -3.26
CA LYS B 363 -20.21 4.65 -3.90
C LYS B 363 -19.89 3.59 -2.84
N ASN B 364 -20.94 2.96 -2.32
CA ASN B 364 -20.77 2.00 -1.24
C ASN B 364 -20.07 0.75 -1.72
N LEU B 365 -18.97 0.38 -1.05
CA LEU B 365 -18.31 -0.88 -1.33
C LEU B 365 -19.02 -2.06 -0.69
N LYS B 366 -19.80 -1.83 0.35
CA LYS B 366 -20.55 -2.88 1.02
C LYS B 366 -21.62 -2.26 1.91
N THR B 367 -22.82 -2.84 1.87
CA THR B 367 -23.90 -2.50 2.80
C THR B 367 -24.35 -3.77 3.50
N GLY B 368 -24.81 -3.61 4.75
CA GLY B 368 -25.24 -4.77 5.50
C GLY B 368 -26.19 -4.38 6.62
N LYS B 369 -26.63 -5.40 7.35
CA LYS B 369 -27.54 -5.21 8.46
C LYS B 369 -27.24 -6.25 9.53
N TYR B 370 -27.30 -5.83 10.80
CA TYR B 370 -27.13 -6.71 11.94
C TYR B 370 -28.42 -6.75 12.75
N ALA B 371 -28.70 -7.91 13.34
CA ALA B 371 -29.91 -8.07 14.12
C ALA B 371 -29.64 -9.04 15.26
N ARG B 372 -30.30 -8.78 16.40
CA ARG B 372 -30.30 -9.68 17.55
C ARG B 372 -28.89 -9.93 18.07
N MET B 373 -28.08 -8.87 18.13
CA MET B 373 -26.76 -8.95 18.72
C MET B 373 -26.90 -8.91 20.24
N ARG B 374 -25.75 -9.05 20.93
CA ARG B 374 -25.77 -8.97 22.38
C ARG B 374 -26.23 -7.59 22.83
N GLY B 375 -27.08 -7.57 23.86
CA GLY B 375 -27.70 -6.34 24.32
C GLY B 375 -28.93 -5.92 23.55
N ALA B 376 -29.42 -6.74 22.64
CA ALA B 376 -30.63 -6.40 21.89
C ALA B 376 -31.80 -6.23 22.84
N HIS B 377 -32.60 -5.18 22.58
CA HIS B 377 -33.79 -4.84 23.35
C HIS B 377 -33.49 -4.40 24.78
N THR B 378 -32.27 -3.98 25.07
CA THR B 378 -31.97 -3.53 26.42
C THR B 378 -30.84 -2.50 26.47
N ASN B 379 -29.85 -2.60 25.59
CA ASN B 379 -28.67 -1.73 25.64
C ASN B 379 -28.26 -1.34 24.23
N ASP B 380 -28.42 -0.05 23.90
CA ASP B 380 -28.01 0.45 22.59
C ASP B 380 -26.49 0.52 22.47
N VAL B 381 -25.81 0.91 23.54
CA VAL B 381 -24.37 1.12 23.47
C VAL B 381 -23.64 -0.21 23.26
N LYS B 382 -24.09 -1.27 23.94
CA LYS B 382 -23.47 -2.57 23.72
C LYS B 382 -23.69 -3.07 22.30
N GLN B 383 -24.89 -2.86 21.76
CA GLN B 383 -25.16 -3.26 20.38
C GLN B 383 -24.30 -2.45 19.41
N LEU B 384 -24.27 -1.14 19.60
CA LEU B 384 -23.44 -0.29 18.73
C LEU B 384 -21.98 -0.68 18.83
N THR B 385 -21.50 -0.97 20.03
CA THR B 385 -20.13 -1.45 20.20
C THR B 385 -19.92 -2.76 19.45
N GLU B 386 -20.85 -3.69 19.60
CA GLU B 386 -20.75 -4.96 18.87
C GLU B 386 -20.75 -4.73 17.37
N ALA B 387 -21.60 -3.82 16.88
CA ALA B 387 -21.67 -3.57 15.44
C ALA B 387 -20.37 -2.99 14.92
N VAL B 388 -19.77 -2.04 15.66
CA VAL B 388 -18.51 -1.45 15.24
C VAL B 388 -17.43 -2.52 15.13
N GLN B 389 -17.36 -3.43 16.12
CA GLN B 389 -16.36 -4.48 16.08
C GLN B 389 -16.59 -5.42 14.90
N LYS B 390 -17.84 -5.75 14.60
CA LYS B 390 -18.13 -6.61 13.46
C LYS B 390 -17.72 -5.95 12.15
N ILE B 391 -18.10 -4.68 11.96
CA ILE B 391 -17.79 -3.98 10.72
C ILE B 391 -16.28 -3.87 10.55
N THR B 392 -15.56 -3.55 11.62
CA THR B 392 -14.11 -3.44 11.54
C THR B 392 -13.48 -4.78 11.16
N THR B 393 -13.95 -5.87 11.75
CA THR B 393 -13.44 -7.19 11.41
C THR B 393 -13.66 -7.51 9.94
N GLU B 394 -14.87 -7.21 9.43
CA GLU B 394 -15.13 -7.43 8.01
C GLU B 394 -14.19 -6.61 7.14
N SER B 395 -13.94 -5.36 7.52
CA SER B 395 -13.05 -4.50 6.73
C SER B 395 -11.62 -5.00 6.74
N ILE B 396 -11.17 -5.59 7.85
CA ILE B 396 -9.82 -6.16 7.90
C ILE B 396 -9.71 -7.34 6.96
N VAL B 397 -10.74 -8.17 6.90
CA VAL B 397 -10.71 -9.36 6.04
C VAL B 397 -10.79 -8.96 4.58
N ILE B 398 -11.65 -8.00 4.24
CA ILE B 398 -11.91 -7.69 2.84
C ILE B 398 -10.84 -6.78 2.26
N TRP B 399 -10.45 -5.73 3.00
CA TRP B 399 -9.53 -4.74 2.46
C TRP B 399 -8.24 -4.58 3.26
N GLY B 400 -8.17 -5.11 4.48
CA GLY B 400 -6.99 -4.91 5.29
C GLY B 400 -6.91 -3.55 5.94
N LYS B 401 -8.01 -2.82 6.02
CA LYS B 401 -8.07 -1.51 6.65
C LYS B 401 -9.19 -1.49 7.67
N THR B 402 -9.08 -0.58 8.62
CA THR B 402 -10.20 -0.31 9.52
C THR B 402 -10.85 1.00 9.12
N PRO B 403 -12.18 1.05 9.00
CA PRO B 403 -12.83 2.28 8.57
C PRO B 403 -12.93 3.29 9.71
N LYS B 404 -13.10 4.54 9.33
CA LYS B 404 -13.49 5.58 10.28
C LYS B 404 -15.00 5.59 10.39
N PHE B 405 -15.50 5.48 11.61
CA PHE B 405 -16.93 5.32 11.84
C PHE B 405 -17.61 6.65 12.08
N LYS B 406 -18.83 6.77 11.58
CA LYS B 406 -19.73 7.86 11.92
C LYS B 406 -20.81 7.25 12.81
N LEU B 407 -20.72 7.54 14.12
CA LEU B 407 -21.54 6.83 15.10
C LEU B 407 -22.81 7.61 15.39
N PRO B 408 -23.97 6.97 15.34
CA PRO B 408 -25.25 7.64 15.69
C PRO B 408 -25.47 7.68 17.19
N ILE B 409 -24.69 8.52 17.87
CA ILE B 409 -24.71 8.59 19.33
C ILE B 409 -24.07 9.90 19.74
N GLN B 410 -24.48 10.42 20.90
CA GLN B 410 -23.82 11.58 21.47
C GLN B 410 -22.44 11.20 21.98
N LYS B 411 -21.50 12.14 21.84
CA LYS B 411 -20.11 11.88 22.23
C LYS B 411 -19.99 11.47 23.69
N GLU B 412 -20.67 12.19 24.58
CA GLU B 412 -20.56 11.91 26.00
C GLU B 412 -21.17 10.56 26.36
N THR B 413 -22.21 10.13 25.64
CA THR B 413 -22.79 8.82 25.88
C THR B 413 -21.83 7.71 25.48
N TRP B 414 -21.22 7.84 24.31
CA TRP B 414 -20.30 6.80 23.83
C TRP B 414 -19.05 6.74 24.71
N GLU B 415 -18.46 7.89 25.03
CA GLU B 415 -17.23 7.93 25.81
C GLU B 415 -17.44 7.48 27.25
N THR B 416 -18.68 7.34 27.70
CA THR B 416 -18.94 6.87 29.07
C THR B 416 -18.98 5.36 29.17
N TRP B 417 -19.44 4.66 28.13
CA TRP B 417 -19.74 3.24 28.24
C TRP B 417 -18.98 2.33 27.30
N TRP B 418 -18.36 2.85 26.24
CA TRP B 418 -17.90 1.96 25.16
C TRP B 418 -16.81 1.00 25.65
N THR B 419 -15.93 1.45 26.55
CA THR B 419 -14.87 0.57 27.04
C THR B 419 -15.42 -0.59 27.86
N GLU B 420 -16.63 -0.46 28.42
CA GLU B 420 -17.23 -1.55 29.17
C GLU B 420 -17.61 -2.73 28.29
N TYR B 421 -17.78 -2.52 26.99
CA TYR B 421 -18.25 -3.56 26.09
C TYR B 421 -17.26 -3.88 24.98
N TRP B 422 -16.07 -3.27 24.99
CA TRP B 422 -15.10 -3.50 23.94
C TRP B 422 -14.39 -4.83 24.18
N GLN B 423 -14.27 -5.64 23.13
CA GLN B 423 -13.67 -6.97 23.22
C GLN B 423 -12.61 -7.20 22.16
N ALA B 424 -12.10 -6.14 21.55
CA ALA B 424 -11.11 -6.24 20.49
C ALA B 424 -9.79 -5.61 20.93
N THR B 425 -8.70 -6.08 20.33
CA THR B 425 -7.36 -5.58 20.65
C THR B 425 -6.97 -4.37 19.80
N TRP B 426 -7.79 -3.98 18.83
CA TRP B 426 -7.60 -2.75 18.09
C TRP B 426 -8.75 -1.79 18.38
N ILE B 427 -8.55 -0.53 18.00
CA ILE B 427 -9.57 0.50 18.16
C ILE B 427 -9.64 1.33 16.87
N PRO B 428 -10.77 1.37 16.19
CA PRO B 428 -10.88 2.19 14.97
C PRO B 428 -11.12 3.66 15.31
N GLU B 429 -10.94 4.50 14.30
CA GLU B 429 -11.30 5.90 14.40
C GLU B 429 -12.81 6.05 14.31
N TRP B 430 -13.34 7.09 14.97
CA TRP B 430 -14.77 7.34 14.90
C TRP B 430 -15.06 8.81 15.12
N GLU B 431 -16.21 9.24 14.59
CA GLU B 431 -16.77 10.55 14.84
C GLU B 431 -18.25 10.37 15.19
N PHE B 432 -18.90 11.46 15.60
CA PHE B 432 -20.26 11.41 16.10
C PHE B 432 -21.17 12.29 15.25
N VAL B 433 -22.30 11.72 14.84
CA VAL B 433 -23.26 12.40 13.97
C VAL B 433 -24.63 12.37 14.62
N ASN B 434 -25.55 13.17 14.06
CA ASN B 434 -26.93 13.20 14.51
C ASN B 434 -27.79 13.52 13.28
N THR B 435 -28.26 12.47 12.62
CA THR B 435 -29.09 12.60 11.42
C THR B 435 -30.45 11.97 11.66
N PRO B 436 -31.48 12.77 11.90
CA PRO B 436 -32.83 12.21 12.08
C PRO B 436 -33.28 11.47 10.84
N PRO B 437 -34.02 10.37 11.00
CA PRO B 437 -34.44 9.59 9.82
C PRO B 437 -35.61 10.22 9.09
N LEU B 438 -35.32 11.02 8.06
CA LEU B 438 -36.38 11.62 7.26
C LEU B 438 -37.07 10.59 6.39
N VAL B 439 -36.36 9.52 6.02
CA VAL B 439 -36.92 8.44 5.21
C VAL B 439 -36.10 7.18 5.46
N LYS B 440 -36.78 6.06 5.71
CA LYS B 440 -36.13 4.78 5.96
C LYS B 440 -35.51 4.28 4.66
N LEU B 441 -34.20 4.51 4.50
CA LEU B 441 -33.53 4.20 3.25
C LEU B 441 -33.07 2.74 3.21
N TRP B 442 -32.41 2.29 4.26
CA TRP B 442 -31.74 1.00 4.28
C TRP B 442 -32.55 -0.10 4.95
N TYR B 443 -33.73 0.23 5.50
CA TYR B 443 -34.55 -0.77 6.18
C TYR B 443 -35.96 -0.19 6.28
N GLN B 444 -36.85 -0.65 5.41
CA GLN B 444 -38.22 -0.15 5.38
C GLN B 444 -38.95 -0.41 6.68
P DDG D 21 -4.45 22.12 51.15
OP1 DDG D 21 -4.39 21.57 52.55
OP2 DDG D 21 -4.82 23.58 51.20
O5' DDG D 21 -3.04 21.96 50.47
C5' DDG D 21 -2.55 20.67 50.25
C4' DDG D 21 -1.47 20.70 49.19
O4' DDG D 21 -1.97 21.11 48.08
C3' DDG D 21 -0.34 21.78 49.62
C2' DDG D 21 0.15 22.23 48.53
C1' DDG D 21 -0.94 22.05 47.47
N9 DDG D 21 -1.48 23.22 47.20
C8 DDG D 21 -2.45 23.99 47.72
N7 DDG D 21 -2.54 25.12 46.97
C5 DDG D 21 -1.62 25.04 45.98
C6 DDG D 21 -1.26 25.98 44.86
O6 DDG D 21 -1.85 27.03 44.74
N1 DDG D 21 -0.24 25.63 43.96
C2 DDG D 21 0.44 24.39 44.11
N2 DDG D 21 1.47 24.04 43.21
N3 DDG D 21 0.09 23.50 45.19
C4 DDG D 21 -0.96 23.86 46.12
N MET E 1 66.36 0.60 -31.65
CA MET E 1 66.23 0.30 -30.23
C MET E 1 65.22 1.24 -29.57
N VAL E 2 63.97 0.81 -29.52
CA VAL E 2 62.89 1.62 -28.95
C VAL E 2 62.44 0.97 -27.64
N PRO E 3 62.23 1.74 -26.58
CA PRO E 3 61.75 1.17 -25.32
C PRO E 3 60.41 0.47 -25.49
N ILE E 4 60.23 -0.61 -24.74
CA ILE E 4 58.99 -1.38 -24.79
C ILE E 4 57.95 -0.75 -23.88
N SER E 5 56.70 -0.73 -24.33
CA SER E 5 55.61 -0.16 -23.54
C SER E 5 55.22 -1.12 -22.41
N PRO E 6 54.88 -0.59 -21.23
CA PRO E 6 54.45 -1.48 -20.13
C PRO E 6 53.13 -2.18 -20.40
N ILE E 7 52.33 -1.70 -21.34
CA ILE E 7 51.04 -2.29 -21.65
C ILE E 7 51.24 -3.41 -22.67
N GLU E 8 50.68 -4.58 -22.38
CA GLU E 8 50.79 -5.70 -23.30
C GLU E 8 50.02 -5.42 -24.59
N THR E 9 50.58 -5.87 -25.71
CA THR E 9 49.97 -5.64 -27.00
C THR E 9 48.84 -6.64 -27.24
N VAL E 10 47.93 -6.26 -28.15
CA VAL E 10 46.81 -7.10 -28.56
C VAL E 10 47.07 -7.55 -30.00
N PRO E 11 47.29 -8.85 -30.24
CA PRO E 11 47.56 -9.32 -31.61
C PRO E 11 46.35 -9.11 -32.50
N VAL E 12 46.52 -8.30 -33.54
CA VAL E 12 45.46 -7.96 -34.47
C VAL E 12 45.90 -8.34 -35.87
N LYS E 13 45.07 -9.10 -36.59
CA LYS E 13 45.33 -9.51 -37.95
C LYS E 13 44.39 -8.77 -38.90
N LEU E 14 44.26 -9.28 -40.12
CA LEU E 14 43.33 -8.74 -41.10
C LEU E 14 42.53 -9.88 -41.71
N LYS E 15 41.52 -9.53 -42.48
CA LYS E 15 40.73 -10.53 -43.18
C LYS E 15 41.60 -11.19 -44.26
N PRO E 16 41.64 -12.51 -44.33
CA PRO E 16 42.53 -13.17 -45.30
C PRO E 16 42.11 -12.87 -46.73
N GLY E 17 43.08 -12.45 -47.54
CA GLY E 17 42.85 -12.11 -48.93
C GLY E 17 42.78 -10.64 -49.23
N MET E 18 43.02 -9.78 -48.24
CA MET E 18 42.96 -8.34 -48.43
C MET E 18 44.26 -7.71 -47.91
N ASP E 19 44.69 -6.65 -48.59
CA ASP E 19 45.90 -5.94 -48.25
C ASP E 19 45.54 -4.72 -47.39
N GLY E 20 46.41 -3.71 -47.39
CA GLY E 20 46.20 -2.52 -46.60
C GLY E 20 45.57 -1.39 -47.38
N PRO E 21 45.32 -0.27 -46.71
CA PRO E 21 44.65 0.85 -47.37
C PRO E 21 45.60 1.61 -48.30
N LYS E 22 45.05 2.05 -49.44
CA LYS E 22 45.79 2.82 -50.43
C LYS E 22 44.88 3.95 -50.92
N VAL E 23 44.63 4.92 -50.05
CA VAL E 23 43.73 6.04 -50.33
C VAL E 23 44.54 7.32 -50.32
N LYS E 24 44.23 8.21 -51.26
CA LYS E 24 44.93 9.48 -51.39
C LYS E 24 44.41 10.48 -50.35
N GLN E 25 45.25 11.47 -50.05
CA GLN E 25 44.90 12.48 -49.06
C GLN E 25 43.79 13.39 -49.57
N TRP E 26 43.14 14.09 -48.64
CA TRP E 26 42.08 15.05 -48.94
C TRP E 26 42.62 16.46 -48.85
N PRO E 27 42.38 17.31 -49.85
CA PRO E 27 42.80 18.71 -49.76
C PRO E 27 42.09 19.46 -48.65
N LEU E 28 42.81 19.80 -47.58
CA LEU E 28 42.24 20.46 -46.43
C LEU E 28 42.73 21.90 -46.33
N THR E 29 42.17 22.62 -45.36
CA THR E 29 42.52 24.02 -45.15
C THR E 29 43.88 24.13 -44.48
N GLU E 30 44.51 25.30 -44.65
CA GLU E 30 45.82 25.54 -44.04
C GLU E 30 45.73 25.64 -42.53
N GLU E 31 44.55 25.91 -41.97
CA GLU E 31 44.40 25.91 -40.52
C GLU E 31 44.64 24.52 -39.94
N LYS E 32 44.12 23.49 -40.61
CA LYS E 32 44.34 22.12 -40.15
C LYS E 32 45.79 21.70 -40.35
N ILE E 33 46.49 22.33 -41.30
CA ILE E 33 47.87 21.96 -41.59
C ILE E 33 48.79 22.38 -40.46
N LYS E 34 48.62 23.61 -39.97
CA LYS E 34 49.46 24.14 -38.90
C LYS E 34 49.10 23.57 -37.53
N ALA E 35 48.18 22.61 -37.47
CA ALA E 35 47.82 21.95 -36.22
C ALA E 35 48.19 20.47 -36.18
N LEU E 36 48.58 19.88 -37.31
CA LEU E 36 48.95 18.47 -37.36
C LEU E 36 50.45 18.24 -37.42
N VAL E 37 51.21 19.16 -38.04
CA VAL E 37 52.65 19.01 -38.08
C VAL E 37 53.25 19.12 -36.68
N GLU E 38 52.62 19.90 -35.81
CA GLU E 38 53.11 20.01 -34.44
C GLU E 38 52.82 18.74 -33.64
N ILE E 39 51.69 18.08 -33.91
CA ILE E 39 51.35 16.87 -33.18
C ILE E 39 52.22 15.71 -33.60
N CYS E 40 52.44 15.55 -34.92
CA CYS E 40 53.24 14.44 -35.41
C CYS E 40 54.70 14.55 -34.98
N THR E 41 55.20 15.77 -34.79
CA THR E 41 56.57 15.93 -34.32
C THR E 41 56.69 15.62 -32.84
N GLU E 42 55.70 16.00 -32.04
CA GLU E 42 55.73 15.69 -30.62
C GLU E 42 55.60 14.19 -30.38
N MET E 43 54.64 13.54 -31.05
CA MET E 43 54.48 12.11 -30.90
C MET E 43 55.69 11.35 -31.43
N GLU E 44 56.42 11.94 -32.39
CA GLU E 44 57.65 11.31 -32.88
C GLU E 44 58.72 11.32 -31.80
N LYS E 45 58.88 12.42 -31.08
CA LYS E 45 59.87 12.48 -30.02
C LYS E 45 59.41 11.68 -28.80
N GLU E 46 58.11 11.52 -28.62
CA GLU E 46 57.56 10.75 -27.50
C GLU E 46 57.46 9.26 -27.80
N GLY E 47 57.91 8.82 -28.97
CA GLY E 47 57.86 7.42 -29.33
C GLY E 47 56.51 6.93 -29.81
N LYS E 48 55.47 7.75 -29.75
CA LYS E 48 54.14 7.36 -30.19
C LYS E 48 53.99 7.30 -31.70
N ILE E 49 54.95 7.84 -32.44
CA ILE E 49 54.89 7.87 -33.90
C ILE E 49 56.30 7.65 -34.45
N SER E 50 56.43 6.75 -35.41
CA SER E 50 57.69 6.49 -36.09
C SER E 50 57.57 6.86 -37.56
N LYS E 51 58.67 7.34 -38.12
CA LYS E 51 58.71 7.74 -39.53
C LYS E 51 59.02 6.53 -40.41
N ILE E 52 58.52 6.59 -41.64
CA ILE E 52 58.68 5.51 -42.61
C ILE E 52 59.19 6.09 -43.92
N GLY E 53 59.63 5.19 -44.80
CA GLY E 53 60.17 5.59 -46.09
C GLY E 53 59.38 5.01 -47.24
N PRO E 54 60.06 4.72 -48.36
CA PRO E 54 59.37 4.17 -49.53
C PRO E 54 58.99 2.70 -49.41
N GLU E 55 59.33 2.04 -48.31
CA GLU E 55 59.04 0.62 -48.13
C GLU E 55 57.63 0.38 -47.58
N ASN E 56 56.82 1.42 -47.46
CA ASN E 56 55.46 1.32 -46.91
C ASN E 56 54.49 1.75 -48.00
N PRO E 57 54.00 0.81 -48.83
CA PRO E 57 53.11 1.15 -49.96
C PRO E 57 51.65 1.33 -49.55
N TYR E 58 51.42 2.16 -48.54
CA TYR E 58 50.07 2.41 -48.05
C TYR E 58 49.90 3.89 -47.74
N ASN E 59 48.65 4.33 -47.69
CA ASN E 59 48.33 5.72 -47.38
C ASN E 59 46.87 5.80 -46.95
N THR E 60 46.58 6.77 -46.08
CA THR E 60 45.25 6.97 -45.54
C THR E 60 45.05 8.44 -45.23
N PRO E 61 43.95 9.05 -45.68
CA PRO E 61 43.73 10.47 -45.40
C PRO E 61 43.39 10.72 -43.94
N VAL E 62 43.74 11.92 -43.47
CA VAL E 62 43.51 12.34 -42.10
C VAL E 62 42.92 13.74 -42.10
N PHE E 63 42.41 14.15 -40.94
CA PHE E 63 41.93 15.51 -40.72
C PHE E 63 41.85 15.74 -39.22
N ALA E 64 41.19 16.81 -38.82
CA ALA E 64 41.10 17.16 -37.40
C ALA E 64 39.87 18.03 -37.16
N CYS E 65 39.28 17.88 -35.97
CA CYS E 65 38.16 18.68 -35.54
C CYS E 65 38.44 19.25 -34.16
N LYS E 66 37.87 20.42 -33.88
CA LYS E 66 38.12 21.11 -32.63
C LYS E 66 37.51 20.34 -31.47
N LYS E 67 38.36 19.94 -30.51
CA LYS E 67 37.86 19.32 -29.28
C LYS E 67 36.95 20.32 -28.57
N LYS E 68 35.64 20.11 -28.69
CA LYS E 68 34.68 21.09 -28.21
C LYS E 68 34.83 21.32 -26.71
N ASP E 69 34.51 22.54 -26.28
CA ASP E 69 34.69 22.97 -24.89
C ASP E 69 36.16 22.86 -24.46
N SER E 70 37.06 23.15 -25.40
CA SER E 70 38.49 23.15 -25.14
C SER E 70 39.16 23.95 -26.25
N THR E 71 40.47 24.18 -26.07
CA THR E 71 41.24 24.95 -27.04
C THR E 71 42.10 24.08 -27.94
N LYS E 72 42.29 22.80 -27.62
CA LYS E 72 43.19 21.94 -28.36
C LYS E 72 42.49 21.40 -29.61
N TRP E 73 43.12 20.40 -30.24
CA TRP E 73 42.61 19.82 -31.47
C TRP E 73 42.72 18.31 -31.39
N ARG E 74 41.69 17.61 -31.88
CA ARG E 74 41.66 16.16 -31.92
C ARG E 74 42.04 15.69 -33.32
N LYS E 75 43.03 14.80 -33.40
CA LYS E 75 43.46 14.24 -34.67
C LYS E 75 42.59 13.06 -35.04
N LEU E 76 42.07 13.06 -36.27
CA LEU E 76 41.17 12.03 -36.75
C LEU E 76 41.77 11.37 -37.99
N VAL E 77 41.72 10.04 -38.03
CA VAL E 77 42.19 9.26 -39.16
C VAL E 77 40.99 8.60 -39.81
N ASP E 78 40.88 8.76 -41.14
CA ASP E 78 39.74 8.21 -41.89
C ASP E 78 40.10 6.78 -42.30
N PHE E 79 39.98 5.87 -41.33
CA PHE E 79 40.27 4.45 -41.55
C PHE E 79 39.07 3.67 -42.05
N ARG E 80 38.19 4.29 -42.83
CA ARG E 80 37.01 3.57 -43.32
C ARG E 80 37.39 2.43 -44.24
N GLU E 81 38.45 2.57 -45.03
CA GLU E 81 38.89 1.48 -45.89
C GLU E 81 39.69 0.44 -45.11
N LEU E 82 40.45 0.86 -44.09
CA LEU E 82 41.17 -0.10 -43.26
C LEU E 82 40.21 -0.94 -42.42
N ASN E 83 39.11 -0.34 -41.95
CA ASN E 83 38.16 -1.09 -41.14
C ASN E 83 37.46 -2.18 -41.95
N LYS E 84 37.24 -1.95 -43.24
CA LYS E 84 36.63 -2.98 -44.08
C LYS E 84 37.52 -4.20 -44.26
N ARG E 85 38.84 -4.04 -44.09
CA ARG E 85 39.78 -5.13 -44.25
C ARG E 85 40.37 -5.62 -42.95
N THR E 86 40.11 -4.95 -41.84
CA THR E 86 40.59 -5.39 -40.54
C THR E 86 39.66 -6.45 -39.97
N GLN E 87 40.21 -7.32 -39.13
CA GLN E 87 39.42 -8.37 -38.51
C GLN E 87 38.33 -7.77 -37.62
N ASP E 88 37.26 -8.53 -37.44
CA ASP E 88 36.18 -8.11 -36.56
C ASP E 88 36.56 -8.31 -35.10
N PHE E 89 36.14 -7.40 -34.25
CA PHE E 89 36.34 -7.49 -32.82
C PHE E 89 35.00 -7.71 -32.12
N TRP E 90 35.05 -8.19 -30.88
CA TRP E 90 33.88 -8.28 -30.03
C TRP E 90 33.94 -7.15 -29.02
N GLU E 91 33.00 -6.22 -29.12
CA GLU E 91 33.00 -5.05 -28.25
C GLU E 91 32.71 -5.45 -26.81
N VAL E 92 33.53 -4.96 -25.88
CA VAL E 92 33.33 -5.24 -24.47
C VAL E 92 32.46 -4.19 -23.78
N GLN E 93 32.18 -3.07 -24.44
CA GLN E 93 31.27 -2.06 -23.90
C GLN E 93 29.85 -2.55 -24.15
N LEU E 94 29.20 -3.06 -23.10
CA LEU E 94 27.88 -3.66 -23.26
C LEU E 94 26.74 -2.67 -23.08
N GLY E 95 26.97 -1.55 -22.41
CA GLY E 95 25.92 -0.57 -22.22
C GLY E 95 26.49 0.71 -21.64
N ILE E 96 25.59 1.63 -21.34
CA ILE E 96 25.92 2.96 -20.83
C ILE E 96 25.58 3.01 -19.36
N PRO E 97 26.49 3.42 -18.48
CA PRO E 97 26.16 3.52 -17.06
C PRO E 97 25.15 4.64 -16.81
N HIS E 98 24.27 4.41 -15.84
CA HIS E 98 23.25 5.39 -15.51
C HIS E 98 23.42 5.86 -14.07
N PRO E 99 23.27 7.16 -13.81
CA PRO E 99 23.46 7.65 -12.44
C PRO E 99 22.45 7.13 -11.44
N ALA E 100 21.27 6.71 -11.89
CA ALA E 100 20.29 6.13 -10.98
C ALA E 100 20.77 4.82 -10.37
N GLY E 101 21.74 4.16 -11.02
CA GLY E 101 22.33 2.95 -10.46
C GLY E 101 23.47 3.19 -9.50
N LEU E 102 23.94 4.43 -9.36
CA LEU E 102 24.98 4.74 -8.40
C LEU E 102 24.41 4.72 -6.98
N LYS E 103 25.26 4.38 -6.02
CA LYS E 103 24.90 4.37 -4.61
C LYS E 103 25.44 5.61 -3.91
N LYS E 104 24.92 5.85 -2.71
CA LYS E 104 25.36 7.00 -1.92
C LYS E 104 26.80 6.77 -1.44
N LYS E 105 27.69 7.69 -1.80
CA LYS E 105 29.08 7.63 -1.39
C LYS E 105 29.47 8.93 -0.70
N LYS E 106 30.31 8.81 0.33
CA LYS E 106 30.72 9.99 1.09
C LYS E 106 31.67 10.87 0.27
N SER E 107 32.61 10.26 -0.43
CA SER E 107 33.60 10.99 -1.22
C SER E 107 33.57 10.50 -2.65
N VAL E 108 33.58 11.43 -3.60
CA VAL E 108 33.46 11.14 -5.02
C VAL E 108 34.56 11.85 -5.78
N THR E 109 35.16 11.15 -6.75
CA THR E 109 36.20 11.72 -7.60
C THR E 109 36.02 11.19 -9.02
N VAL E 110 36.13 12.08 -10.00
CA VAL E 110 36.01 11.73 -11.41
C VAL E 110 37.32 12.08 -12.11
N LEU E 111 37.91 11.11 -12.79
CA LEU E 111 39.18 11.27 -13.48
C LEU E 111 39.00 11.18 -14.99
N ASP E 112 40.08 11.47 -15.71
CA ASP E 112 40.07 11.42 -17.16
C ASP E 112 41.51 11.24 -17.64
N VAL E 113 41.78 10.13 -18.31
CA VAL E 113 43.13 9.83 -18.77
C VAL E 113 43.43 10.67 -20.01
N GLY E 114 44.51 11.44 -19.94
CA GLY E 114 44.93 12.23 -21.09
C GLY E 114 45.68 11.38 -22.11
N ASP E 115 45.38 11.62 -23.38
CA ASP E 115 45.93 10.84 -24.49
C ASP E 115 45.65 9.36 -24.29
N ALA E 116 44.36 9.03 -24.27
CA ALA E 116 43.91 7.67 -24.01
C ALA E 116 44.42 6.70 -25.07
N TYR E 117 43.96 6.87 -26.31
CA TYR E 117 44.38 5.97 -27.38
C TYR E 117 45.88 6.09 -27.66
N PHE E 118 46.46 7.26 -27.42
CA PHE E 118 47.86 7.51 -27.69
C PHE E 118 48.80 6.96 -26.62
N SER E 119 48.26 6.24 -25.63
CA SER E 119 49.08 5.65 -24.59
C SER E 119 49.01 4.12 -24.58
N VAL E 120 48.35 3.53 -25.57
CA VAL E 120 48.23 2.07 -25.68
C VAL E 120 49.00 1.64 -26.92
N PRO E 121 49.95 0.72 -26.80
CA PRO E 121 50.76 0.33 -27.97
C PRO E 121 49.93 -0.45 -28.98
N LEU E 122 50.27 -0.24 -30.25
CA LEU E 122 49.63 -0.96 -31.34
C LEU E 122 50.41 -2.23 -31.67
N ASP E 123 49.73 -3.17 -32.31
CA ASP E 123 50.37 -4.42 -32.71
C ASP E 123 51.55 -4.15 -33.64
N GLU E 124 52.67 -4.82 -33.39
CA GLU E 124 53.89 -4.55 -34.14
C GLU E 124 53.71 -4.83 -35.63
N ASP E 125 53.18 -6.01 -35.97
CA ASP E 125 52.99 -6.38 -37.36
C ASP E 125 51.86 -5.61 -38.03
N PHE E 126 51.11 -4.81 -37.27
CA PHE E 126 49.97 -4.08 -37.82
C PHE E 126 50.26 -2.60 -38.06
N ARG E 127 51.32 -2.06 -37.45
CA ARG E 127 51.63 -0.64 -37.60
C ARG E 127 51.89 -0.27 -39.05
N LYS E 128 52.35 -1.23 -39.86
CA LYS E 128 52.67 -0.94 -41.25
C LYS E 128 51.45 -0.57 -42.08
N TYR E 129 50.25 -1.00 -41.66
CA TYR E 129 49.03 -0.72 -42.40
C TYR E 129 48.44 0.64 -42.05
N THR E 130 49.06 1.40 -41.17
CA THR E 130 48.59 2.73 -40.77
C THR E 130 49.61 3.76 -41.27
N ALA E 131 49.41 4.22 -42.49
CA ALA E 131 50.30 5.18 -43.13
C ALA E 131 49.52 6.42 -43.55
N PHE E 132 50.14 7.59 -43.37
CA PHE E 132 49.48 8.85 -43.70
C PHE E 132 50.55 9.94 -43.83
N THR E 133 50.35 10.82 -44.81
CA THR E 133 51.28 11.91 -45.06
C THR E 133 50.74 13.22 -44.50
N ILE E 134 51.65 14.07 -44.05
CA ILE E 134 51.29 15.37 -43.49
C ILE E 134 52.06 16.45 -44.23
N PRO E 135 51.44 17.15 -45.19
CA PRO E 135 52.16 18.21 -45.91
C PRO E 135 52.41 19.41 -45.01
N SER E 136 53.63 19.93 -45.03
CA SER E 136 53.94 21.12 -44.25
C SER E 136 53.31 22.36 -44.87
N ILE E 137 53.30 22.46 -46.20
CA ILE E 137 52.66 23.54 -46.91
C ILE E 137 51.57 22.95 -47.79
N ASN E 138 50.53 23.75 -48.05
CA ASN E 138 49.39 23.26 -48.81
C ASN E 138 49.72 22.96 -50.27
N ASN E 139 50.83 23.49 -50.78
CA ASN E 139 51.19 23.25 -52.18
C ASN E 139 52.68 23.50 -52.43
N GLU E 140 53.53 23.21 -51.45
CA GLU E 140 54.97 23.40 -51.62
C GLU E 140 55.74 22.20 -51.10
N THR E 141 55.78 22.03 -49.79
CA THR E 141 56.53 20.93 -49.19
C THR E 141 55.78 19.62 -49.37
N PRO E 142 56.43 18.57 -49.88
CA PRO E 142 55.74 17.29 -50.04
C PRO E 142 55.35 16.63 -48.73
N GLY E 143 56.05 16.93 -47.63
CA GLY E 143 55.71 16.39 -46.33
C GLY E 143 56.20 14.97 -46.11
N ILE E 144 56.72 14.70 -44.93
CA ILE E 144 57.21 13.37 -44.58
C ILE E 144 56.07 12.55 -44.01
N ARG E 145 56.00 11.28 -44.43
CA ARG E 145 54.95 10.39 -43.99
C ARG E 145 55.37 9.61 -42.75
N TYR E 146 54.44 9.46 -41.82
CA TYR E 146 54.65 8.77 -40.56
C TYR E 146 53.74 7.54 -40.48
N GLN E 147 53.82 6.85 -39.35
CA GLN E 147 52.94 5.73 -39.05
C GLN E 147 52.54 5.81 -37.58
N TYR E 148 51.67 4.90 -37.16
CA TYR E 148 51.15 4.87 -35.80
C TYR E 148 51.81 3.76 -35.00
N ASN E 149 52.32 4.11 -33.82
CA ASN E 149 52.78 3.14 -32.84
C ASN E 149 51.78 2.95 -31.71
N VAL E 150 50.67 3.67 -31.73
CA VAL E 150 49.63 3.57 -30.71
C VAL E 150 48.29 3.37 -31.40
N LEU E 151 47.21 3.43 -30.63
CA LEU E 151 45.87 3.24 -31.18
C LEU E 151 45.42 4.52 -31.90
N PRO E 152 45.08 4.45 -33.18
CA PRO E 152 44.58 5.64 -33.88
C PRO E 152 43.13 5.92 -33.55
N GLN E 153 42.81 7.21 -33.50
CA GLN E 153 41.44 7.66 -33.23
C GLN E 153 40.68 7.68 -34.55
N GLY E 154 39.89 6.64 -34.78
CA GLY E 154 39.16 6.49 -36.02
C GLY E 154 39.22 5.08 -36.55
N TRP E 155 39.94 4.22 -35.83
CA TRP E 155 40.07 2.81 -36.17
C TRP E 155 39.08 2.00 -35.33
N LYS E 156 38.35 1.10 -35.99
CA LYS E 156 37.26 0.40 -35.32
C LYS E 156 37.73 -0.50 -34.19
N GLY E 157 39.01 -0.90 -34.19
CA GLY E 157 39.51 -1.72 -33.10
C GLY E 157 40.03 -0.93 -31.92
N SER E 158 40.23 0.38 -32.08
CA SER E 158 40.80 1.19 -31.01
C SER E 158 39.95 1.21 -29.75
N PRO E 159 38.62 1.44 -29.81
CA PRO E 159 37.85 1.48 -28.56
C PRO E 159 37.87 0.17 -27.78
N ALA E 160 37.68 -0.95 -28.47
CA ALA E 160 37.63 -2.24 -27.77
C ALA E 160 38.97 -2.60 -27.14
N ILE E 161 40.09 -2.20 -27.76
CA ILE E 161 41.40 -2.54 -27.22
C ILE E 161 41.70 -1.69 -25.99
N PHE E 162 41.36 -0.40 -26.03
CA PHE E 162 41.62 0.46 -24.88
C PHE E 162 40.80 0.04 -23.67
N GLN E 163 39.52 -0.27 -23.88
CA GLN E 163 38.68 -0.71 -22.78
C GLN E 163 39.18 -2.00 -22.17
N SER E 164 39.64 -2.93 -23.01
CA SER E 164 40.17 -4.20 -22.50
C SER E 164 41.49 -3.98 -21.78
N SER E 165 42.33 -3.09 -22.29
CA SER E 165 43.62 -2.83 -21.64
C SER E 165 43.42 -2.08 -20.32
N MET E 166 42.52 -1.10 -20.30
CA MET E 166 42.26 -0.34 -19.08
C MET E 166 41.73 -1.23 -17.96
N THR E 167 40.94 -2.25 -18.30
CA THR E 167 40.40 -3.15 -17.29
C THR E 167 41.51 -3.97 -16.65
N LYS E 168 42.46 -4.46 -17.45
CA LYS E 168 43.55 -5.26 -16.89
C LYS E 168 44.41 -4.45 -15.93
N ILE E 169 44.52 -3.14 -16.16
CA ILE E 169 45.36 -2.30 -15.31
C ILE E 169 44.66 -2.00 -13.99
N LEU E 170 43.34 -1.79 -14.03
CA LEU E 170 42.59 -1.48 -12.82
C LEU E 170 42.34 -2.71 -11.95
N GLU E 171 42.41 -3.91 -12.52
CA GLU E 171 42.10 -5.12 -11.75
C GLU E 171 42.98 -5.30 -10.53
N PRO E 172 44.32 -5.19 -10.61
CA PRO E 172 45.12 -5.35 -9.38
C PRO E 172 44.86 -4.27 -8.34
N PHE E 173 44.48 -3.07 -8.76
CA PHE E 173 44.18 -2.02 -7.78
C PHE E 173 42.84 -2.24 -7.12
N LYS E 174 41.85 -2.74 -7.88
CA LYS E 174 40.55 -3.05 -7.28
C LYS E 174 40.64 -4.22 -6.33
N LYS E 175 41.53 -5.18 -6.59
CA LYS E 175 41.72 -6.30 -5.67
C LYS E 175 42.28 -5.84 -4.34
N GLN E 176 43.10 -4.78 -4.34
CA GLN E 176 43.64 -4.25 -3.10
C GLN E 176 42.65 -3.32 -2.40
N ASN E 177 41.73 -2.71 -3.14
CA ASN E 177 40.75 -1.78 -2.58
C ASN E 177 39.35 -2.24 -2.95
N PRO E 178 38.85 -3.31 -2.31
CA PRO E 178 37.51 -3.80 -2.65
C PRO E 178 36.39 -2.85 -2.23
N ASP E 179 36.62 -2.05 -1.19
CA ASP E 179 35.61 -1.13 -0.69
C ASP E 179 35.57 0.19 -1.45
N ILE E 180 36.11 0.23 -2.67
CA ILE E 180 36.13 1.43 -3.49
C ILE E 180 35.47 1.11 -4.82
N VAL E 181 34.38 1.81 -5.11
CA VAL E 181 33.68 1.62 -6.38
C VAL E 181 34.37 2.44 -7.46
N ILE E 182 34.74 1.78 -8.55
CA ILE E 182 35.38 2.43 -9.69
C ILE E 182 34.58 2.11 -10.93
N TYR E 183 33.86 3.11 -11.45
CA TYR E 183 33.14 2.98 -12.71
C TYR E 183 34.09 3.31 -13.85
N GLN E 184 34.26 2.37 -14.78
CA GLN E 184 35.19 2.50 -15.88
C GLN E 184 34.39 2.63 -17.18
N TYR E 185 34.44 3.80 -17.79
CA TYR E 185 33.80 4.04 -19.09
C TYR E 185 34.81 4.76 -19.98
N MET E 186 35.32 4.04 -20.98
CA MET E 186 36.37 4.53 -21.87
C MET E 186 37.56 4.93 -21.00
N ASP E 187 38.00 6.18 -21.00
CA ASP E 187 39.09 6.60 -20.14
C ASP E 187 38.62 7.29 -18.87
N ASP E 188 37.38 7.76 -18.84
CA ASP E 188 36.85 8.38 -17.63
C ASP E 188 36.64 7.34 -16.54
N LEU E 189 37.05 7.69 -15.32
CA LEU E 189 37.00 6.78 -14.18
C LEU E 189 36.28 7.46 -13.03
N TYR E 190 35.04 7.03 -12.77
CA TYR E 190 34.31 7.46 -11.58
C TYR E 190 34.80 6.66 -10.38
N VAL E 191 35.31 7.35 -9.37
CA VAL E 191 35.83 6.71 -8.16
C VAL E 191 35.06 7.25 -6.97
N GLY E 192 34.48 6.35 -6.18
CA GLY E 192 33.73 6.73 -5.01
C GLY E 192 34.06 5.84 -3.84
N SER E 193 33.92 6.40 -2.64
CA SER E 193 34.22 5.67 -1.42
C SER E 193 33.51 6.34 -0.26
N ASP E 194 33.32 5.58 0.82
CA ASP E 194 32.74 6.08 2.05
C ASP E 194 33.79 6.59 3.03
N LEU E 195 35.05 6.67 2.61
CA LEU E 195 36.11 7.15 3.48
C LEU E 195 36.02 8.66 3.67
N GLU E 196 36.81 9.18 4.61
CA GLU E 196 36.82 10.60 4.87
C GLU E 196 37.45 11.36 3.70
N ILE E 197 37.22 12.68 3.69
CA ILE E 197 37.72 13.52 2.60
C ILE E 197 39.24 13.46 2.55
N GLY E 198 39.89 13.47 3.72
CA GLY E 198 41.34 13.38 3.74
C GLY E 198 41.85 12.03 3.31
N GLN E 199 41.23 10.95 3.79
CA GLN E 199 41.66 9.62 3.43
C GLN E 199 41.24 9.23 2.02
N HIS E 200 40.31 9.97 1.42
CA HIS E 200 39.90 9.69 0.05
C HIS E 200 40.99 10.09 -0.94
N ARG E 201 41.56 11.28 -0.78
CA ARG E 201 42.61 11.74 -1.68
C ARG E 201 43.84 10.84 -1.62
N THR E 202 44.05 10.17 -0.48
CA THR E 202 45.19 9.25 -0.36
C THR E 202 45.06 8.10 -1.34
N LYS E 203 43.90 7.45 -1.37
CA LYS E 203 43.69 6.36 -2.31
C LYS E 203 43.60 6.86 -3.75
N ILE E 204 43.12 8.10 -3.95
CA ILE E 204 43.07 8.66 -5.30
C ILE E 204 44.48 8.82 -5.86
N GLU E 205 45.39 9.41 -5.08
CA GLU E 205 46.76 9.55 -5.55
C GLU E 205 47.44 8.19 -5.67
N GLU E 206 47.02 7.21 -4.87
CA GLU E 206 47.53 5.86 -5.05
C GLU E 206 47.15 5.30 -6.42
N LEU E 207 45.92 5.58 -6.86
CA LEU E 207 45.49 5.13 -8.18
C LEU E 207 46.18 5.92 -9.29
N ARG E 208 46.36 7.23 -9.08
CA ARG E 208 47.04 8.04 -10.09
C ARG E 208 48.48 7.57 -10.30
N GLN E 209 49.17 7.19 -9.21
CA GLN E 209 50.51 6.65 -9.35
C GLN E 209 50.48 5.21 -9.86
N HIS E 210 49.42 4.46 -9.55
CA HIS E 210 49.29 3.11 -10.10
C HIS E 210 49.14 3.15 -11.62
N LEU E 211 48.28 4.05 -12.12
CA LEU E 211 48.10 4.17 -13.56
C LEU E 211 49.34 4.75 -14.22
N LEU E 212 50.16 5.49 -13.47
CA LEU E 212 51.35 6.07 -14.06
C LEU E 212 52.40 5.01 -14.38
N ARG E 213 52.35 3.87 -13.70
CA ARG E 213 53.30 2.79 -13.96
C ARG E 213 53.08 2.15 -15.31
N TRP E 214 51.91 2.33 -15.92
CA TRP E 214 51.63 1.85 -17.27
C TRP E 214 51.65 2.96 -18.30
N GLY E 215 52.05 4.16 -17.92
CA GLY E 215 52.11 5.27 -18.86
C GLY E 215 50.80 6.02 -19.04
N LEU E 216 49.88 5.90 -18.07
CA LEU E 216 48.58 6.56 -18.16
C LEU E 216 48.59 7.76 -17.22
N THR E 217 48.49 8.96 -17.79
CA THR E 217 48.53 10.19 -17.02
C THR E 217 47.12 10.66 -16.69
N THR E 218 46.95 11.15 -15.46
CA THR E 218 45.70 11.74 -14.98
C THR E 218 45.97 13.20 -14.64
N PRO E 219 45.88 14.09 -15.62
CA PRO E 219 46.18 15.51 -15.35
C PRO E 219 45.21 16.11 -14.34
N ASP E 220 45.72 17.05 -13.55
CA ASP E 220 44.90 17.74 -12.56
C ASP E 220 43.92 18.72 -13.19
N LYS E 221 44.05 19.00 -14.49
CA LYS E 221 43.10 19.88 -15.15
C LYS E 221 41.72 19.23 -15.26
N LYS E 222 41.69 17.92 -15.51
CA LYS E 222 40.45 17.16 -15.55
C LYS E 222 40.21 16.38 -14.25
N HIS E 223 40.91 16.75 -13.18
CA HIS E 223 40.71 16.13 -11.88
C HIS E 223 39.59 16.86 -11.15
N GLN E 224 38.61 16.11 -10.65
CA GLN E 224 37.42 16.68 -10.04
C GLN E 224 37.33 16.19 -8.59
N LYS E 225 37.34 17.14 -7.65
CA LYS E 225 37.23 16.83 -6.24
C LYS E 225 36.04 17.47 -5.54
N GLU E 226 35.51 18.58 -6.08
CA GLU E 226 34.41 19.29 -5.45
C GLU E 226 33.13 19.11 -6.26
N PRO E 227 32.02 18.78 -5.63
CA PRO E 227 30.75 18.66 -6.36
C PRO E 227 30.24 20.03 -6.79
N PRO E 228 29.37 20.09 -7.81
CA PRO E 228 28.83 18.96 -8.58
C PRO E 228 29.82 18.44 -9.63
N PHE E 229 29.87 17.11 -9.79
CA PHE E 229 30.77 16.49 -10.74
C PHE E 229 30.05 16.26 -12.07
N LEU E 230 30.72 16.59 -13.16
CA LEU E 230 30.21 16.28 -14.50
C LEU E 230 30.63 14.87 -14.87
N TRP E 231 29.66 13.98 -15.03
CA TRP E 231 29.93 12.57 -15.30
C TRP E 231 28.85 12.03 -16.23
N MET E 232 29.28 11.54 -17.40
CA MET E 232 28.39 10.95 -18.39
C MET E 232 27.27 11.90 -18.81
N GLY E 233 27.56 13.20 -18.83
CA GLY E 233 26.56 14.18 -19.19
C GLY E 233 25.60 14.53 -18.09
N TYR E 234 25.92 14.22 -16.84
CA TYR E 234 25.10 14.51 -15.69
C TYR E 234 25.86 15.39 -14.71
N GLU E 235 25.15 15.85 -13.68
CA GLU E 235 25.73 16.61 -12.58
C GLU E 235 25.47 15.87 -11.29
N LEU E 236 26.51 15.24 -10.75
CA LEU E 236 26.39 14.39 -9.57
C LEU E 236 26.52 15.25 -8.32
N HIS E 237 25.40 15.50 -7.65
CA HIS E 237 25.37 16.18 -6.36
C HIS E 237 25.49 15.16 -5.25
N PRO E 238 25.77 15.60 -4.01
CA PRO E 238 25.89 14.63 -2.90
C PRO E 238 24.65 13.78 -2.70
N ASP E 239 23.46 14.38 -2.72
CA ASP E 239 22.24 13.66 -2.43
C ASP E 239 21.30 13.55 -3.62
N LYS E 240 21.71 14.01 -4.80
CA LYS E 240 20.85 13.96 -5.98
C LYS E 240 21.72 13.97 -7.22
N TRP E 241 21.06 13.77 -8.37
CA TRP E 241 21.71 13.87 -9.67
C TRP E 241 20.74 14.52 -10.65
N THR E 242 21.30 15.21 -11.64
CA THR E 242 20.48 15.85 -12.66
C THR E 242 21.21 15.80 -13.99
N VAL E 243 20.45 15.97 -15.06
CA VAL E 243 21.02 16.01 -16.40
C VAL E 243 21.52 17.43 -16.69
N GLN E 244 22.58 17.52 -17.48
CA GLN E 244 23.10 18.81 -17.88
C GLN E 244 22.03 19.59 -18.66
N PRO E 245 22.07 20.91 -18.63
CA PRO E 245 20.99 21.71 -19.23
C PRO E 245 20.70 21.31 -20.67
N ILE E 246 19.43 21.06 -20.96
CA ILE E 246 18.96 20.66 -22.28
C ILE E 246 18.26 21.87 -22.88
N VAL E 247 18.84 22.44 -23.93
CA VAL E 247 18.29 23.60 -24.61
C VAL E 247 17.57 23.11 -25.85
N LEU E 248 16.25 23.21 -25.85
CA LEU E 248 15.47 22.84 -27.02
C LEU E 248 15.43 24.00 -28.01
N PRO E 249 15.73 23.76 -29.29
CA PRO E 249 15.68 24.86 -30.27
C PRO E 249 14.27 25.37 -30.46
N GLU E 250 14.17 26.64 -30.85
CA GLU E 250 12.88 27.30 -31.08
C GLU E 250 12.99 28.08 -32.39
N LYS E 251 12.73 27.39 -33.49
CA LYS E 251 12.77 27.99 -34.82
C LYS E 251 11.36 28.32 -35.30
N ASP E 252 11.23 29.44 -36.01
CA ASP E 252 9.93 29.83 -36.55
C ASP E 252 9.53 28.94 -37.73
N SER E 253 10.50 28.48 -38.51
CA SER E 253 10.26 27.58 -39.64
C SER E 253 11.01 26.28 -39.38
N TRP E 254 10.26 25.20 -39.16
CA TRP E 254 10.84 23.90 -38.85
C TRP E 254 10.97 23.07 -40.11
N THR E 255 12.07 22.32 -40.20
CA THR E 255 12.32 21.40 -41.30
C THR E 255 12.23 19.97 -40.76
N VAL E 256 12.87 19.03 -41.46
CA VAL E 256 12.86 17.63 -41.04
C VAL E 256 14.02 17.33 -40.09
N ASN E 257 15.22 17.82 -40.42
CA ASN E 257 16.36 17.60 -39.54
C ASN E 257 16.21 18.31 -38.20
N ASP E 258 15.45 19.41 -38.18
CA ASP E 258 15.20 20.10 -36.92
C ASP E 258 14.33 19.26 -36.00
N ILE E 259 13.32 18.59 -36.55
CA ILE E 259 12.50 17.70 -35.74
C ILE E 259 13.31 16.50 -35.27
N GLN E 260 14.22 16.01 -36.12
CA GLN E 260 15.07 14.89 -35.73
C GLN E 260 15.95 15.25 -34.54
N LYS E 261 16.44 16.49 -34.50
CA LYS E 261 17.19 16.95 -33.34
C LYS E 261 16.27 17.22 -32.16
N LEU E 262 15.02 17.63 -32.43
CA LEU E 262 14.10 17.93 -31.34
C LEU E 262 13.64 16.66 -30.64
N VAL E 263 13.20 15.66 -31.43
CA VAL E 263 12.73 14.41 -30.83
C VAL E 263 13.86 13.67 -30.15
N GLY E 264 15.08 13.76 -30.69
CA GLY E 264 16.22 13.11 -30.07
C GLY E 264 16.52 13.67 -28.69
N LYS E 265 16.37 14.98 -28.52
CA LYS E 265 16.61 15.59 -27.21
C LYS E 265 15.47 15.30 -26.24
N LEU E 266 14.25 15.12 -26.75
CA LEU E 266 13.13 14.77 -25.88
C LEU E 266 13.22 13.34 -25.39
N ASN E 267 13.72 12.42 -26.23
CA ASN E 267 13.95 11.06 -25.77
C ASN E 267 15.05 11.01 -24.71
N TRP E 268 16.08 11.83 -24.87
CA TRP E 268 17.13 11.91 -23.85
C TRP E 268 16.62 12.59 -22.59
N ALA E 269 15.68 13.53 -22.71
CA ALA E 269 15.14 14.22 -21.55
C ALA E 269 14.10 13.40 -20.81
N SER E 270 13.49 12.40 -21.46
CA SER E 270 12.44 11.61 -20.83
C SER E 270 12.96 10.69 -19.74
N GLN E 271 14.28 10.57 -19.57
CA GLN E 271 14.83 9.70 -18.54
C GLN E 271 14.69 10.27 -17.14
N ILE E 272 14.28 11.53 -17.01
CA ILE E 272 14.14 12.15 -15.69
C ILE E 272 12.96 13.11 -15.69
N TYR E 273 12.59 13.60 -16.88
CA TYR E 273 11.43 14.49 -17.01
C TYR E 273 10.19 13.65 -17.27
N PRO E 274 9.22 13.62 -16.36
CA PRO E 274 8.02 12.80 -16.59
C PRO E 274 7.09 13.42 -17.61
N GLY E 275 6.24 12.58 -18.18
CA GLY E 275 5.18 13.05 -19.05
C GLY E 275 5.61 13.58 -20.39
N ILE E 276 6.80 13.23 -20.86
CA ILE E 276 7.28 13.68 -22.16
C ILE E 276 6.71 12.78 -23.25
N LYS E 277 6.17 13.39 -24.31
CA LYS E 277 5.59 12.68 -25.43
C LYS E 277 6.28 13.10 -26.72
N VAL E 278 6.40 12.15 -27.65
CA VAL E 278 7.02 12.42 -28.95
C VAL E 278 6.20 11.76 -30.05
N ARG E 279 4.93 11.44 -29.74
CA ARG E 279 4.08 10.76 -30.72
C ARG E 279 3.81 11.65 -31.93
N GLN E 280 3.26 12.85 -31.69
CA GLN E 280 2.84 13.70 -32.80
C GLN E 280 4.02 14.38 -33.49
N LEU E 281 5.13 14.57 -32.78
CA LEU E 281 6.31 15.15 -33.42
C LEU E 281 6.97 14.16 -34.37
N SER E 282 7.12 12.90 -33.93
CA SER E 282 7.67 11.87 -34.80
C SER E 282 6.71 11.51 -35.93
N LYS E 283 5.42 11.78 -35.76
CA LYS E 283 4.45 11.53 -36.83
C LYS E 283 4.73 12.40 -38.05
N LEU E 284 5.34 13.56 -37.85
CA LEU E 284 5.69 14.45 -38.95
C LEU E 284 6.90 13.98 -39.74
N LEU E 285 7.61 12.95 -39.27
CA LEU E 285 8.79 12.42 -39.94
C LEU E 285 8.47 11.17 -40.75
N ARG E 286 7.27 11.10 -41.33
CA ARG E 286 6.81 9.94 -42.07
C ARG E 286 6.68 10.30 -43.55
N GLY E 287 7.22 9.44 -44.41
CA GLY E 287 7.10 9.63 -45.85
C GLY E 287 8.12 10.58 -46.43
N THR E 288 8.14 11.82 -45.92
CA THR E 288 9.08 12.81 -46.41
C THR E 288 10.51 12.41 -46.08
N LYS E 289 11.33 12.23 -47.11
CA LYS E 289 12.73 11.84 -46.98
C LYS E 289 13.66 12.95 -47.44
N ALA E 290 13.36 14.19 -47.06
CA ALA E 290 14.18 15.34 -47.40
C ALA E 290 14.50 16.09 -46.11
N LEU E 291 15.75 15.99 -45.65
CA LEU E 291 16.14 16.62 -44.40
C LEU E 291 16.06 18.13 -44.44
N THR E 292 16.06 18.74 -45.63
CA THR E 292 16.00 20.18 -45.79
C THR E 292 14.63 20.68 -46.20
N GLU E 293 13.59 19.84 -46.09
CA GLU E 293 12.24 20.21 -46.47
C GLU E 293 11.50 20.78 -45.26
N VAL E 294 10.88 21.94 -45.45
CA VAL E 294 10.13 22.58 -44.37
C VAL E 294 8.78 21.90 -44.24
N ILE E 295 8.43 21.51 -43.01
CA ILE E 295 7.16 20.88 -42.69
C ILE E 295 6.47 21.70 -41.62
N PRO E 296 5.25 22.16 -41.84
CA PRO E 296 4.55 22.95 -40.80
C PRO E 296 4.11 22.07 -39.64
N LEU E 297 4.04 22.68 -38.46
CA LEU E 297 3.66 21.96 -37.26
C LEU E 297 2.13 21.84 -37.20
N THR E 298 1.64 20.62 -37.05
CA THR E 298 0.21 20.39 -36.93
C THR E 298 -0.28 20.88 -35.57
N GLU E 299 -1.61 20.97 -35.44
CA GLU E 299 -2.19 21.43 -34.18
C GLU E 299 -1.92 20.45 -33.05
N GLU E 300 -1.90 19.15 -33.35
CA GLU E 300 -1.60 18.16 -32.33
C GLU E 300 -0.12 18.18 -31.96
N ALA E 301 0.76 18.34 -32.95
CA ALA E 301 2.19 18.39 -32.67
C ALA E 301 2.58 19.68 -31.96
N GLU E 302 1.84 20.76 -32.18
CA GLU E 302 2.14 22.02 -31.50
C GLU E 302 1.78 21.95 -30.03
N LEU E 303 0.64 21.32 -29.71
CA LEU E 303 0.26 21.15 -28.31
C LEU E 303 1.22 20.20 -27.59
N GLU E 304 1.70 19.17 -28.29
CA GLU E 304 2.65 18.25 -27.68
C GLU E 304 3.98 18.92 -27.39
N LEU E 305 4.45 19.77 -28.31
CA LEU E 305 5.70 20.50 -28.08
C LEU E 305 5.53 21.56 -27.01
N ALA E 306 4.35 22.19 -26.95
CA ALA E 306 4.10 23.20 -25.93
C ALA E 306 4.04 22.58 -24.54
N GLU E 307 3.44 21.39 -24.44
CA GLU E 307 3.38 20.70 -23.15
C GLU E 307 4.75 20.23 -22.70
N ASN E 308 5.60 19.80 -23.64
CA ASN E 308 6.95 19.37 -23.28
C ASN E 308 7.79 20.54 -22.79
N ARG E 309 7.61 21.72 -23.38
CA ARG E 309 8.35 22.89 -22.93
C ARG E 309 7.94 23.29 -21.52
N GLU E 310 6.67 23.11 -21.16
CA GLU E 310 6.24 23.42 -19.80
C GLU E 310 6.82 22.44 -18.78
N ILE E 311 7.13 21.22 -19.21
CA ILE E 311 7.74 20.25 -18.31
C ILE E 311 9.21 20.58 -18.06
N LEU E 312 9.90 21.09 -19.07
CA LEU E 312 11.31 21.45 -18.94
C LEU E 312 11.53 22.76 -18.19
N LYS E 313 10.47 23.48 -17.84
CA LYS E 313 10.62 24.72 -17.07
C LYS E 313 11.07 24.43 -15.65
N GLU E 314 10.29 23.64 -14.92
CA GLU E 314 10.62 23.33 -13.54
C GLU E 314 11.81 22.38 -13.49
N PRO E 315 12.84 22.68 -12.70
CA PRO E 315 14.01 21.79 -12.64
C PRO E 315 13.69 20.53 -11.86
N VAL E 316 14.02 19.38 -12.46
CA VAL E 316 13.81 18.10 -11.84
C VAL E 316 15.16 17.46 -11.54
N HIS E 317 15.13 16.38 -10.74
CA HIS E 317 16.36 15.69 -10.35
C HIS E 317 16.02 14.26 -9.99
N GLY E 318 17.05 13.42 -9.96
CA GLY E 318 16.90 12.05 -9.55
C GLY E 318 17.70 11.72 -8.31
N VAL E 319 17.35 10.63 -7.63
CA VAL E 319 18.06 10.22 -6.42
C VAL E 319 18.94 9.01 -6.75
N TYR E 320 19.66 8.51 -5.75
CA TYR E 320 20.57 7.39 -5.93
C TYR E 320 19.96 6.10 -5.41
N TYR E 321 20.53 4.98 -5.86
CA TYR E 321 19.98 3.67 -5.55
C TYR E 321 20.34 3.24 -4.15
N ASP E 322 19.38 2.64 -3.46
CA ASP E 322 19.58 2.10 -2.11
C ASP E 322 19.31 0.60 -2.11
N PRO E 323 20.32 -0.24 -1.98
CA PRO E 323 20.09 -1.69 -2.02
C PRO E 323 19.23 -2.22 -0.88
N SER E 324 19.05 -1.44 0.19
CA SER E 324 18.24 -1.92 1.31
C SER E 324 16.75 -1.79 1.05
N LYS E 325 16.35 -0.88 0.18
CA LYS E 325 14.94 -0.67 -0.14
C LYS E 325 14.61 -1.29 -1.49
N ASP E 326 13.33 -1.62 -1.66
CA ASP E 326 12.87 -2.26 -2.89
C ASP E 326 12.70 -1.23 -4.01
N LEU E 327 12.62 -1.74 -5.24
CA LEU E 327 12.38 -0.92 -6.41
C LEU E 327 10.89 -0.89 -6.73
N ILE E 328 10.36 0.31 -6.97
CA ILE E 328 8.95 0.49 -7.32
C ILE E 328 8.88 1.15 -8.68
N ALA E 329 8.12 0.55 -9.59
CA ALA E 329 7.87 1.09 -10.91
C ALA E 329 6.37 1.33 -11.06
N GLU E 330 6.00 2.56 -11.39
CA GLU E 330 4.60 2.94 -11.54
C GLU E 330 4.38 3.45 -12.95
N ILE E 331 3.29 3.01 -13.59
CA ILE E 331 3.00 3.30 -14.98
C ILE E 331 1.69 4.06 -15.07
N GLN E 332 1.65 5.08 -15.91
CA GLN E 332 0.42 5.81 -16.23
C GLN E 332 0.17 5.72 -17.72
N LYS E 333 -1.12 5.65 -18.09
CA LYS E 333 -1.53 5.68 -19.48
C LYS E 333 -1.69 7.14 -19.92
N GLN E 334 -1.01 7.50 -21.01
CA GLN E 334 -1.09 8.85 -21.55
C GLN E 334 -2.06 8.98 -22.72
N GLY E 335 -2.59 7.86 -23.22
CA GLY E 335 -3.52 7.89 -24.33
C GLY E 335 -2.84 7.74 -25.68
N GLN E 336 -3.61 7.26 -26.65
CA GLN E 336 -3.12 6.99 -28.01
C GLN E 336 -1.94 6.04 -27.99
N GLY E 337 -2.02 5.00 -27.16
CA GLY E 337 -0.94 4.04 -27.06
C GLY E 337 0.33 4.58 -26.45
N GLN E 338 0.25 5.68 -25.70
CA GLN E 338 1.42 6.27 -25.06
C GLN E 338 1.40 5.95 -23.57
N TRP E 339 2.57 5.57 -23.05
CA TRP E 339 2.72 5.23 -21.64
C TRP E 339 3.92 5.97 -21.08
N THR E 340 3.84 6.30 -19.79
CA THR E 340 4.95 6.90 -19.08
C THR E 340 5.08 6.22 -17.73
N TYR E 341 6.31 6.19 -17.21
CA TYR E 341 6.55 5.50 -15.96
C TYR E 341 7.61 6.23 -15.14
N GLN E 342 7.63 5.93 -13.84
CA GLN E 342 8.63 6.43 -12.92
C GLN E 342 9.12 5.28 -12.06
N ILE E 343 10.43 5.24 -11.84
CA ILE E 343 11.05 4.22 -10.99
C ILE E 343 11.58 4.92 -9.74
N TYR E 344 11.21 4.42 -8.57
CA TYR E 344 11.59 5.05 -7.32
C TYR E 344 11.62 4.01 -6.21
N GLN E 345 12.13 4.40 -5.06
CA GLN E 345 12.10 3.62 -3.84
C GLN E 345 11.36 4.32 -2.72
N GLU E 346 11.51 5.64 -2.61
CA GLU E 346 10.73 6.52 -1.76
C GLU E 346 9.77 7.33 -2.60
N PRO E 347 8.52 7.49 -2.17
CA PRO E 347 7.55 8.22 -2.99
C PRO E 347 8.00 9.65 -3.27
N PHE E 348 7.71 10.10 -4.50
CA PHE E 348 8.05 11.46 -4.95
C PHE E 348 9.56 11.71 -4.92
N LYS E 349 10.36 10.63 -5.04
CA LYS E 349 11.82 10.72 -5.13
C LYS E 349 12.25 9.69 -6.19
N ASN E 350 12.04 10.05 -7.45
CA ASN E 350 12.26 9.12 -8.54
C ASN E 350 13.75 8.89 -8.78
N LEU E 351 14.11 7.64 -9.03
CA LEU E 351 15.45 7.33 -9.54
C LEU E 351 15.58 7.76 -11.00
N LYS E 352 14.59 7.40 -11.81
CA LYS E 352 14.54 7.79 -13.21
C LYS E 352 13.11 7.65 -13.69
N THR E 353 12.83 8.25 -14.84
CA THR E 353 11.53 8.12 -15.49
C THR E 353 11.74 7.55 -16.90
N GLY E 354 10.67 7.53 -17.67
CA GLY E 354 10.73 7.02 -19.03
C GLY E 354 9.35 6.98 -19.64
N LYS E 355 9.31 6.49 -20.88
CA LYS E 355 8.07 6.42 -21.62
C LYS E 355 8.09 5.19 -22.52
N TYR E 356 6.90 4.76 -22.93
CA TYR E 356 6.75 3.65 -23.87
C TYR E 356 5.62 4.00 -24.82
N ALA E 357 5.93 4.12 -26.11
CA ALA E 357 4.93 4.49 -27.09
C ALA E 357 5.04 3.64 -28.36
N ARG E 358 5.70 2.49 -28.29
CA ARG E 358 5.87 1.65 -29.47
C ARG E 358 4.57 0.91 -29.76
N MET E 359 4.17 0.89 -31.03
CA MET E 359 2.97 0.20 -31.49
C MET E 359 3.42 -1.00 -32.33
N ARG E 360 3.36 -2.18 -31.74
CA ARG E 360 3.69 -3.41 -32.43
C ARG E 360 2.43 -4.19 -32.76
N GLY E 361 2.37 -4.74 -33.96
CA GLY E 361 1.19 -5.42 -34.42
C GLY E 361 0.22 -4.49 -35.13
N ALA E 362 -0.53 -5.05 -36.07
CA ALA E 362 -1.56 -4.28 -36.74
C ALA E 362 -2.75 -4.02 -35.82
N HIS E 363 -3.01 -4.92 -34.89
CA HIS E 363 -4.12 -4.81 -33.95
C HIS E 363 -3.65 -5.20 -32.57
N THR E 364 -4.07 -4.46 -31.56
CA THR E 364 -3.66 -4.73 -30.19
C THR E 364 -4.66 -4.05 -29.25
N ASN E 365 -4.39 -4.18 -27.95
CA ASN E 365 -5.20 -3.51 -26.93
C ASN E 365 -4.28 -2.98 -25.84
N ASP E 366 -4.88 -2.25 -24.89
CA ASP E 366 -4.09 -1.63 -23.83
C ASP E 366 -3.49 -2.66 -22.88
N VAL E 367 -4.13 -3.82 -22.73
CA VAL E 367 -3.59 -4.85 -21.84
C VAL E 367 -2.30 -5.42 -22.40
N LYS E 368 -2.26 -5.66 -23.71
CA LYS E 368 -1.02 -6.12 -24.34
C LYS E 368 0.06 -5.05 -24.24
N GLN E 369 -0.29 -3.80 -24.54
CA GLN E 369 0.70 -2.73 -24.51
C GLN E 369 1.23 -2.49 -23.10
N LEU E 370 0.35 -2.61 -22.09
CA LEU E 370 0.81 -2.51 -20.72
C LEU E 370 1.76 -3.64 -20.38
N THR E 371 1.48 -4.85 -20.88
CA THR E 371 2.38 -5.98 -20.69
C THR E 371 3.74 -5.71 -21.33
N GLU E 372 3.74 -5.12 -22.52
CA GLU E 372 5.00 -4.81 -23.19
C GLU E 372 5.79 -3.74 -22.43
N ALA E 373 5.09 -2.77 -21.85
CA ALA E 373 5.78 -1.75 -21.05
C ALA E 373 6.41 -2.36 -19.81
N VAL E 374 5.69 -3.29 -19.15
CA VAL E 374 6.24 -3.96 -17.97
C VAL E 374 7.52 -4.70 -18.32
N GLN E 375 7.53 -5.38 -19.47
CA GLN E 375 8.72 -6.13 -19.86
C GLN E 375 9.89 -5.21 -20.20
N LYS E 376 9.61 -4.06 -20.81
CA LYS E 376 10.67 -3.10 -21.10
C LYS E 376 11.28 -2.55 -19.82
N ILE E 377 10.42 -2.17 -18.85
CA ILE E 377 10.91 -1.66 -17.58
C ILE E 377 11.67 -2.75 -16.84
N THR E 378 11.21 -4.00 -16.93
CA THR E 378 11.88 -5.10 -16.26
C THR E 378 13.30 -5.27 -16.77
N THR E 379 13.46 -5.39 -18.10
CA THR E 379 14.79 -5.54 -18.68
C THR E 379 15.65 -4.31 -18.39
N GLU E 380 15.05 -3.12 -18.42
CA GLU E 380 15.79 -1.91 -18.12
C GLU E 380 16.26 -1.90 -16.67
N SER E 381 15.44 -2.40 -15.75
CA SER E 381 15.81 -2.41 -14.34
C SER E 381 16.89 -3.45 -14.05
N ILE E 382 16.86 -4.58 -14.74
CA ILE E 382 17.90 -5.59 -14.54
C ILE E 382 19.25 -5.07 -15.02
N VAL E 383 19.27 -4.24 -16.05
CA VAL E 383 20.53 -3.67 -16.52
C VAL E 383 21.11 -2.71 -15.49
N ILE E 384 20.26 -1.85 -14.92
CA ILE E 384 20.75 -0.77 -14.07
C ILE E 384 20.95 -1.22 -12.63
N TRP E 385 20.00 -1.98 -12.08
CA TRP E 385 20.06 -2.39 -10.68
C TRP E 385 20.16 -3.89 -10.48
N GLY E 386 20.04 -4.70 -11.52
CA GLY E 386 20.22 -6.13 -11.36
C GLY E 386 19.05 -6.83 -10.72
N LYS E 387 17.90 -6.18 -10.60
CA LYS E 387 16.73 -6.81 -10.01
C LYS E 387 15.48 -6.25 -10.68
N THR E 388 14.36 -6.95 -10.46
CA THR E 388 13.05 -6.59 -11.02
C THR E 388 12.27 -5.75 -10.03
N PRO E 389 11.71 -4.61 -10.44
CA PRO E 389 10.97 -3.78 -9.50
C PRO E 389 9.56 -4.30 -9.24
N LYS E 390 9.02 -3.90 -8.10
CA LYS E 390 7.60 -4.09 -7.85
C LYS E 390 6.81 -3.07 -8.66
N PHE E 391 5.74 -3.54 -9.30
CA PHE E 391 4.97 -2.69 -10.20
C PHE E 391 3.71 -2.15 -9.53
N LYS E 392 3.33 -0.93 -9.90
CA LYS E 392 2.06 -0.33 -9.55
C LYS E 392 1.36 0.02 -10.86
N LEU E 393 0.35 -0.78 -11.23
CA LEU E 393 -0.25 -0.70 -12.55
C LEU E 393 -1.68 -0.18 -12.49
N PRO E 394 -2.08 0.68 -13.44
CA PRO E 394 -3.46 1.20 -13.48
C PRO E 394 -4.45 0.23 -14.12
N ILE E 395 -4.44 -1.02 -13.66
CA ILE E 395 -5.33 -2.05 -14.16
C ILE E 395 -5.84 -2.86 -12.97
N GLN E 396 -7.12 -3.21 -13.02
CA GLN E 396 -7.73 -3.98 -11.95
C GLN E 396 -7.22 -5.41 -11.96
N LYS E 397 -7.05 -5.98 -10.76
CA LYS E 397 -6.67 -7.39 -10.65
C LYS E 397 -7.66 -8.28 -11.38
N GLU E 398 -8.95 -7.98 -11.27
CA GLU E 398 -9.97 -8.78 -11.94
C GLU E 398 -9.82 -8.67 -13.46
N THR E 399 -9.48 -7.48 -13.96
CA THR E 399 -9.32 -7.31 -15.41
C THR E 399 -8.17 -8.17 -15.92
N TRP E 400 -7.00 -8.07 -15.28
CA TRP E 400 -5.87 -8.88 -15.69
C TRP E 400 -6.17 -10.37 -15.53
N GLU E 401 -6.87 -10.74 -14.46
CA GLU E 401 -7.26 -12.12 -14.26
C GLU E 401 -8.10 -12.64 -15.43
N THR E 402 -9.08 -11.84 -15.86
CA THR E 402 -9.91 -12.25 -16.99
C THR E 402 -9.08 -12.39 -18.26
N TRP E 403 -8.11 -11.50 -18.46
CA TRP E 403 -7.33 -11.51 -19.70
C TRP E 403 -6.47 -12.76 -19.79
N TRP E 404 -5.55 -12.95 -18.83
CA TRP E 404 -4.56 -14.01 -18.97
C TRP E 404 -5.17 -15.40 -18.88
N THR E 405 -6.29 -15.55 -18.16
CA THR E 405 -6.94 -16.85 -18.08
C THR E 405 -7.65 -17.21 -19.37
N GLU E 406 -8.18 -16.22 -20.08
CA GLU E 406 -8.89 -16.46 -21.34
C GLU E 406 -7.97 -16.43 -22.55
N TYR E 407 -6.88 -15.65 -22.49
CA TYR E 407 -6.00 -15.50 -23.63
C TYR E 407 -5.27 -16.81 -23.91
N TRP E 408 -5.12 -17.13 -25.20
CA TRP E 408 -4.56 -18.41 -25.60
C TRP E 408 -3.04 -18.45 -25.56
N GLN E 409 -2.38 -17.30 -25.49
CA GLN E 409 -0.94 -17.25 -25.37
C GLN E 409 -0.54 -17.10 -23.91
N ALA E 410 0.61 -17.67 -23.57
CA ALA E 410 1.14 -17.51 -22.22
C ALA E 410 1.54 -16.06 -22.01
N THR E 411 1.13 -15.50 -20.87
CA THR E 411 1.49 -14.13 -20.53
C THR E 411 1.52 -14.02 -19.01
N TRP E 412 2.36 -13.11 -18.51
CA TRP E 412 2.57 -13.02 -17.08
C TRP E 412 3.15 -11.65 -16.75
N ILE E 413 2.80 -11.15 -15.57
CA ILE E 413 3.32 -9.90 -15.04
C ILE E 413 3.91 -10.20 -13.67
N PRO E 414 5.11 -9.67 -13.35
CA PRO E 414 5.67 -9.90 -12.01
C PRO E 414 4.86 -9.26 -10.90
N GLU E 415 5.39 -9.25 -9.68
CA GLU E 415 4.64 -8.77 -8.52
C GLU E 415 4.18 -7.34 -8.75
N TRP E 416 2.87 -7.13 -8.77
CA TRP E 416 2.29 -5.84 -9.05
C TRP E 416 1.04 -5.63 -8.22
N GLU E 417 0.73 -4.36 -7.96
CA GLU E 417 -0.46 -3.97 -7.23
C GLU E 417 -1.25 -2.97 -8.07
N PHE E 418 -2.57 -2.94 -7.85
CA PHE E 418 -3.41 -1.99 -8.54
C PHE E 418 -3.25 -0.60 -7.94
N VAL E 419 -3.21 0.41 -8.80
CA VAL E 419 -3.21 1.80 -8.39
C VAL E 419 -4.26 2.54 -9.21
N ASN E 420 -5.09 3.33 -8.53
CA ASN E 420 -6.23 3.99 -9.17
C ASN E 420 -5.77 5.32 -9.77
N THR E 421 -5.18 5.24 -10.96
CA THR E 421 -4.79 6.41 -11.73
C THR E 421 -5.54 6.38 -13.06
N PRO E 422 -6.68 7.05 -13.15
CA PRO E 422 -7.40 7.09 -14.41
C PRO E 422 -6.57 7.75 -15.49
N PRO E 423 -6.75 7.35 -16.75
CA PRO E 423 -7.68 6.30 -17.18
C PRO E 423 -7.15 4.89 -16.93
N LEU E 424 -8.01 4.03 -16.38
CA LEU E 424 -7.61 2.67 -16.08
C LEU E 424 -7.61 1.82 -17.34
N VAL E 425 -6.69 0.86 -17.38
CA VAL E 425 -6.64 -0.11 -18.47
C VAL E 425 -7.75 -1.12 -18.26
N LYS E 426 -8.49 -1.41 -19.33
CA LYS E 426 -9.59 -2.36 -19.24
C LYS E 426 -9.84 -2.96 -20.61
N LEU E 427 -10.61 -4.05 -20.63
CA LEU E 427 -11.12 -4.61 -21.87
C LEU E 427 -12.47 -3.98 -22.18
N TRP E 428 -12.67 -3.63 -23.45
CA TRP E 428 -13.81 -2.81 -23.84
C TRP E 428 -14.99 -3.62 -24.36
N TYR E 429 -14.83 -4.92 -24.55
CA TYR E 429 -15.94 -5.79 -24.91
C TYR E 429 -15.52 -7.23 -24.67
N GLN E 430 -16.52 -8.09 -24.44
CA GLN E 430 -16.29 -9.50 -24.15
C GLN E 430 -17.18 -10.33 -25.06
N LEU E 431 -16.57 -11.25 -25.80
CA LEU E 431 -17.34 -12.16 -26.64
C LEU E 431 -17.98 -13.24 -25.79
N GLU E 432 -19.23 -13.56 -26.10
CA GLU E 432 -19.95 -14.59 -25.36
C GLU E 432 -19.34 -15.97 -25.61
N LYS E 433 -19.41 -16.82 -24.60
CA LYS E 433 -18.92 -18.18 -24.71
C LYS E 433 -19.96 -19.16 -25.23
N GLU E 434 -21.24 -18.80 -25.19
CA GLU E 434 -22.34 -19.63 -25.68
C GLU E 434 -23.26 -18.78 -26.55
N PRO E 435 -23.93 -19.41 -27.53
CA PRO E 435 -24.84 -18.64 -28.38
C PRO E 435 -25.99 -18.03 -27.58
N ILE E 436 -26.48 -16.91 -28.07
CA ILE E 436 -27.48 -16.11 -27.36
C ILE E 436 -28.87 -16.55 -27.81
N VAL E 437 -29.69 -16.97 -26.85
CA VAL E 437 -31.06 -17.37 -27.14
C VAL E 437 -31.90 -16.12 -27.37
N GLY E 438 -32.70 -16.14 -28.44
CA GLY E 438 -33.54 -15.00 -28.76
C GLY E 438 -32.85 -13.91 -29.56
N ALA E 439 -31.61 -14.12 -29.99
CA ALA E 439 -30.88 -13.15 -30.80
C ALA E 439 -30.79 -13.64 -32.24
N GLU E 440 -30.95 -12.72 -33.17
CA GLU E 440 -30.87 -13.04 -34.59
C GLU E 440 -29.48 -13.58 -34.92
N THR E 441 -29.44 -14.57 -35.81
CA THR E 441 -28.20 -15.23 -36.21
C THR E 441 -27.84 -14.77 -37.62
N PHE E 442 -26.68 -14.15 -37.77
CA PHE E 442 -26.20 -13.65 -39.05
C PHE E 442 -25.13 -14.60 -39.59
N TYR E 443 -25.35 -15.10 -40.80
CA TYR E 443 -24.37 -15.91 -41.52
C TYR E 443 -23.69 -15.01 -42.53
N VAL E 444 -22.47 -14.57 -42.21
CA VAL E 444 -21.76 -13.60 -43.03
C VAL E 444 -20.76 -14.32 -43.91
N ASP E 445 -20.39 -13.67 -45.01
CA ASP E 445 -19.37 -14.17 -45.91
C ASP E 445 -18.97 -13.06 -46.87
N GLY E 446 -17.76 -13.17 -47.40
CA GLY E 446 -17.28 -12.22 -48.38
C GLY E 446 -16.37 -12.90 -49.37
N ALA E 447 -16.26 -12.29 -50.55
CA ALA E 447 -15.39 -12.79 -51.61
C ALA E 447 -14.94 -11.63 -52.46
N ALA E 448 -13.73 -11.76 -53.01
CA ALA E 448 -13.17 -10.73 -53.89
C ALA E 448 -12.39 -11.39 -55.01
N ASN E 449 -12.35 -10.72 -56.16
CA ASN E 449 -11.64 -11.22 -57.33
C ASN E 449 -10.17 -10.81 -57.25
N ARG E 450 -9.28 -11.79 -57.41
CA ARG E 450 -7.86 -11.52 -57.31
C ARG E 450 -7.40 -10.52 -58.37
N GLU E 451 -7.95 -10.64 -59.58
CA GLU E 451 -7.49 -9.79 -60.69
C GLU E 451 -8.08 -8.39 -60.61
N THR E 452 -9.42 -8.30 -60.61
CA THR E 452 -10.10 -7.01 -60.69
C THR E 452 -10.20 -6.29 -59.36
N LYS E 453 -9.87 -6.97 -58.25
CA LYS E 453 -9.97 -6.43 -56.89
C LYS E 453 -11.40 -6.06 -56.50
N LEU E 454 -12.39 -6.45 -57.30
CA LEU E 454 -13.79 -6.23 -56.94
C LEU E 454 -14.27 -7.33 -56.02
N GLY E 455 -15.13 -6.97 -55.07
CA GLY E 455 -15.60 -7.93 -54.10
C GLY E 455 -17.02 -7.66 -53.66
N LYS E 456 -17.56 -8.62 -52.90
CA LYS E 456 -18.88 -8.53 -52.33
C LYS E 456 -18.83 -9.02 -50.88
N ALA E 457 -19.65 -8.42 -50.04
CA ALA E 457 -19.78 -8.81 -48.64
C ALA E 457 -21.24 -8.76 -48.25
N GLY E 458 -21.70 -9.76 -47.51
CA GLY E 458 -23.10 -9.78 -47.14
C GLY E 458 -23.39 -10.79 -46.06
N TYR E 459 -24.69 -11.00 -45.82
CA TYR E 459 -25.14 -11.91 -44.78
C TYR E 459 -26.54 -12.41 -45.12
N VAL E 460 -26.90 -13.52 -44.48
CA VAL E 460 -28.27 -14.00 -44.43
C VAL E 460 -28.58 -14.35 -42.98
N THR E 461 -29.79 -14.05 -42.54
CA THR E 461 -30.18 -14.31 -41.16
C THR E 461 -31.32 -15.32 -41.11
N ASN E 462 -31.51 -15.89 -39.92
CA ASN E 462 -32.57 -16.87 -39.73
C ASN E 462 -33.96 -16.24 -39.84
N LYS E 463 -34.06 -14.92 -39.66
CA LYS E 463 -35.33 -14.23 -39.74
C LYS E 463 -35.67 -13.75 -41.15
N GLY E 464 -34.94 -14.22 -42.16
CA GLY E 464 -35.16 -13.81 -43.53
C GLY E 464 -34.43 -12.55 -43.95
N ARG E 465 -33.77 -11.86 -43.02
CA ARG E 465 -33.02 -10.66 -43.34
C ARG E 465 -31.79 -11.02 -44.16
N GLN E 466 -31.52 -10.21 -45.18
CA GLN E 466 -30.51 -10.56 -46.18
C GLN E 466 -29.93 -9.29 -46.78
N LYS E 467 -28.63 -9.32 -47.07
CA LYS E 467 -27.96 -8.16 -47.66
C LYS E 467 -26.72 -8.61 -48.40
N VAL E 468 -26.46 -7.96 -49.55
CA VAL E 468 -25.18 -8.07 -50.24
C VAL E 468 -24.75 -6.66 -50.63
N VAL E 469 -23.48 -6.33 -50.39
CA VAL E 469 -22.95 -5.01 -50.70
C VAL E 469 -21.76 -5.14 -51.64
N PRO E 470 -21.76 -4.46 -52.80
CA PRO E 470 -20.61 -4.53 -53.69
C PRO E 470 -19.45 -3.66 -53.20
N LEU E 471 -18.24 -4.15 -53.44
CA LEU E 471 -17.03 -3.49 -52.98
C LEU E 471 -16.03 -3.38 -54.12
N THR E 472 -15.24 -2.31 -54.11
CA THR E 472 -14.16 -2.11 -55.06
C THR E 472 -12.86 -1.93 -54.31
N ASN E 473 -11.77 -2.31 -54.96
CA ASN E 473 -10.41 -2.14 -54.42
C ASN E 473 -10.28 -2.83 -53.06
N THR E 474 -10.52 -4.14 -53.06
CA THR E 474 -10.59 -4.91 -51.83
C THR E 474 -9.91 -6.25 -52.01
N THR E 475 -9.84 -7.01 -50.92
CA THR E 475 -9.28 -8.35 -50.89
C THR E 475 -10.27 -9.29 -50.22
N ASN E 476 -9.97 -10.59 -50.27
CA ASN E 476 -10.80 -11.57 -49.59
C ASN E 476 -10.86 -11.30 -48.09
N GLN E 477 -9.70 -11.02 -47.49
CA GLN E 477 -9.66 -10.76 -46.04
C GLN E 477 -10.44 -9.50 -45.71
N LYS E 478 -10.39 -8.49 -46.58
CA LYS E 478 -11.14 -7.26 -46.32
C LYS E 478 -12.65 -7.50 -46.41
N THR E 479 -13.09 -8.31 -47.38
CA THR E 479 -14.52 -8.58 -47.49
C THR E 479 -15.03 -9.41 -46.33
N GLU E 480 -14.20 -10.32 -45.80
CA GLU E 480 -14.60 -11.10 -44.63
C GLU E 480 -14.78 -10.20 -43.42
N LEU E 481 -13.87 -9.23 -43.23
CA LEU E 481 -14.06 -8.24 -42.17
C LEU E 481 -15.27 -7.35 -42.47
N GLN E 482 -15.46 -6.98 -43.74
CA GLN E 482 -16.58 -6.12 -44.09
C GLN E 482 -17.91 -6.81 -43.83
N ALA E 483 -17.98 -8.13 -44.06
CA ALA E 483 -19.23 -8.85 -43.84
C ALA E 483 -19.61 -8.85 -42.37
N ILE E 484 -18.64 -9.05 -41.48
CA ILE E 484 -18.92 -8.99 -40.04
C ILE E 484 -19.38 -7.60 -39.65
N TYR E 485 -18.77 -6.57 -40.24
CA TYR E 485 -19.16 -5.20 -39.94
C TYR E 485 -20.61 -4.93 -40.33
N LEU E 486 -21.05 -5.48 -41.47
CA LEU E 486 -22.44 -5.32 -41.87
C LEU E 486 -23.39 -5.98 -40.88
N ALA E 487 -23.00 -7.15 -40.36
CA ALA E 487 -23.85 -7.83 -39.38
C ALA E 487 -23.94 -7.05 -38.08
N LEU E 488 -22.84 -6.40 -37.67
CA LEU E 488 -22.89 -5.58 -36.47
C LEU E 488 -23.73 -4.33 -36.68
N GLN E 489 -23.66 -3.75 -37.88
CA GLN E 489 -24.43 -2.54 -38.15
C GLN E 489 -25.93 -2.80 -38.15
N ASP E 490 -26.36 -3.93 -38.73
CA ASP E 490 -27.76 -4.18 -39.00
C ASP E 490 -28.44 -5.05 -37.95
N SER E 491 -27.81 -5.26 -36.80
CA SER E 491 -28.37 -6.10 -35.76
C SER E 491 -28.66 -5.28 -34.52
N GLY E 492 -29.48 -5.83 -33.64
CA GLY E 492 -29.80 -5.20 -32.37
C GLY E 492 -28.65 -5.30 -31.37
N LEU E 493 -28.94 -5.04 -30.10
CA LEU E 493 -27.91 -5.06 -29.07
C LEU E 493 -27.36 -6.46 -28.79
N GLU E 494 -28.02 -7.51 -29.27
CA GLU E 494 -27.57 -8.89 -29.10
C GLU E 494 -27.61 -9.57 -30.47
N VAL E 495 -26.53 -10.28 -30.80
CA VAL E 495 -26.41 -10.88 -32.13
C VAL E 495 -25.51 -12.10 -32.06
N ASN E 496 -25.90 -13.14 -32.80
CA ASN E 496 -25.03 -14.27 -33.09
C ASN E 496 -24.52 -14.13 -34.52
N ILE E 497 -23.21 -14.29 -34.70
CA ILE E 497 -22.59 -14.14 -36.01
C ILE E 497 -21.78 -15.39 -36.33
N VAL E 498 -22.01 -15.97 -37.49
CA VAL E 498 -21.32 -17.17 -37.94
C VAL E 498 -20.48 -16.80 -39.16
N THR E 499 -19.17 -17.02 -39.06
CA THR E 499 -18.24 -16.74 -40.14
C THR E 499 -17.40 -17.98 -40.42
N ASP E 500 -16.81 -18.02 -41.62
CA ASP E 500 -15.86 -19.06 -41.98
C ASP E 500 -14.44 -18.53 -42.06
N SER E 501 -14.20 -17.29 -41.67
CA SER E 501 -12.91 -16.64 -41.84
C SER E 501 -12.10 -16.79 -40.55
N GLN E 502 -11.10 -17.67 -40.59
CA GLN E 502 -10.17 -17.77 -39.47
C GLN E 502 -9.40 -16.46 -39.29
N TYR E 503 -9.16 -15.73 -40.37
CA TYR E 503 -8.46 -14.45 -40.29
C TYR E 503 -9.27 -13.44 -39.48
N ALA E 504 -10.53 -13.24 -39.86
CA ALA E 504 -11.37 -12.25 -39.16
C ALA E 504 -11.62 -12.66 -37.72
N LEU E 505 -11.92 -13.93 -37.49
CA LEU E 505 -12.20 -14.40 -36.13
C LEU E 505 -10.99 -14.24 -35.24
N GLY E 506 -9.79 -14.57 -35.75
CA GLY E 506 -8.59 -14.44 -34.95
C GLY E 506 -8.32 -13.02 -34.51
N ILE E 507 -8.61 -12.05 -35.37
CA ILE E 507 -8.42 -10.65 -35.01
C ILE E 507 -9.36 -10.27 -33.87
N ILE E 508 -10.65 -10.58 -34.02
CA ILE E 508 -11.66 -10.11 -33.08
C ILE E 508 -11.54 -10.83 -31.74
N GLN E 509 -11.19 -12.12 -31.77
CA GLN E 509 -11.11 -12.90 -30.54
C GLN E 509 -10.04 -12.35 -29.59
N ALA E 510 -9.01 -11.70 -30.13
CA ALA E 510 -7.97 -11.11 -29.30
C ALA E 510 -8.40 -9.81 -28.64
N GLN E 511 -9.66 -9.41 -28.79
CA GLN E 511 -10.22 -8.22 -28.17
C GLN E 511 -9.39 -6.95 -28.40
N PRO E 512 -9.11 -6.59 -29.64
CA PRO E 512 -8.37 -5.35 -29.88
C PRO E 512 -9.22 -4.13 -29.58
N ASP E 513 -8.55 -3.06 -29.14
CA ASP E 513 -9.19 -1.77 -28.97
C ASP E 513 -8.61 -0.70 -29.88
N LYS E 514 -7.60 -1.05 -30.68
CA LYS E 514 -6.96 -0.12 -31.60
C LYS E 514 -6.35 -0.92 -32.75
N SER E 515 -6.33 -0.29 -33.93
CA SER E 515 -5.86 -0.99 -35.12
C SER E 515 -5.35 0.03 -36.13
N GLU E 516 -4.42 -0.43 -36.97
CA GLU E 516 -4.00 0.36 -38.13
C GLU E 516 -5.02 0.33 -39.25
N SER E 517 -6.01 -0.56 -39.17
CA SER E 517 -7.07 -0.67 -40.16
C SER E 517 -8.29 0.10 -39.67
N GLU E 518 -8.74 1.08 -40.45
CA GLU E 518 -9.95 1.81 -40.09
C GLU E 518 -11.17 0.89 -40.06
N LEU E 519 -11.20 -0.10 -40.95
CA LEU E 519 -12.30 -1.07 -40.95
C LEU E 519 -12.36 -1.83 -39.62
N VAL E 520 -11.21 -2.24 -39.10
CA VAL E 520 -11.19 -2.94 -37.82
C VAL E 520 -11.61 -2.00 -36.69
N ASN E 521 -11.19 -0.73 -36.76
CA ASN E 521 -11.61 0.24 -35.76
C ASN E 521 -13.11 0.46 -35.79
N GLN E 522 -13.71 0.44 -36.99
CA GLN E 522 -15.16 0.54 -37.08
C GLN E 522 -15.84 -0.67 -36.47
N ILE E 523 -15.25 -1.86 -36.66
CA ILE E 523 -15.79 -3.07 -36.05
C ILE E 523 -15.69 -2.99 -34.54
N ILE E 524 -14.59 -2.44 -34.03
CA ILE E 524 -14.41 -2.31 -32.59
C ILE E 524 -15.46 -1.37 -32.01
N GLU E 525 -15.77 -0.29 -32.73
CA GLU E 525 -16.79 0.65 -32.25
C GLU E 525 -18.15 -0.02 -32.15
N GLN E 526 -18.47 -0.91 -33.09
CA GLN E 526 -19.75 -1.61 -33.05
C GLN E 526 -19.77 -2.64 -31.93
N LEU E 527 -18.66 -3.36 -31.73
CA LEU E 527 -18.61 -4.37 -30.66
C LEU E 527 -18.80 -3.74 -29.30
N ILE E 528 -18.30 -2.52 -29.09
CA ILE E 528 -18.49 -1.83 -27.82
C ILE E 528 -19.94 -1.43 -27.64
N LYS E 529 -20.64 -1.07 -28.73
CA LYS E 529 -22.03 -0.66 -28.63
C LYS E 529 -22.93 -1.82 -28.22
N LYS E 530 -22.59 -3.04 -28.63
CA LYS E 530 -23.45 -4.20 -28.35
C LYS E 530 -23.45 -4.52 -26.86
N GLU E 531 -24.44 -5.32 -26.46
CA GLU E 531 -24.51 -5.89 -25.12
C GLU E 531 -24.02 -7.32 -25.08
N LYS E 532 -24.36 -8.13 -26.08
CA LYS E 532 -23.91 -9.51 -26.18
C LYS E 532 -23.58 -9.82 -27.63
N VAL E 533 -22.37 -10.31 -27.88
CA VAL E 533 -21.94 -10.75 -29.20
C VAL E 533 -21.40 -12.17 -29.06
N TYR E 534 -21.85 -13.05 -29.95
CA TYR E 534 -21.32 -14.41 -30.03
C TYR E 534 -20.78 -14.63 -31.44
N LEU E 535 -19.48 -14.87 -31.54
CA LEU E 535 -18.82 -15.16 -32.80
C LEU E 535 -18.56 -16.66 -32.91
N ALA E 536 -19.07 -17.28 -33.97
CA ALA E 536 -18.90 -18.70 -34.21
C ALA E 536 -18.21 -18.92 -35.55
N TRP E 537 -17.44 -19.99 -35.63
CA TRP E 537 -16.69 -20.33 -36.83
C TRP E 537 -17.16 -21.67 -37.38
N VAL E 538 -17.24 -21.77 -38.71
CA VAL E 538 -17.52 -23.02 -39.39
C VAL E 538 -16.54 -23.16 -40.54
N PRO E 539 -16.19 -24.37 -40.98
CA PRO E 539 -15.35 -24.50 -42.16
C PRO E 539 -16.12 -24.19 -43.43
N ALA E 540 -15.46 -23.49 -44.35
CA ALA E 540 -16.10 -23.09 -45.60
C ALA E 540 -16.25 -24.26 -46.55
N HIS E 541 -17.24 -24.16 -47.43
CA HIS E 541 -17.46 -25.12 -48.52
C HIS E 541 -17.72 -26.53 -47.98
N LYS E 542 -18.64 -26.61 -47.01
CA LYS E 542 -19.07 -27.89 -46.46
C LYS E 542 -20.58 -28.00 -46.39
N GLY E 543 -21.32 -27.05 -46.97
CA GLY E 543 -22.76 -27.07 -46.93
C GLY E 543 -23.30 -26.97 -45.53
N ILE E 544 -22.78 -26.02 -44.75
CA ILE E 544 -23.10 -25.90 -43.34
C ILE E 544 -24.03 -24.70 -43.18
N GLY E 545 -25.32 -24.99 -42.98
CA GLY E 545 -26.33 -24.01 -42.62
C GLY E 545 -26.36 -22.81 -43.55
N GLY E 546 -26.59 -21.65 -42.96
CA GLY E 546 -26.69 -20.41 -43.71
C GLY E 546 -25.39 -19.97 -44.34
N ASN E 547 -24.26 -20.56 -43.94
CA ASN E 547 -22.99 -20.21 -44.56
C ASN E 547 -22.98 -20.60 -46.04
N GLU E 548 -23.62 -21.72 -46.38
CA GLU E 548 -23.70 -22.13 -47.78
C GLU E 548 -24.56 -21.15 -48.58
N GLN E 549 -25.62 -20.63 -47.97
CA GLN E 549 -26.52 -19.72 -48.68
C GLN E 549 -25.85 -18.39 -48.97
N VAL E 550 -25.15 -17.83 -47.99
CA VAL E 550 -24.53 -16.52 -48.16
C VAL E 550 -23.30 -16.62 -49.07
N ASP E 551 -22.67 -17.79 -49.15
CA ASP E 551 -21.52 -17.95 -50.03
C ASP E 551 -21.94 -17.88 -51.50
N LYS E 552 -23.14 -18.36 -51.83
CA LYS E 552 -23.62 -18.24 -53.21
C LYS E 552 -23.83 -16.78 -53.58
N LEU E 553 -24.31 -15.96 -52.64
CA LEU E 553 -24.60 -14.56 -52.94
C LEU E 553 -23.34 -13.80 -53.28
N VAL E 554 -22.32 -13.90 -52.43
CA VAL E 554 -21.11 -13.09 -52.60
C VAL E 554 -20.13 -13.67 -53.61
N SER E 555 -20.40 -14.86 -54.13
CA SER E 555 -19.52 -15.47 -55.12
C SER E 555 -20.34 -16.13 -56.24
N PRO F 20 48.53 -35.36 -20.58
CA PRO F 20 49.00 -36.53 -21.33
C PRO F 20 47.99 -37.03 -22.36
N ILE F 21 47.01 -36.18 -22.68
CA ILE F 21 45.95 -36.52 -23.63
C ILE F 21 46.11 -35.62 -24.85
N GLU F 22 46.08 -36.23 -26.03
CA GLU F 22 46.15 -35.48 -27.28
C GLU F 22 44.79 -34.89 -27.60
N THR F 23 44.78 -33.59 -27.91
CA THR F 23 43.52 -32.90 -28.18
C THR F 23 42.94 -33.37 -29.51
N VAL F 24 41.65 -33.70 -29.50
CA VAL F 24 40.95 -34.12 -30.71
C VAL F 24 40.66 -32.89 -31.55
N PRO F 25 41.15 -32.81 -32.78
CA PRO F 25 40.91 -31.62 -33.61
C PRO F 25 39.45 -31.53 -34.02
N VAL F 26 38.84 -30.37 -33.76
CA VAL F 26 37.45 -30.10 -34.06
C VAL F 26 37.38 -28.94 -35.03
N LYS F 27 36.57 -29.07 -36.07
CA LYS F 27 36.38 -28.03 -37.07
C LYS F 27 34.90 -27.74 -37.25
N LEU F 28 34.58 -26.52 -37.65
CA LEU F 28 33.22 -26.14 -37.94
C LEU F 28 32.77 -26.80 -39.25
N LYS F 29 31.46 -26.70 -39.52
CA LYS F 29 30.94 -27.19 -40.78
C LYS F 29 31.42 -26.28 -41.92
N PRO F 30 31.64 -26.83 -43.11
CA PRO F 30 32.20 -26.04 -44.20
C PRO F 30 31.29 -24.86 -44.58
N GLY F 31 31.89 -23.67 -44.65
CA GLY F 31 31.18 -22.49 -45.06
C GLY F 31 30.42 -21.77 -43.97
N MET F 32 30.80 -21.94 -42.71
CA MET F 32 30.13 -21.29 -41.59
C MET F 32 31.15 -20.77 -40.61
N ASP F 33 30.89 -19.57 -40.09
CA ASP F 33 31.77 -18.94 -39.11
C ASP F 33 31.29 -19.28 -37.69
N GLY F 34 32.04 -18.80 -36.70
CA GLY F 34 31.72 -19.08 -35.32
C GLY F 34 30.57 -18.23 -34.81
N PRO F 35 30.16 -18.52 -33.58
CA PRO F 35 29.01 -17.82 -33.01
C PRO F 35 29.36 -16.42 -32.54
N LYS F 36 28.49 -15.46 -32.87
CA LYS F 36 28.63 -14.07 -32.45
C LYS F 36 27.31 -13.59 -31.84
N VAL F 37 26.93 -14.19 -30.72
CA VAL F 37 25.66 -13.90 -30.07
C VAL F 37 25.92 -13.02 -28.85
N LYS F 38 25.16 -11.94 -28.74
CA LYS F 38 25.38 -10.98 -27.66
C LYS F 38 24.89 -11.55 -26.32
N GLN F 39 25.53 -11.09 -25.25
CA GLN F 39 25.16 -11.49 -23.90
C GLN F 39 23.94 -10.68 -23.44
N TRP F 40 22.93 -11.38 -22.95
CA TRP F 40 21.74 -10.70 -22.46
C TRP F 40 21.91 -10.29 -21.00
N PRO F 41 21.12 -9.34 -20.52
CA PRO F 41 21.26 -8.88 -19.13
C PRO F 41 21.02 -10.01 -18.14
N LEU F 42 21.73 -9.94 -17.01
CA LEU F 42 21.62 -10.93 -15.95
C LEU F 42 21.33 -10.24 -14.63
N THR F 43 20.63 -10.95 -13.75
CA THR F 43 20.32 -10.42 -12.43
C THR F 43 21.57 -10.41 -11.56
N GLU F 44 21.49 -9.67 -10.46
CA GLU F 44 22.64 -9.54 -9.56
C GLU F 44 23.04 -10.89 -8.98
N GLU F 45 22.06 -11.69 -8.56
CA GLU F 45 22.37 -13.00 -7.99
C GLU F 45 23.03 -13.92 -9.01
N LYS F 46 22.68 -13.78 -10.29
CA LYS F 46 23.32 -14.58 -11.33
C LYS F 46 24.71 -14.07 -11.67
N ILE F 47 24.92 -12.75 -11.62
CA ILE F 47 26.24 -12.20 -11.90
C ILE F 47 27.21 -12.55 -10.78
N LYS F 48 26.77 -12.45 -9.52
CA LYS F 48 27.63 -12.82 -8.40
C LYS F 48 27.95 -14.31 -8.42
N ALA F 49 27.04 -15.14 -8.93
CA ALA F 49 27.30 -16.57 -9.00
C ALA F 49 28.31 -16.89 -10.10
N LEU F 50 28.19 -16.25 -11.26
CA LEU F 50 29.10 -16.54 -12.36
C LEU F 50 30.51 -16.05 -12.06
N VAL F 51 30.64 -14.91 -11.36
CA VAL F 51 31.97 -14.40 -11.02
C VAL F 51 32.67 -15.36 -10.06
N GLU F 52 31.92 -15.91 -9.09
CA GLU F 52 32.52 -16.86 -8.16
C GLU F 52 32.88 -18.16 -8.86
N ILE F 53 32.05 -18.60 -9.81
CA ILE F 53 32.31 -19.86 -10.51
C ILE F 53 33.47 -19.69 -11.50
N CYS F 54 33.44 -18.62 -12.29
CA CYS F 54 34.50 -18.40 -13.27
C CYS F 54 35.84 -18.07 -12.64
N THR F 55 35.85 -17.56 -11.40
CA THR F 55 37.12 -17.36 -10.71
C THR F 55 37.77 -18.69 -10.37
N GLU F 56 36.98 -19.66 -9.91
CA GLU F 56 37.53 -20.97 -9.58
C GLU F 56 37.95 -21.73 -10.83
N MET F 57 37.13 -21.67 -11.88
CA MET F 57 37.48 -22.37 -13.12
C MET F 57 38.74 -21.81 -13.75
N GLU F 58 38.97 -20.49 -13.63
CA GLU F 58 40.20 -19.91 -14.14
C GLU F 58 41.40 -20.37 -13.32
N LYS F 59 41.24 -20.45 -11.99
CA LYS F 59 42.31 -20.94 -11.14
C LYS F 59 42.64 -22.40 -11.42
N GLU F 60 41.64 -23.19 -11.79
CA GLU F 60 41.84 -24.59 -12.15
C GLU F 60 42.27 -24.77 -13.61
N GLY F 61 42.43 -23.68 -14.35
CA GLY F 61 42.81 -23.76 -15.75
C GLY F 61 41.71 -24.17 -16.69
N LYS F 62 40.47 -24.31 -16.21
CA LYS F 62 39.37 -24.71 -17.09
C LYS F 62 39.03 -23.61 -18.09
N ILE F 63 39.14 -22.35 -17.70
CA ILE F 63 38.89 -21.22 -18.58
C ILE F 63 40.04 -20.23 -18.44
N SER F 64 40.12 -19.31 -19.40
CA SER F 64 41.17 -18.31 -19.39
C SER F 64 40.64 -17.00 -19.96
N LYS F 65 41.11 -15.89 -19.41
CA LYS F 65 40.66 -14.58 -19.87
C LYS F 65 41.20 -14.28 -21.26
N ILE F 66 40.37 -13.63 -22.08
CA ILE F 66 40.76 -13.24 -23.43
C ILE F 66 40.46 -11.77 -23.63
N GLY F 67 40.67 -11.28 -24.85
CA GLY F 67 40.43 -9.89 -25.17
C GLY F 67 39.41 -9.70 -26.28
N PRO F 68 39.34 -8.49 -26.83
CA PRO F 68 38.37 -8.21 -27.90
C PRO F 68 38.80 -8.71 -29.27
N GLU F 69 40.05 -9.14 -29.42
CA GLU F 69 40.49 -9.67 -30.71
C GLU F 69 39.80 -10.98 -31.07
N ASN F 70 39.17 -11.64 -30.09
CA ASN F 70 38.33 -12.80 -30.34
C ASN F 70 36.94 -12.31 -30.70
N PRO F 71 36.52 -12.44 -31.96
CA PRO F 71 35.22 -11.91 -32.39
C PRO F 71 34.03 -12.80 -32.10
N TYR F 72 34.22 -13.89 -31.36
CA TYR F 72 33.17 -14.85 -31.10
C TYR F 72 32.67 -14.72 -29.67
N ASN F 73 31.38 -15.02 -29.47
CA ASN F 73 30.77 -14.90 -28.16
C ASN F 73 29.53 -15.77 -28.09
N THR F 74 29.24 -16.26 -26.88
CA THR F 74 28.13 -17.16 -26.63
C THR F 74 27.50 -16.76 -25.30
N PRO F 75 26.16 -16.64 -25.24
CA PRO F 75 25.53 -16.20 -24.00
C PRO F 75 25.74 -17.19 -22.86
N VAL F 76 25.84 -16.65 -21.65
CA VAL F 76 26.07 -17.43 -20.45
C VAL F 76 25.15 -16.94 -19.35
N PHE F 77 24.69 -17.86 -18.51
CA PHE F 77 23.89 -17.52 -17.33
C PHE F 77 23.98 -18.68 -16.35
N ALA F 78 23.28 -18.55 -15.23
CA ALA F 78 23.30 -19.54 -14.16
C ALA F 78 21.88 -19.97 -13.82
N ILE F 79 21.77 -21.19 -13.28
CA ILE F 79 20.49 -21.77 -12.90
C ILE F 79 20.65 -22.50 -11.58
N LYS F 80 19.56 -23.10 -11.11
CA LYS F 80 19.56 -24.00 -9.95
C LYS F 80 18.64 -25.15 -10.27
N LYS F 81 19.17 -26.37 -10.29
CA LYS F 81 18.36 -27.52 -10.63
C LYS F 81 17.35 -27.81 -9.51
N LYS F 82 16.46 -28.77 -9.80
CA LYS F 82 15.36 -29.07 -8.87
C LYS F 82 15.90 -29.50 -7.52
N ASP F 83 15.41 -28.83 -6.46
CA ASP F 83 15.79 -29.13 -5.08
C ASP F 83 17.30 -28.99 -4.88
N SER F 84 17.84 -27.86 -5.32
CA SER F 84 19.26 -27.58 -5.18
C SER F 84 19.46 -26.08 -5.00
N THR F 85 20.27 -25.71 -4.01
CA THR F 85 20.59 -24.32 -3.73
C THR F 85 21.98 -23.94 -4.19
N LYS F 86 22.58 -24.72 -5.07
CA LYS F 86 23.92 -24.47 -5.60
C LYS F 86 23.80 -24.05 -7.05
N TRP F 87 24.30 -22.86 -7.37
CA TRP F 87 24.23 -22.34 -8.73
C TRP F 87 25.06 -23.21 -9.68
N ARG F 88 24.67 -23.22 -10.95
CA ARG F 88 25.35 -23.98 -11.97
C ARG F 88 25.53 -23.12 -13.22
N LYS F 89 26.76 -23.05 -13.71
CA LYS F 89 27.04 -22.28 -14.91
C LYS F 89 26.46 -22.97 -16.13
N LEU F 90 25.75 -22.22 -16.96
CA LEU F 90 25.09 -22.75 -18.15
C LEU F 90 25.41 -21.85 -19.34
N VAL F 91 25.81 -22.46 -20.46
CA VAL F 91 26.20 -21.75 -21.66
C VAL F 91 25.22 -22.10 -22.77
N ASP F 92 24.67 -21.08 -23.44
CA ASP F 92 23.73 -21.28 -24.53
C ASP F 92 24.51 -21.58 -25.81
N PHE F 93 25.08 -22.78 -25.85
CA PHE F 93 25.86 -23.26 -26.99
C PHE F 93 25.01 -23.70 -28.16
N ARG F 94 23.73 -23.33 -28.21
CA ARG F 94 22.87 -23.77 -29.31
C ARG F 94 23.43 -23.34 -30.66
N GLU F 95 24.00 -22.14 -30.74
CA GLU F 95 24.56 -21.67 -32.00
C GLU F 95 25.82 -22.44 -32.37
N LEU F 96 26.71 -22.67 -31.41
CA LEU F 96 27.94 -23.41 -31.68
C LEU F 96 27.65 -24.87 -31.97
N ASN F 97 26.58 -25.43 -31.41
CA ASN F 97 26.28 -26.84 -31.60
C ASN F 97 25.87 -27.14 -33.03
N LYS F 98 24.98 -26.32 -33.59
CA LYS F 98 24.52 -26.54 -34.95
C LYS F 98 25.53 -26.08 -36.00
N ARG F 99 26.68 -25.57 -35.59
CA ARG F 99 27.78 -25.24 -36.49
C ARG F 99 28.87 -26.31 -36.47
N THR F 100 28.77 -27.30 -35.59
CA THR F 100 29.65 -28.46 -35.55
C THR F 100 28.84 -29.74 -35.64
N GLN F 101 27.76 -29.70 -36.41
CA GLN F 101 26.81 -30.82 -36.45
C GLN F 101 27.44 -32.07 -37.05
N ASP F 102 28.37 -31.92 -38.00
CA ASP F 102 29.01 -33.07 -38.61
C ASP F 102 30.04 -33.74 -37.69
N PHE F 103 30.19 -33.26 -36.46
CA PHE F 103 31.16 -33.81 -35.52
C PHE F 103 30.51 -34.77 -34.53
N TRP F 104 29.50 -34.30 -33.80
CA TRP F 104 28.85 -35.11 -32.77
C TRP F 104 27.76 -36.02 -33.34
N GLU F 105 27.57 -36.04 -34.65
CA GLU F 105 26.54 -36.87 -35.28
C GLU F 105 27.10 -37.80 -36.33
N VAL F 106 28.05 -37.35 -37.14
CA VAL F 106 28.59 -38.14 -38.23
C VAL F 106 29.86 -38.88 -37.81
N GLN F 107 30.81 -38.17 -37.19
CA GLN F 107 32.09 -38.78 -36.83
C GLN F 107 31.95 -39.63 -35.56
N LEU F 108 31.82 -38.98 -34.41
CA LEU F 108 31.74 -39.69 -33.14
C LEU F 108 30.34 -39.59 -32.55
N GLY F 109 29.34 -40.10 -33.27
CA GLY F 109 27.98 -40.08 -32.79
C GLY F 109 27.72 -41.10 -31.70
N ILE F 110 26.58 -40.96 -31.04
CA ILE F 110 26.17 -41.82 -29.95
C ILE F 110 24.89 -42.54 -30.38
N PRO F 111 24.88 -43.88 -30.40
CA PRO F 111 23.64 -44.59 -30.73
C PRO F 111 22.60 -44.46 -29.63
N HIS F 112 21.34 -44.65 -30.02
CA HIS F 112 20.22 -44.50 -29.10
C HIS F 112 19.53 -45.84 -28.90
N PRO F 113 19.30 -46.26 -27.66
CA PRO F 113 18.63 -47.54 -27.42
C PRO F 113 17.12 -47.41 -27.48
N ALA F 114 16.48 -48.40 -28.09
CA ALA F 114 15.03 -48.43 -28.17
C ALA F 114 14.37 -48.95 -26.90
N GLY F 115 15.13 -49.62 -26.04
CA GLY F 115 14.59 -50.18 -24.80
C GLY F 115 14.59 -49.23 -23.63
N LEU F 116 15.26 -48.09 -23.73
CA LEU F 116 15.24 -47.12 -22.65
C LEU F 116 13.84 -46.59 -22.39
N LYS F 117 13.05 -46.41 -23.45
CA LYS F 117 11.67 -45.97 -23.31
C LYS F 117 10.79 -47.03 -22.66
N LYS F 118 11.22 -48.29 -22.66
CA LYS F 118 10.42 -49.40 -22.14
C LYS F 118 10.78 -49.76 -20.71
N LYS F 119 11.86 -49.22 -20.16
CA LYS F 119 12.25 -49.54 -18.79
C LYS F 119 11.24 -48.97 -17.79
N LYS F 120 11.15 -49.65 -16.65
CA LYS F 120 10.17 -49.25 -15.63
C LYS F 120 10.56 -47.95 -14.96
N SER F 121 11.86 -47.73 -14.74
CA SER F 121 12.34 -46.53 -14.08
C SER F 121 13.64 -46.08 -14.74
N VAL F 122 13.73 -44.80 -15.07
CA VAL F 122 14.92 -44.21 -15.67
C VAL F 122 15.35 -43.03 -14.80
N THR F 123 16.61 -43.03 -14.41
CA THR F 123 17.17 -41.98 -13.56
C THR F 123 18.17 -41.16 -14.35
N VAL F 124 18.08 -39.83 -14.23
CA VAL F 124 18.97 -38.91 -14.92
C VAL F 124 20.09 -38.52 -13.97
N LEU F 125 21.33 -38.57 -14.44
CA LEU F 125 22.49 -38.24 -13.65
C LEU F 125 23.34 -37.22 -14.40
N ASP F 126 23.75 -36.16 -13.70
CA ASP F 126 24.60 -35.13 -14.29
C ASP F 126 26.06 -35.60 -14.23
N VAL F 127 26.65 -35.84 -15.39
CA VAL F 127 28.03 -36.28 -15.49
C VAL F 127 28.90 -35.25 -16.21
N GLY F 128 28.41 -34.02 -16.33
CA GLY F 128 29.14 -32.98 -17.05
C GLY F 128 30.44 -32.58 -16.38
N ASP F 129 30.61 -32.89 -15.11
CA ASP F 129 31.85 -32.53 -14.42
C ASP F 129 33.05 -33.27 -15.01
N ALA F 130 32.84 -34.49 -15.50
CA ALA F 130 33.94 -35.27 -16.06
C ALA F 130 34.51 -34.65 -17.32
N TYR F 131 33.76 -33.77 -17.99
CA TYR F 131 34.26 -33.14 -19.21
C TYR F 131 35.41 -32.18 -18.92
N PHE F 132 35.46 -31.63 -17.70
CA PHE F 132 36.49 -30.64 -17.35
C PHE F 132 37.87 -31.26 -17.22
N SER F 133 38.00 -32.58 -17.30
CA SER F 133 39.28 -33.24 -17.17
C SER F 133 39.99 -33.46 -18.51
N VAL F 134 39.31 -33.26 -19.63
CA VAL F 134 39.85 -33.52 -20.95
C VAL F 134 40.16 -32.17 -21.61
N PRO F 135 41.37 -31.97 -22.13
CA PRO F 135 41.68 -30.71 -22.80
C PRO F 135 40.93 -30.57 -24.12
N LEU F 136 40.82 -29.32 -24.56
CA LEU F 136 40.17 -28.97 -25.81
C LEU F 136 41.20 -28.55 -26.84
N ASP F 137 40.89 -28.81 -28.11
CA ASP F 137 41.79 -28.43 -29.20
C ASP F 137 42.02 -26.93 -29.19
N GLU F 138 43.29 -26.52 -29.26
CA GLU F 138 43.63 -25.10 -29.16
C GLU F 138 43.04 -24.31 -30.32
N ASP F 139 43.02 -24.90 -31.52
CA ASP F 139 42.45 -24.22 -32.68
C ASP F 139 40.95 -24.05 -32.57
N PHE F 140 40.31 -24.64 -31.56
CA PHE F 140 38.87 -24.56 -31.39
C PHE F 140 38.44 -23.78 -30.16
N ARG F 141 39.38 -23.47 -29.25
CA ARG F 141 39.03 -22.77 -28.02
C ARG F 141 38.51 -21.36 -28.27
N LYS F 142 38.87 -20.75 -29.40
CA LYS F 142 38.43 -19.39 -29.68
C LYS F 142 36.93 -19.29 -29.93
N TYR F 143 36.28 -20.41 -30.23
CA TYR F 143 34.84 -20.42 -30.50
C TYR F 143 34.00 -20.59 -29.25
N THR F 144 34.61 -20.93 -28.11
CA THR F 144 33.88 -21.13 -26.86
C THR F 144 33.88 -19.90 -25.99
N ALA F 145 34.07 -18.72 -26.58
CA ALA F 145 34.18 -17.50 -25.79
C ALA F 145 32.82 -17.06 -25.25
N PHE F 146 32.85 -16.44 -24.08
CA PHE F 146 31.66 -15.87 -23.48
C PHE F 146 32.04 -14.62 -22.71
N THR F 147 31.04 -13.80 -22.40
CA THR F 147 31.24 -12.51 -21.77
C THR F 147 30.34 -12.38 -20.55
N ILE F 148 30.92 -12.03 -19.41
CA ILE F 148 30.18 -11.81 -18.17
C ILE F 148 29.87 -10.32 -18.08
N PRO F 149 28.60 -9.92 -18.00
CA PRO F 149 28.27 -8.50 -17.91
C PRO F 149 28.46 -7.99 -16.49
N SER F 150 28.18 -6.70 -16.31
CA SER F 150 28.26 -6.06 -15.00
C SER F 150 27.03 -5.20 -14.79
N ILE F 151 26.66 -5.02 -13.51
CA ILE F 151 25.49 -4.22 -13.17
C ILE F 151 25.76 -2.75 -13.48
N ASN F 152 24.81 -2.11 -14.15
CA ASN F 152 24.89 -0.70 -14.52
C ASN F 152 26.12 -0.39 -15.36
N ASN F 153 26.71 -1.41 -15.99
CA ASN F 153 27.89 -1.25 -16.85
C ASN F 153 29.03 -0.55 -16.12
N GLU F 154 29.28 -0.99 -14.88
CA GLU F 154 30.40 -0.45 -14.11
C GLU F 154 31.72 -0.75 -14.81
N THR F 155 31.99 -2.02 -15.06
CA THR F 155 33.16 -2.47 -15.80
C THR F 155 32.75 -3.00 -17.16
N PRO F 156 33.67 -3.00 -18.14
CA PRO F 156 33.36 -3.64 -19.43
C PRO F 156 33.10 -5.12 -19.27
N GLY F 157 32.75 -5.79 -20.38
CA GLY F 157 32.47 -7.21 -20.31
C GLY F 157 33.73 -8.01 -20.07
N ILE F 158 33.67 -8.94 -19.12
CA ILE F 158 34.79 -9.83 -18.82
C ILE F 158 34.66 -11.05 -19.72
N ARG F 159 35.66 -11.25 -20.58
CA ARG F 159 35.61 -12.30 -21.59
C ARG F 159 36.53 -13.46 -21.21
N TYR F 160 36.02 -14.69 -21.37
CA TYR F 160 36.76 -15.91 -21.13
C TYR F 160 36.65 -16.82 -22.32
N GLN F 161 37.41 -17.92 -22.28
CA GLN F 161 37.27 -19.00 -23.24
C GLN F 161 37.64 -20.30 -22.54
N TYR F 162 37.08 -21.41 -23.03
CA TYR F 162 37.29 -22.69 -22.39
C TYR F 162 38.58 -23.36 -22.88
N ASN F 163 39.31 -23.94 -21.94
CA ASN F 163 40.49 -24.74 -22.26
C ASN F 163 40.20 -26.25 -22.23
N VAL F 164 39.10 -26.65 -21.60
CA VAL F 164 38.73 -28.06 -21.51
C VAL F 164 37.40 -28.26 -22.24
N LEU F 165 36.88 -29.49 -22.20
CA LEU F 165 35.59 -29.76 -22.81
C LEU F 165 34.49 -29.04 -22.03
N PRO F 166 33.77 -28.12 -22.64
CA PRO F 166 32.77 -27.34 -21.91
C PRO F 166 31.41 -28.04 -21.85
N GLN F 167 30.70 -27.78 -20.75
CA GLN F 167 29.34 -28.27 -20.61
C GLN F 167 28.42 -27.50 -21.54
N GLY F 168 27.43 -28.21 -22.10
CA GLY F 168 26.49 -27.60 -23.02
C GLY F 168 26.86 -27.70 -24.48
N TRP F 169 28.11 -28.02 -24.80
CA TRP F 169 28.54 -28.20 -26.18
C TRP F 169 28.38 -29.66 -26.57
N LYS F 170 27.79 -29.89 -27.75
CA LYS F 170 27.48 -31.27 -28.16
C LYS F 170 28.74 -32.05 -28.51
N GLY F 171 29.87 -31.38 -28.74
CA GLY F 171 31.11 -32.09 -28.98
C GLY F 171 31.76 -32.67 -27.74
N SER F 172 31.36 -32.20 -26.56
CA SER F 172 31.96 -32.72 -25.33
C SER F 172 31.60 -34.18 -25.08
N PRO F 173 30.33 -34.60 -25.13
CA PRO F 173 30.05 -36.04 -24.95
C PRO F 173 30.55 -36.89 -26.10
N ALA F 174 30.75 -36.32 -27.29
CA ALA F 174 31.25 -37.10 -28.42
C ALA F 174 32.72 -37.46 -28.22
N ILE F 175 33.52 -36.51 -27.76
CA ILE F 175 34.93 -36.81 -27.52
C ILE F 175 35.09 -37.71 -26.29
N PHE F 176 34.33 -37.43 -25.23
CA PHE F 176 34.39 -38.23 -24.02
C PHE F 176 33.72 -39.59 -24.16
N GLN F 177 33.09 -39.88 -25.30
CA GLN F 177 32.40 -41.15 -25.48
C GLN F 177 33.36 -42.32 -25.38
N SER F 178 34.58 -42.16 -25.89
CA SER F 178 35.59 -43.21 -25.76
C SER F 178 35.96 -43.43 -24.31
N SER F 179 36.13 -42.35 -23.54
CA SER F 179 36.45 -42.49 -22.13
C SER F 179 35.23 -42.94 -21.32
N MET F 180 34.03 -42.49 -21.69
CA MET F 180 32.83 -42.88 -20.97
C MET F 180 32.55 -44.37 -21.10
N THR F 181 32.77 -44.93 -22.29
CA THR F 181 32.51 -46.35 -22.50
C THR F 181 33.41 -47.21 -21.62
N LYS F 182 34.66 -46.81 -21.44
CA LYS F 182 35.58 -47.58 -20.62
C LYS F 182 35.19 -47.53 -19.15
N ILE F 183 34.75 -46.38 -18.66
CA ILE F 183 34.32 -46.27 -17.27
C ILE F 183 33.10 -47.13 -17.01
N LEU F 184 32.13 -47.11 -17.93
CA LEU F 184 30.91 -47.88 -17.79
C LEU F 184 31.08 -49.34 -18.18
N GLU F 185 32.26 -49.75 -18.64
CA GLU F 185 32.44 -51.14 -19.05
C GLU F 185 32.35 -52.11 -17.87
N PRO F 186 33.03 -51.90 -16.74
CA PRO F 186 32.86 -52.84 -15.61
C PRO F 186 31.46 -52.85 -15.03
N PHE F 187 30.67 -51.79 -15.22
CA PHE F 187 29.33 -51.75 -14.66
C PHE F 187 28.29 -52.39 -15.57
N LYS F 188 28.44 -52.22 -16.89
CA LYS F 188 27.50 -52.84 -17.82
C LYS F 188 27.62 -54.37 -17.81
N LYS F 189 28.84 -54.88 -17.65
CA LYS F 189 29.02 -56.32 -17.54
C LYS F 189 28.46 -56.85 -16.22
N GLN F 190 28.43 -56.00 -15.18
CA GLN F 190 27.87 -56.43 -13.91
C GLN F 190 26.36 -56.57 -13.98
N ASN F 191 25.69 -55.62 -14.65
CA ASN F 191 24.23 -55.62 -14.79
C ASN F 191 23.89 -55.55 -16.27
N PRO F 192 23.76 -56.70 -16.94
CA PRO F 192 23.49 -56.69 -18.39
C PRO F 192 22.07 -56.29 -18.75
N ASP F 193 21.17 -56.15 -17.78
CA ASP F 193 19.79 -55.77 -18.07
C ASP F 193 19.56 -54.27 -17.98
N ILE F 194 20.52 -53.51 -17.45
CA ILE F 194 20.37 -52.06 -17.29
C ILE F 194 20.81 -51.38 -18.57
N VAL F 195 19.99 -50.45 -19.06
CA VAL F 195 20.27 -49.69 -20.27
C VAL F 195 20.74 -48.30 -19.86
N ILE F 196 21.90 -47.90 -20.36
CA ILE F 196 22.51 -46.60 -20.03
C ILE F 196 22.62 -45.80 -21.33
N TYR F 197 22.05 -44.60 -21.33
CA TYR F 197 22.12 -43.69 -22.46
C TYR F 197 22.68 -42.36 -22.00
N GLN F 198 23.52 -41.75 -22.85
CA GLN F 198 24.17 -40.48 -22.54
C GLN F 198 23.72 -39.43 -23.53
N TYR F 199 23.23 -38.30 -23.02
CA TYR F 199 22.87 -37.16 -23.85
C TYR F 199 23.37 -35.90 -23.17
N MET F 200 24.31 -35.22 -23.81
CA MET F 200 24.91 -33.97 -23.30
C MET F 200 25.53 -34.28 -21.94
N ASP F 201 25.32 -33.46 -20.92
CA ASP F 201 25.90 -33.68 -19.60
C ASP F 201 25.12 -34.68 -18.76
N ASP F 202 24.05 -35.24 -19.30
CA ASP F 202 23.17 -36.12 -18.54
C ASP F 202 23.43 -37.59 -18.87
N LEU F 203 23.22 -38.44 -17.89
CA LEU F 203 23.37 -39.89 -18.03
C LEU F 203 22.05 -40.54 -17.63
N TYR F 204 21.35 -41.11 -18.60
CA TYR F 204 20.06 -41.75 -18.37
C TYR F 204 20.27 -43.22 -18.09
N VAL F 205 19.90 -43.66 -16.89
CA VAL F 205 20.09 -45.04 -16.45
C VAL F 205 18.71 -45.65 -16.23
N GLY F 206 18.35 -46.60 -17.09
CA GLY F 206 17.04 -47.24 -17.03
C GLY F 206 17.18 -48.70 -16.60
N SER F 207 16.20 -49.17 -15.83
CA SER F 207 16.19 -50.54 -15.35
C SER F 207 14.76 -50.95 -15.07
N ASP F 208 14.51 -52.26 -15.16
CA ASP F 208 13.21 -52.84 -14.84
C ASP F 208 13.11 -53.26 -13.38
N LEU F 209 14.10 -52.94 -12.55
CA LEU F 209 14.09 -53.31 -11.16
C LEU F 209 13.02 -52.52 -10.40
N GLU F 210 12.84 -52.87 -9.13
CA GLU F 210 11.92 -52.13 -8.28
C GLU F 210 12.56 -50.83 -7.81
N ILE F 211 11.73 -49.95 -7.23
CA ILE F 211 12.20 -48.64 -6.81
C ILE F 211 13.34 -48.76 -5.81
N GLY F 212 13.26 -49.73 -4.91
CA GLY F 212 14.34 -49.96 -3.98
C GLY F 212 15.58 -50.50 -4.66
N GLN F 213 15.41 -51.48 -5.55
CA GLN F 213 16.55 -52.05 -6.26
C GLN F 213 17.11 -51.08 -7.29
N HIS F 214 16.27 -50.21 -7.86
CA HIS F 214 16.75 -49.25 -8.84
C HIS F 214 17.66 -48.21 -8.20
N ARG F 215 17.20 -47.60 -7.11
CA ARG F 215 18.00 -46.56 -6.45
C ARG F 215 19.29 -47.13 -5.87
N THR F 216 19.29 -48.42 -5.54
CA THR F 216 20.53 -49.05 -5.08
C THR F 216 21.54 -49.13 -6.22
N LYS F 217 21.10 -49.60 -7.39
CA LYS F 217 22.02 -49.71 -8.53
C LYS F 217 22.48 -48.33 -9.00
N ILE F 218 21.66 -47.29 -8.83
CA ILE F 218 22.09 -45.95 -9.16
C ILE F 218 23.23 -45.52 -8.23
N GLU F 219 23.14 -45.88 -6.95
CA GLU F 219 24.22 -45.56 -6.02
C GLU F 219 25.48 -46.35 -6.35
N GLU F 220 25.33 -47.59 -6.82
CA GLU F 220 26.49 -48.36 -7.24
C GLU F 220 27.18 -47.72 -8.44
N LEU F 221 26.41 -47.07 -9.31
CA LEU F 221 27.02 -46.35 -10.43
C LEU F 221 27.62 -45.03 -9.99
N ARG F 222 27.03 -44.36 -9.00
CA ARG F 222 27.62 -43.14 -8.46
C ARG F 222 29.00 -43.42 -7.88
N GLN F 223 29.13 -44.52 -7.12
CA GLN F 223 30.44 -44.87 -6.58
C GLN F 223 31.39 -45.33 -7.68
N HIS F 224 30.87 -45.93 -8.74
CA HIS F 224 31.71 -46.32 -9.87
C HIS F 224 32.22 -45.11 -10.64
N LEU F 225 31.52 -43.98 -10.58
CA LEU F 225 31.97 -42.76 -11.22
C LEU F 225 32.88 -41.92 -10.33
N LEU F 226 32.80 -42.09 -9.01
CA LEU F 226 33.66 -41.34 -8.11
C LEU F 226 35.08 -41.89 -8.11
N ARG F 227 35.25 -43.17 -8.40
CA ARG F 227 36.58 -43.80 -8.47
C ARG F 227 37.25 -43.58 -9.82
N TRP F 228 37.00 -42.44 -10.46
CA TRP F 228 37.69 -42.11 -11.72
C TRP F 228 38.05 -40.63 -11.75
N GLY F 247 19.39 -36.87 -8.52
CA GLY F 247 18.88 -37.91 -9.38
C GLY F 247 17.41 -37.74 -9.73
N TYR F 248 17.15 -37.34 -10.97
CA TYR F 248 15.79 -37.15 -11.45
C TYR F 248 15.26 -38.48 -11.97
N GLU F 249 14.18 -38.96 -11.38
CA GLU F 249 13.61 -40.27 -11.69
C GLU F 249 12.47 -40.13 -12.70
N LEU F 250 12.48 -40.99 -13.71
CA LEU F 250 11.45 -41.03 -14.73
C LEU F 250 10.76 -42.40 -14.69
N HIS F 251 9.61 -42.47 -15.34
CA HIS F 251 8.84 -43.71 -15.47
C HIS F 251 8.22 -43.75 -16.86
N PRO F 252 9.02 -44.08 -17.87
CA PRO F 252 8.51 -44.03 -19.26
C PRO F 252 7.45 -45.06 -19.56
N ASP F 253 7.30 -46.10 -18.74
CA ASP F 253 6.26 -47.10 -18.98
C ASP F 253 4.88 -46.56 -18.63
N LYS F 254 4.80 -45.54 -17.78
CA LYS F 254 3.53 -44.93 -17.40
C LYS F 254 3.11 -43.81 -18.34
N TRP F 255 3.90 -43.50 -19.37
CA TRP F 255 3.56 -42.43 -20.29
C TRP F 255 2.39 -42.84 -21.16
N THR F 256 1.40 -41.95 -21.29
CA THR F 256 0.18 -42.22 -22.03
C THR F 256 0.09 -41.29 -23.23
N VAL F 257 -0.94 -41.51 -24.05
CA VAL F 257 -1.21 -40.70 -25.23
C VAL F 257 -2.58 -40.03 -25.07
N GLN F 258 -2.75 -38.92 -25.79
CA GLN F 258 -3.97 -38.13 -25.72
C GLN F 258 -4.75 -38.27 -27.03
N PRO F 259 -5.77 -39.13 -27.08
CA PRO F 259 -6.53 -39.29 -28.32
C PRO F 259 -7.54 -38.16 -28.51
N ILE F 260 -8.01 -38.04 -29.75
CA ILE F 260 -9.05 -37.08 -30.09
C ILE F 260 -10.41 -37.69 -29.72
N VAL F 261 -11.15 -37.01 -28.85
CA VAL F 261 -12.45 -37.48 -28.41
C VAL F 261 -13.52 -36.48 -28.85
N LEU F 262 -14.74 -36.96 -28.97
CA LEU F 262 -15.87 -36.14 -29.36
C LEU F 262 -16.83 -35.95 -28.19
N PRO F 263 -17.57 -34.85 -28.15
CA PRO F 263 -18.56 -34.67 -27.08
C PRO F 263 -19.64 -35.73 -27.15
N GLU F 264 -20.26 -35.98 -25.99
CA GLU F 264 -21.35 -36.93 -25.85
C GLU F 264 -22.55 -36.16 -25.30
N LYS F 265 -23.36 -35.60 -26.19
CA LYS F 265 -24.50 -34.79 -25.81
C LYS F 265 -25.81 -35.56 -26.00
N ASP F 266 -26.77 -35.28 -25.12
CA ASP F 266 -28.09 -35.90 -25.21
C ASP F 266 -29.03 -35.11 -26.12
N SER F 267 -28.78 -33.83 -26.32
CA SER F 267 -29.52 -33.01 -27.27
C SER F 267 -28.55 -32.04 -27.92
N TRP F 268 -28.68 -31.89 -29.23
CA TRP F 268 -27.77 -31.07 -30.02
C TRP F 268 -28.49 -29.83 -30.54
N THR F 269 -27.82 -28.69 -30.44
CA THR F 269 -28.28 -27.47 -31.08
C THR F 269 -27.52 -27.26 -32.40
N VAL F 270 -27.98 -26.27 -33.16
CA VAL F 270 -27.29 -25.90 -34.39
C VAL F 270 -25.83 -25.53 -34.10
N ASN F 271 -25.61 -24.78 -33.03
CA ASN F 271 -24.25 -24.41 -32.65
C ASN F 271 -23.42 -25.63 -32.27
N ASP F 272 -24.02 -26.58 -31.56
CA ASP F 272 -23.28 -27.79 -31.20
C ASP F 272 -22.86 -28.59 -32.43
N ILE F 273 -23.77 -28.73 -33.40
CA ILE F 273 -23.45 -29.48 -34.61
C ILE F 273 -22.39 -28.76 -35.43
N GLN F 274 -22.48 -27.43 -35.50
CA GLN F 274 -21.48 -26.65 -36.23
C GLN F 274 -20.09 -26.84 -35.62
N LYS F 275 -19.99 -26.83 -34.29
CA LYS F 275 -18.70 -27.06 -33.66
C LYS F 275 -18.24 -28.51 -33.85
N LEU F 276 -19.18 -29.45 -33.83
CA LEU F 276 -18.84 -30.85 -34.06
C LEU F 276 -18.34 -31.07 -35.49
N VAL F 277 -18.97 -30.42 -36.46
CA VAL F 277 -18.56 -30.58 -37.86
C VAL F 277 -17.19 -29.95 -38.08
N GLY F 278 -16.92 -28.80 -37.47
CA GLY F 278 -15.62 -28.18 -37.60
C GLY F 278 -14.51 -29.03 -37.00
N LYS F 279 -14.74 -29.59 -35.81
CA LYS F 279 -13.74 -30.44 -35.19
C LYS F 279 -13.51 -31.71 -35.99
N LEU F 280 -14.58 -32.33 -36.47
CA LEU F 280 -14.45 -33.53 -37.28
C LEU F 280 -13.78 -33.23 -38.61
N ASN F 281 -14.11 -32.08 -39.21
CA ASN F 281 -13.48 -31.71 -40.47
C ASN F 281 -11.98 -31.50 -40.30
N TRP F 282 -11.57 -30.87 -39.19
CA TRP F 282 -10.15 -30.71 -38.93
C TRP F 282 -9.49 -32.06 -38.66
N ALA F 283 -10.15 -32.92 -37.88
CA ALA F 283 -9.61 -34.24 -37.59
C ALA F 283 -9.44 -35.09 -38.84
N SER F 284 -10.21 -34.80 -39.89
CA SER F 284 -10.07 -35.55 -41.14
C SER F 284 -8.71 -35.34 -41.78
N GLN F 285 -7.99 -34.28 -41.40
CA GLN F 285 -6.61 -34.13 -41.84
C GLN F 285 -5.70 -35.19 -41.24
N ILE F 286 -6.10 -35.79 -40.14
CA ILE F 286 -5.37 -36.90 -39.53
C ILE F 286 -5.97 -38.25 -39.91
N TYR F 287 -7.29 -38.36 -39.84
CA TYR F 287 -8.00 -39.58 -40.22
C TYR F 287 -8.83 -39.30 -41.47
N PRO F 288 -8.36 -39.70 -42.66
CA PRO F 288 -9.09 -39.34 -43.89
C PRO F 288 -10.45 -40.03 -44.04
N GLY F 289 -10.74 -41.05 -43.24
CA GLY F 289 -12.02 -41.73 -43.30
C GLY F 289 -13.15 -41.01 -42.58
N ILE F 290 -12.86 -39.92 -41.88
CA ILE F 290 -13.91 -39.19 -41.17
C ILE F 290 -14.79 -38.44 -42.17
N LYS F 291 -16.10 -38.56 -41.99
CA LYS F 291 -17.07 -37.91 -42.87
C LYS F 291 -17.97 -37.00 -42.04
N VAL F 292 -18.44 -35.92 -42.67
CA VAL F 292 -19.32 -34.96 -42.03
C VAL F 292 -20.53 -34.69 -42.91
N ARG F 293 -20.69 -35.51 -43.95
CA ARG F 293 -21.77 -35.28 -44.92
C ARG F 293 -23.13 -35.35 -44.26
N GLN F 294 -23.39 -36.41 -43.49
CA GLN F 294 -24.71 -36.58 -42.88
C GLN F 294 -24.95 -35.61 -41.74
N LEU F 295 -23.88 -35.17 -41.06
CA LEU F 295 -24.04 -34.20 -39.99
C LEU F 295 -24.31 -32.81 -40.54
N SER F 296 -23.70 -32.46 -41.68
CA SER F 296 -23.96 -31.17 -42.29
C SER F 296 -25.40 -31.06 -42.78
N LYS F 297 -25.97 -32.17 -43.27
CA LYS F 297 -27.33 -32.14 -43.79
C LYS F 297 -28.33 -31.72 -42.73
N LEU F 298 -28.05 -32.00 -41.45
CA LEU F 298 -28.95 -31.62 -40.38
C LEU F 298 -29.13 -30.11 -40.28
N LEU F 299 -28.18 -29.34 -40.80
CA LEU F 299 -28.20 -27.89 -40.68
C LEU F 299 -28.73 -27.19 -41.93
N ARG F 300 -29.33 -27.93 -42.86
CA ARG F 300 -29.82 -27.33 -44.09
C ARG F 300 -30.79 -26.20 -43.78
N GLY F 301 -30.59 -25.07 -44.45
CA GLY F 301 -31.36 -23.87 -44.21
C GLY F 301 -30.54 -22.84 -43.45
N THR F 302 -31.24 -21.83 -42.94
CA THR F 302 -30.64 -20.72 -42.20
C THR F 302 -31.27 -20.72 -40.80
N LYS F 303 -30.74 -21.58 -39.93
CA LYS F 303 -31.34 -21.83 -38.63
C LYS F 303 -30.73 -20.95 -37.54
N ALA F 304 -31.50 -20.74 -36.49
CA ALA F 304 -30.98 -20.08 -35.29
C ALA F 304 -29.97 -21.00 -34.60
N LEU F 305 -28.95 -20.39 -34.00
CA LEU F 305 -27.86 -21.17 -33.41
C LEU F 305 -28.35 -22.05 -32.26
N THR F 306 -29.34 -21.60 -31.50
CA THR F 306 -29.81 -22.32 -30.33
C THR F 306 -30.94 -23.30 -30.63
N GLU F 307 -31.29 -23.47 -31.89
CA GLU F 307 -32.36 -24.40 -32.26
C GLU F 307 -31.90 -25.84 -32.05
N VAL F 308 -32.69 -26.61 -31.31
CA VAL F 308 -32.38 -28.02 -31.10
C VAL F 308 -32.62 -28.79 -32.39
N ILE F 309 -31.66 -29.63 -32.76
CA ILE F 309 -31.70 -30.40 -34.01
C ILE F 309 -31.72 -31.88 -33.65
N PRO F 310 -32.76 -32.62 -34.02
CA PRO F 310 -32.74 -34.07 -33.79
C PRO F 310 -31.84 -34.78 -34.79
N LEU F 311 -31.08 -35.75 -34.28
CA LEU F 311 -30.18 -36.51 -35.13
C LEU F 311 -30.95 -37.54 -35.95
N THR F 312 -30.73 -37.52 -37.26
CA THR F 312 -31.28 -38.57 -38.11
C THR F 312 -30.53 -39.88 -37.88
N GLU F 313 -31.12 -40.98 -38.36
CA GLU F 313 -30.45 -42.26 -38.29
C GLU F 313 -29.14 -42.26 -39.09
N GLU F 314 -29.11 -41.55 -40.21
CA GLU F 314 -27.91 -41.50 -41.03
C GLU F 314 -26.80 -40.72 -40.34
N ALA F 315 -27.14 -39.66 -39.59
CA ALA F 315 -26.13 -38.93 -38.83
C ALA F 315 -25.62 -39.77 -37.66
N GLU F 316 -26.49 -40.53 -37.01
CA GLU F 316 -26.06 -41.39 -35.93
C GLU F 316 -25.06 -42.43 -36.42
N LEU F 317 -25.29 -42.99 -37.61
CA LEU F 317 -24.37 -43.98 -38.17
C LEU F 317 -23.06 -43.34 -38.60
N GLU F 318 -23.11 -42.11 -39.12
CA GLU F 318 -21.87 -41.41 -39.44
C GLU F 318 -21.08 -41.07 -38.19
N LEU F 319 -21.77 -40.62 -37.14
CA LEU F 319 -21.10 -40.31 -35.88
C LEU F 319 -20.53 -41.57 -35.24
N ALA F 320 -21.25 -42.69 -35.35
CA ALA F 320 -20.75 -43.95 -34.81
C ALA F 320 -19.52 -44.42 -35.56
N GLU F 321 -19.49 -44.22 -36.89
CA GLU F 321 -18.32 -44.59 -37.67
C GLU F 321 -17.14 -43.66 -37.39
N ASN F 322 -17.41 -42.38 -37.13
CA ASN F 322 -16.32 -41.46 -36.81
C ASN F 322 -15.68 -41.79 -35.48
N ARG F 323 -16.49 -42.10 -34.47
CA ARG F 323 -15.93 -42.48 -33.16
C ARG F 323 -15.11 -43.76 -33.26
N GLU F 324 -15.52 -44.69 -34.13
CA GLU F 324 -14.75 -45.91 -34.32
C GLU F 324 -13.40 -45.61 -34.96
N ILE F 325 -13.36 -44.70 -35.93
CA ILE F 325 -12.11 -44.34 -36.58
C ILE F 325 -11.17 -43.67 -35.59
N LEU F 326 -11.69 -42.80 -34.74
CA LEU F 326 -10.85 -42.07 -33.78
C LEU F 326 -10.23 -42.99 -32.73
N LYS F 327 -10.70 -44.22 -32.60
CA LYS F 327 -10.07 -45.18 -31.70
C LYS F 327 -8.97 -46.00 -32.38
N GLU F 328 -8.92 -45.99 -33.71
CA GLU F 328 -7.85 -46.63 -34.43
C GLU F 328 -6.58 -45.78 -34.36
N PRO F 329 -5.42 -46.39 -34.53
CA PRO F 329 -4.18 -45.61 -34.65
C PRO F 329 -4.10 -44.92 -36.00
N VAL F 330 -3.26 -43.89 -36.06
CA VAL F 330 -3.04 -43.18 -37.31
C VAL F 330 -2.17 -44.03 -38.23
N HIS F 331 -2.59 -44.14 -39.48
CA HIS F 331 -1.90 -45.01 -40.43
C HIS F 331 -0.64 -44.35 -40.97
N GLY F 332 0.43 -45.14 -41.08
CA GLY F 332 1.66 -44.67 -41.68
C GLY F 332 2.45 -43.68 -40.85
N VAL F 333 2.56 -43.93 -39.54
CA VAL F 333 3.30 -43.05 -38.63
C VAL F 333 4.43 -43.87 -38.03
N TYR F 334 5.66 -43.55 -38.42
CA TYR F 334 6.83 -44.18 -37.84
C TYR F 334 7.97 -43.16 -37.78
N TYR F 335 8.82 -43.31 -36.76
CA TYR F 335 9.86 -42.33 -36.50
C TYR F 335 10.93 -42.36 -37.58
N ASP F 336 11.39 -41.17 -37.96
CA ASP F 336 12.46 -41.02 -38.95
C ASP F 336 13.68 -40.42 -38.27
N PRO F 337 14.81 -41.13 -38.22
CA PRO F 337 15.99 -40.56 -37.54
C PRO F 337 16.67 -39.44 -38.30
N SER F 338 16.38 -39.28 -39.59
CA SER F 338 17.01 -38.24 -40.39
C SER F 338 16.30 -36.90 -40.31
N LYS F 339 15.01 -36.90 -39.97
CA LYS F 339 14.24 -35.66 -39.90
C LYS F 339 14.22 -35.12 -38.48
N ASP F 340 13.96 -33.82 -38.36
CA ASP F 340 13.90 -33.17 -37.06
C ASP F 340 12.54 -33.39 -36.42
N LEU F 341 12.51 -33.29 -35.09
CA LEU F 341 11.28 -33.38 -34.33
C LEU F 341 10.69 -31.99 -34.12
N ILE F 342 9.37 -31.89 -34.28
CA ILE F 342 8.65 -30.64 -34.07
C ILE F 342 7.68 -30.85 -32.93
N ALA F 343 7.61 -29.86 -32.03
CA ALA F 343 6.69 -29.90 -30.90
C ALA F 343 5.83 -28.65 -30.90
N GLU F 344 4.51 -28.84 -30.86
CA GLU F 344 3.55 -27.76 -30.70
C GLU F 344 2.90 -27.86 -29.33
N ILE F 345 2.64 -26.72 -28.71
CA ILE F 345 2.05 -26.66 -27.39
C ILE F 345 0.83 -25.74 -27.43
N GLN F 346 -0.24 -26.13 -26.77
CA GLN F 346 -1.45 -25.34 -26.66
C GLN F 346 -1.76 -25.07 -25.20
N LYS F 347 -2.06 -23.83 -24.87
CA LYS F 347 -2.53 -23.46 -23.54
C LYS F 347 -4.03 -23.72 -23.48
N GLN F 348 -4.43 -24.69 -22.65
CA GLN F 348 -5.84 -25.07 -22.54
C GLN F 348 -6.54 -24.39 -21.37
N GLY F 349 -5.84 -23.62 -20.56
CA GLY F 349 -6.44 -22.96 -19.42
C GLY F 349 -6.55 -23.88 -18.22
N GLN F 350 -6.68 -23.26 -17.04
CA GLN F 350 -6.78 -23.98 -15.77
C GLN F 350 -5.57 -24.88 -15.56
N GLY F 351 -4.39 -24.36 -15.86
CA GLY F 351 -3.17 -25.12 -15.70
C GLY F 351 -3.02 -26.30 -16.64
N GLN F 352 -3.86 -26.40 -17.66
CA GLN F 352 -3.84 -27.51 -18.61
C GLN F 352 -3.05 -27.10 -19.85
N TRP F 353 -2.17 -27.98 -20.29
CA TRP F 353 -1.39 -27.78 -21.50
C TRP F 353 -1.38 -29.07 -22.30
N THR F 354 -1.59 -28.95 -23.61
CA THR F 354 -1.52 -30.09 -24.52
C THR F 354 -0.35 -29.90 -25.49
N TYR F 355 0.26 -31.02 -25.88
CA TYR F 355 1.39 -30.98 -26.79
C TYR F 355 1.34 -32.14 -27.76
N GLN F 356 1.89 -31.93 -28.95
CA GLN F 356 1.98 -32.96 -29.98
C GLN F 356 3.39 -32.93 -30.56
N ILE F 357 4.02 -34.10 -30.65
CA ILE F 357 5.35 -34.24 -31.21
C ILE F 357 5.22 -34.94 -32.56
N TYR F 358 5.81 -34.34 -33.60
CA TYR F 358 5.71 -34.90 -34.93
C TYR F 358 6.92 -34.47 -35.76
N GLN F 359 7.03 -35.08 -36.93
CA GLN F 359 8.02 -34.69 -37.94
C GLN F 359 7.36 -34.18 -39.21
N GLU F 360 6.32 -34.85 -39.70
CA GLU F 360 5.47 -34.40 -40.78
C GLU F 360 4.13 -33.94 -40.23
N PRO F 361 3.50 -32.94 -40.85
CA PRO F 361 2.21 -32.46 -40.36
C PRO F 361 1.17 -33.57 -40.33
N PHE F 362 0.37 -33.58 -39.27
CA PHE F 362 -0.70 -34.54 -39.04
C PHE F 362 -0.20 -35.97 -38.90
N LYS F 363 1.11 -36.16 -38.76
CA LYS F 363 1.66 -37.48 -38.47
C LYS F 363 2.29 -37.48 -37.09
N ASN F 364 1.47 -37.33 -36.05
CA ASN F 364 1.98 -37.17 -34.70
C ASN F 364 2.66 -38.45 -34.21
N LEU F 365 3.90 -38.32 -33.75
CA LEU F 365 4.58 -39.45 -33.12
C LEU F 365 4.15 -39.63 -31.68
N LYS F 366 3.67 -38.56 -31.04
CA LYS F 366 3.18 -38.62 -29.67
C LYS F 366 2.34 -37.39 -29.38
N THR F 367 1.25 -37.59 -28.65
CA THR F 367 0.41 -36.51 -28.15
C THR F 367 0.25 -36.69 -26.65
N GLY F 368 0.49 -35.62 -25.89
CA GLY F 368 0.42 -35.69 -24.44
C GLY F 368 -0.25 -34.46 -23.86
N LYS F 369 -0.42 -34.48 -22.54
CA LYS F 369 -1.07 -33.40 -21.81
C LYS F 369 -0.35 -33.21 -20.49
N TYR F 370 0.13 -31.99 -20.24
CA TYR F 370 0.80 -31.63 -19.00
C TYR F 370 -0.12 -30.72 -18.19
N ALA F 371 -0.28 -31.04 -16.91
CA ALA F 371 -1.22 -30.32 -16.05
C ALA F 371 -0.63 -30.14 -14.66
N ARG F 372 -0.91 -28.97 -14.07
CA ARG F 372 -0.53 -28.65 -12.69
C ARG F 372 0.95 -28.88 -12.43
N THR F 378 -1.10 -19.87 -12.11
CA THR F 378 -0.70 -18.62 -11.48
C THR F 378 0.47 -17.97 -12.21
N ASN F 379 1.17 -18.76 -13.04
CA ASN F 379 2.31 -18.25 -13.81
C ASN F 379 2.39 -19.07 -15.09
N ASP F 380 1.87 -18.52 -16.18
CA ASP F 380 1.89 -19.24 -17.46
C ASP F 380 3.30 -19.47 -17.97
N VAL F 381 4.22 -18.56 -17.66
CA VAL F 381 5.59 -18.69 -18.18
C VAL F 381 6.31 -19.83 -17.50
N LYS F 382 6.18 -19.95 -16.17
CA LYS F 382 6.80 -21.07 -15.47
C LYS F 382 6.22 -22.39 -15.93
N GLN F 383 4.90 -22.45 -16.12
CA GLN F 383 4.26 -23.68 -16.57
C GLN F 383 4.75 -24.06 -17.97
N LEU F 384 4.78 -23.09 -18.89
CA LEU F 384 5.26 -23.37 -20.24
C LEU F 384 6.73 -23.78 -20.23
N THR F 385 7.55 -23.11 -19.40
CA THR F 385 8.95 -23.49 -19.30
C THR F 385 9.10 -24.90 -18.77
N GLU F 386 8.33 -25.24 -17.73
CA GLU F 386 8.37 -26.61 -17.21
C GLU F 386 7.84 -27.60 -18.24
N ALA F 387 6.89 -27.19 -19.08
CA ALA F 387 6.36 -28.08 -20.10
C ALA F 387 7.39 -28.36 -21.18
N VAL F 388 8.15 -27.35 -21.59
CA VAL F 388 9.17 -27.54 -22.62
C VAL F 388 10.24 -28.51 -22.12
N GLN F 389 10.55 -28.44 -20.82
CA GLN F 389 11.57 -29.34 -20.27
C GLN F 389 11.08 -30.78 -20.22
N LYS F 390 9.82 -30.99 -19.80
CA LYS F 390 9.29 -32.35 -19.74
C LYS F 390 9.17 -32.96 -21.12
N ILE F 391 8.71 -32.18 -22.11
CA ILE F 391 8.59 -32.69 -23.47
C ILE F 391 9.97 -33.02 -24.03
N THR F 392 10.95 -32.18 -23.78
CA THR F 392 12.31 -32.45 -24.25
C THR F 392 12.87 -33.71 -23.57
N THR F 393 12.68 -33.82 -22.26
CA THR F 393 13.15 -35.01 -21.54
C THR F 393 12.55 -36.28 -22.12
N GLU F 394 11.24 -36.24 -22.44
CA GLU F 394 10.60 -37.40 -23.07
C GLU F 394 11.19 -37.66 -24.46
N SER F 395 11.44 -36.61 -25.22
CA SER F 395 12.00 -36.78 -26.56
C SER F 395 13.39 -37.38 -26.51
N ILE F 396 14.17 -37.06 -25.48
CA ILE F 396 15.51 -37.63 -25.35
C ILE F 396 15.43 -39.11 -24.97
N VAL F 397 14.43 -39.47 -24.17
CA VAL F 397 14.30 -40.87 -23.74
C VAL F 397 13.75 -41.73 -24.87
N ILE F 398 12.84 -41.19 -25.68
CA ILE F 398 12.18 -41.99 -26.71
C ILE F 398 12.99 -42.02 -28.00
N TRP F 399 13.51 -40.87 -28.44
CA TRP F 399 14.21 -40.79 -29.72
C TRP F 399 15.65 -40.31 -29.61
N GLY F 400 16.09 -39.85 -28.44
CA GLY F 400 17.45 -39.38 -28.30
C GLY F 400 17.73 -38.04 -28.93
N LYS F 401 16.69 -37.27 -29.26
CA LYS F 401 16.85 -35.95 -29.85
C LYS F 401 15.94 -34.95 -29.14
N THR F 402 16.30 -33.68 -29.26
CA THR F 402 15.42 -32.64 -28.74
C THR F 402 14.63 -32.00 -29.87
N PRO F 403 13.34 -31.75 -29.67
CA PRO F 403 12.53 -31.17 -30.74
C PRO F 403 12.67 -29.65 -30.77
N LYS F 404 12.37 -29.10 -31.94
CA LYS F 404 12.18 -27.65 -32.05
C LYS F 404 10.77 -27.31 -31.61
N PHE F 405 10.64 -26.36 -30.69
CA PHE F 405 9.36 -26.03 -30.09
C PHE F 405 8.73 -24.83 -30.80
N LYS F 406 7.43 -24.92 -31.02
CA LYS F 406 6.61 -23.79 -31.46
C LYS F 406 5.88 -23.30 -30.21
N LEU F 407 6.38 -22.21 -29.63
CA LEU F 407 5.89 -21.78 -28.32
C LEU F 407 4.69 -20.83 -28.49
N PRO F 408 3.60 -21.06 -27.75
CA PRO F 408 2.43 -20.15 -27.79
C PRO F 408 2.59 -18.97 -26.84
N ILE F 409 3.53 -18.08 -27.18
CA ILE F 409 3.88 -16.96 -26.33
C ILE F 409 4.55 -15.91 -27.19
N GLN F 410 4.51 -14.65 -26.74
CA GLN F 410 5.22 -13.59 -27.43
C GLN F 410 6.72 -13.72 -27.20
N LYS F 411 7.50 -13.34 -28.21
CA LYS F 411 8.95 -13.48 -28.15
C LYS F 411 9.53 -12.71 -26.96
N GLU F 412 9.12 -11.45 -26.80
CA GLU F 412 9.67 -10.63 -25.72
C GLU F 412 9.26 -11.15 -24.34
N THR F 413 8.07 -11.74 -24.23
CA THR F 413 7.63 -12.27 -22.94
C THR F 413 8.48 -13.48 -22.54
N TRP F 414 8.69 -14.41 -23.48
CA TRP F 414 9.47 -15.60 -23.18
C TRP F 414 10.92 -15.26 -22.89
N GLU F 415 11.51 -14.37 -23.67
CA GLU F 415 12.91 -14.01 -23.49
C GLU F 415 13.17 -13.27 -22.19
N THR F 416 12.12 -12.72 -21.56
CA THR F 416 12.32 -11.94 -20.34
C THR F 416 12.39 -12.83 -19.10
N TRP F 417 11.71 -13.98 -19.11
CA TRP F 417 11.53 -14.75 -17.89
C TRP F 417 12.01 -16.21 -17.98
N TRP F 418 12.26 -16.75 -19.17
CA TRP F 418 12.45 -18.19 -19.27
C TRP F 418 13.66 -18.69 -18.50
N THR F 419 14.71 -17.88 -18.39
CA THR F 419 15.89 -18.29 -17.64
C THR F 419 15.62 -18.37 -16.14
N GLU F 420 14.58 -17.68 -15.65
CA GLU F 420 14.28 -17.70 -14.23
C GLU F 420 13.70 -19.03 -13.78
N TYR F 421 13.21 -19.85 -14.71
CA TYR F 421 12.58 -21.11 -14.38
C TYR F 421 13.27 -22.30 -15.01
N TRP F 422 14.35 -22.09 -15.76
CA TRP F 422 15.03 -23.18 -16.44
C TRP F 422 15.86 -23.99 -15.45
N GLN F 423 15.75 -25.33 -15.54
CA GLN F 423 16.46 -26.21 -14.62
C GLN F 423 17.13 -27.38 -15.34
N ALA F 424 17.35 -27.28 -16.64
CA ALA F 424 17.99 -28.33 -17.42
C ALA F 424 19.37 -27.86 -17.90
N THR F 425 20.23 -28.82 -18.18
CA THR F 425 21.58 -28.52 -18.66
C THR F 425 21.64 -28.28 -20.16
N TRP F 426 20.57 -28.61 -20.89
CA TRP F 426 20.47 -28.37 -22.32
C TRP F 426 19.41 -27.31 -22.59
N ILE F 427 19.43 -26.78 -23.82
CA ILE F 427 18.46 -25.78 -24.26
C ILE F 427 18.00 -26.16 -25.66
N PRO F 428 16.72 -26.38 -25.89
CA PRO F 428 16.23 -26.72 -27.23
C PRO F 428 15.99 -25.50 -28.10
N GLU F 429 15.93 -25.75 -29.41
CA GLU F 429 15.55 -24.71 -30.34
C GLU F 429 14.06 -24.42 -30.23
N TRP F 430 13.69 -23.16 -30.43
CA TRP F 430 12.29 -22.79 -30.36
C TRP F 430 11.99 -21.62 -31.27
N GLU F 431 10.73 -21.53 -31.68
CA GLU F 431 10.20 -20.39 -32.41
C GLU F 431 8.86 -20.01 -31.76
N PHE F 432 8.36 -18.82 -32.11
CA PHE F 432 7.19 -18.26 -31.47
C PHE F 432 6.04 -18.17 -32.46
N VAL F 433 4.90 -18.77 -32.08
CA VAL F 433 3.73 -18.83 -32.93
C VAL F 433 2.59 -18.07 -32.26
N ASN F 434 1.50 -17.88 -33.02
CA ASN F 434 0.32 -17.20 -32.51
C ASN F 434 -0.88 -17.74 -33.30
N THR F 435 -1.49 -18.79 -32.77
CA THR F 435 -2.66 -19.41 -33.38
C THR F 435 -3.83 -19.36 -32.43
N PRO F 436 -4.85 -18.53 -32.69
CA PRO F 436 -6.02 -18.52 -31.82
C PRO F 436 -6.74 -19.85 -31.85
N PRO F 437 -7.37 -20.24 -30.75
CA PRO F 437 -8.07 -21.52 -30.72
C PRO F 437 -9.35 -21.51 -31.54
N LEU F 438 -9.23 -21.77 -32.84
CA LEU F 438 -10.41 -21.81 -33.69
C LEU F 438 -11.33 -22.97 -33.31
N VAL F 439 -10.77 -24.02 -32.70
CA VAL F 439 -11.55 -25.16 -32.23
C VAL F 439 -10.70 -25.96 -31.25
N LYS F 440 -11.28 -26.33 -30.12
CA LYS F 440 -10.59 -27.14 -29.12
C LYS F 440 -10.44 -28.55 -29.65
N LEU F 441 -9.25 -28.86 -30.19
CA LEU F 441 -9.01 -30.11 -30.88
C LEU F 441 -8.36 -31.18 -30.00
N TRP F 442 -7.54 -30.78 -29.04
CA TRP F 442 -6.82 -31.72 -28.18
C TRP F 442 -7.31 -31.73 -26.75
N TYR F 443 -8.26 -30.86 -26.40
CA TYR F 443 -8.83 -30.86 -25.06
C TYR F 443 -10.19 -30.19 -25.14
N GLN F 444 -11.25 -30.97 -24.93
CA GLN F 444 -12.62 -30.46 -25.00
C GLN F 444 -12.86 -29.36 -23.97
P DDG H 21 31.67 11.92 -21.58
OP1 DDG H 21 31.86 12.62 -20.25
OP2 DDG H 21 31.34 12.94 -22.64
O5' DDG H 21 32.99 11.15 -21.97
C5' DDG H 21 33.21 9.88 -21.42
C4' DDG H 21 33.93 9.01 -22.42
O4' DDG H 21 33.12 8.64 -23.34
C3' DDG H 21 35.09 9.87 -23.17
C2' DDG H 21 35.27 9.30 -24.28
C1' DDG H 21 33.92 8.63 -24.64
N9 DDG H 21 33.31 9.34 -25.56
C8 DDG H 21 32.58 10.47 -25.60
N7 DDG H 21 32.22 10.70 -26.90
C5 DDG H 21 32.74 9.70 -27.65
C6 DDG H 21 32.68 9.42 -29.14
O6 DDG H 21 32.08 10.18 -29.87
N1 DDG H 21 33.33 8.29 -29.65
C2 DDG H 21 34.04 7.42 -28.78
N2 DDG H 21 34.70 6.27 -29.30
N3 DDG H 21 34.09 7.69 -27.37
C4 DDG H 21 33.42 8.86 -26.82
MG MG I . 4.33 21.55 53.64
MG MG J . -40.40 24.18 1.92
PC D4T K . 5.75 24.04 55.10
O1C D4T K . 4.78 25.08 55.57
O2C D4T K . 5.02 22.76 54.91
O3C D4T K . 6.81 23.85 56.13
O7' D4T K . 6.40 24.50 53.74
PB D4T K . 5.86 24.10 52.34
O1B D4T K . 6.90 24.44 51.28
O2B D4T K . 5.57 22.63 52.30
O6' D4T K . 4.54 24.91 52.03
PA D4T K . 3.24 24.28 51.51
O1A D4T K . 3.00 22.99 52.23
O2A D4T K . 2.09 25.20 51.76
O5' D4T K . 3.38 24.01 49.89
C5' D4T K . 3.51 22.64 49.46
C4' D4T K . 4.17 22.55 48.15
O4' D4T K . 3.32 23.11 47.12
C1' D4T K . 3.97 24.22 46.51
N1 D4T K . 3.13 25.42 46.55
C6 D4T K . 2.19 25.56 47.47
C2 D4T K . 3.33 26.39 45.61
O2 D4T K . 4.21 26.25 44.76
N3 D4T K . 2.57 27.53 45.62
C4 D4T K . 1.61 27.68 46.56
O4 D4T K . 0.90 28.71 46.57
C5 D4T K . 1.41 26.71 47.47
C5A D4T K . 0.30 26.89 48.56
C2' D4T K . 5.27 24.36 47.23
C3' D4T K . 5.37 23.42 48.15
C1 GOL L . -16.70 6.82 32.07
O1 GOL L . -16.34 8.18 32.21
C2 GOL L . -15.49 6.03 31.58
O2 GOL L . -14.31 6.77 31.82
C3 GOL L . -15.41 4.70 32.32
O3 GOL L . -14.15 4.10 32.11
C1 GOL M . -8.12 10.05 35.96
O1 GOL M . -8.94 10.48 34.91
C2 GOL M . -8.98 9.63 37.15
O2 GOL M . -8.54 8.38 37.63
C3 GOL M . -8.87 10.67 38.26
O3 GOL M . -9.27 11.93 37.79
C1 GOL N . -13.58 6.00 -7.79
O1 GOL N . -12.64 7.02 -7.47
C2 GOL N . -13.52 4.91 -6.72
O2 GOL N . -12.84 5.39 -5.58
C3 GOL N . -14.94 4.51 -6.34
O3 GOL N . -15.53 3.82 -7.42
C1 GOL O . -24.12 6.41 0.77
O1 GOL O . -24.77 5.45 1.58
C2 GOL O . -23.34 7.37 1.66
O2 GOL O . -22.05 7.56 1.11
C3 GOL O . -24.06 8.70 1.74
O3 GOL O . -23.29 9.61 2.50
C1 GOL P . -13.61 8.94 28.03
O1 GOL P . -14.11 8.35 29.22
C2 GOL P . -12.96 7.85 27.17
O2 GOL P . -13.51 6.60 27.47
C3 GOL P . -13.16 8.19 25.70
O3 GOL P . -12.61 7.17 24.91
C1 GOL Q . -32.42 -2.03 20.66
O1 GOL Q . -33.20 -3.18 20.54
C2 GOL Q . -32.64 -1.12 19.46
O2 GOL Q . -32.61 0.22 19.89
C3 GOL Q . -31.54 -1.33 18.42
O3 GOL Q . -31.99 -0.93 17.15
C1 GOL R . -18.86 -10.39 10.79
O1 GOL R . -20.10 -10.95 10.39
C2 GOL R . -18.73 -10.47 12.31
O2 GOL R . -19.47 -11.57 12.79
C3 GOL R . -17.27 -10.65 12.68
O3 GOL R . -17.14 -10.72 14.08
MG MG S . 40.96 11.64 -21.77
MG MG T . -15.86 -17.07 -46.47
PC D4T U . 42.48 14.28 -23.42
O1C D4T U . 41.57 15.40 -23.82
O2C D4T U . 41.87 13.52 -22.31
O3C D4T U . 43.79 14.83 -22.99
O7' D4T U . 42.69 13.33 -24.65
PB D4T U . 41.72 12.14 -25.00
O1B D4T U . 42.25 11.40 -26.22
O2B D4T U . 41.66 11.19 -23.83
O6' D4T U . 40.29 12.70 -25.30
PA D4T U . 39.00 12.12 -24.71
O1A D4T U . 39.19 11.88 -23.24
O2A D4T U . 37.87 13.07 -24.91
O5' D4T U . 38.67 10.69 -25.46
C5' D4T U . 38.83 9.47 -24.72
C4' D4T U . 39.07 8.33 -25.62
O4' D4T U . 37.92 8.12 -26.48
C1' D4T U . 38.28 8.28 -27.84
N1 D4T U . 37.43 9.26 -28.50
C6 D4T U . 36.85 10.21 -27.81
C2 D4T U . 37.24 9.18 -29.86
O2 D4T U . 37.80 8.28 -30.50
N3 D4T U . 36.44 10.09 -30.49
C4 D4T U . 35.85 11.07 -29.80
O4 D4T U . 35.12 11.91 -30.38
C5 D4T U . 36.04 11.15 -28.46
C5A D4T U . 35.34 12.28 -27.65
C2' D4T U . 39.74 8.64 -27.81
C3' D4T U . 40.15 8.66 -26.56
C1 GOL V . -31.17 -6.15 -44.48
O1 GOL V . -30.27 -5.75 -45.47
C2 GOL V . -31.77 -4.95 -43.76
O2 GOL V . -32.95 -5.34 -43.10
C3 GOL V . -30.77 -4.45 -42.71
O3 GOL V . -31.27 -3.28 -42.11
C1 GOL W . -7.17 -20.77 -22.16
O1 GOL W . -6.25 -19.71 -22.21
C2 GOL W . -7.94 -20.84 -23.47
O2 GOL W . -7.28 -20.07 -24.45
C3 GOL W . -8.00 -22.30 -23.93
O3 GOL W . -8.71 -22.37 -25.15
C1 GOL X . -1.47 -30.97 -36.35
O1 GOL X . -1.69 -32.19 -35.66
C2 GOL X . 0.03 -30.78 -36.53
O2 GOL X . 0.68 -32.03 -36.43
C3 GOL X . 0.30 -30.17 -37.91
O3 GOL X . -0.27 -28.88 -37.98
C1 GOL Y . 24.13 -6.68 -21.04
O1 GOL Y . 23.13 -7.09 -21.95
C2 GOL Y . 23.66 -5.43 -20.30
O2 GOL Y . 24.15 -5.46 -18.98
C3 GOL Y . 24.20 -4.20 -21.02
O3 GOL Y . 23.74 -3.03 -20.39
C1 GOL Z . 16.87 -11.69 -23.21
O1 GOL Z . 16.66 -11.55 -21.82
C2 GOL Z . 17.38 -13.09 -23.52
O2 GOL Z . 16.86 -14.02 -22.60
C3 GOL Z . 16.96 -13.48 -24.94
O3 GOL Z . 17.32 -14.83 -25.18
#